data_1OSA
# 
_entry.id   1OSA 
# 
_audit_conform.dict_name       mmcif_pdbx.dic 
_audit_conform.dict_version    5.386 
_audit_conform.dict_location   http://mmcif.pdb.org/dictionaries/ascii/mmcif_pdbx.dic 
# 
loop_
_database_2.database_id 
_database_2.database_code 
_database_2.pdbx_database_accession 
_database_2.pdbx_DOI 
PDB   1OSA         pdb_00001osa 10.2210/pdb1osa/pdb 
WWPDB D_1000175502 ?            ?                   
# 
loop_
_pdbx_audit_revision_history.ordinal 
_pdbx_audit_revision_history.data_content_type 
_pdbx_audit_revision_history.major_revision 
_pdbx_audit_revision_history.minor_revision 
_pdbx_audit_revision_history.revision_date 
1 'Structure model' 1 0 1993-10-31 
2 'Structure model' 1 1 2008-03-03 
3 'Structure model' 1 2 2011-07-13 
4 'Structure model' 1 3 2017-11-29 
5 'Structure model' 1 4 2024-02-14 
# 
_pdbx_audit_revision_details.ordinal             1 
_pdbx_audit_revision_details.revision_ordinal    1 
_pdbx_audit_revision_details.data_content_type   'Structure model' 
_pdbx_audit_revision_details.provider            repository 
_pdbx_audit_revision_details.type                'Initial release' 
_pdbx_audit_revision_details.description         ? 
_pdbx_audit_revision_details.details             ? 
# 
loop_
_pdbx_audit_revision_group.ordinal 
_pdbx_audit_revision_group.revision_ordinal 
_pdbx_audit_revision_group.data_content_type 
_pdbx_audit_revision_group.group 
1 2 'Structure model' 'Version format compliance' 
2 3 'Structure model' 'Version format compliance' 
3 4 'Structure model' 'Derived calculations'      
4 4 'Structure model' Other                       
5 5 'Structure model' 'Data collection'           
6 5 'Structure model' 'Database references'       
7 5 'Structure model' 'Derived calculations'      
# 
loop_
_pdbx_audit_revision_category.ordinal 
_pdbx_audit_revision_category.revision_ordinal 
_pdbx_audit_revision_category.data_content_type 
_pdbx_audit_revision_category.category 
1 4 'Structure model' pdbx_database_status   
2 4 'Structure model' struct_conf            
3 4 'Structure model' struct_conf_type       
4 5 'Structure model' chem_comp_atom         
5 5 'Structure model' chem_comp_bond         
6 5 'Structure model' database_2             
7 5 'Structure model' pdbx_struct_conn_angle 
8 5 'Structure model' struct_conn            
9 5 'Structure model' struct_site            
# 
loop_
_pdbx_audit_revision_item.ordinal 
_pdbx_audit_revision_item.revision_ordinal 
_pdbx_audit_revision_item.data_content_type 
_pdbx_audit_revision_item.item 
1  4 'Structure model' '_pdbx_database_status.process_site'          
2  5 'Structure model' '_database_2.pdbx_DOI'                        
3  5 'Structure model' '_database_2.pdbx_database_accession'         
4  5 'Structure model' '_pdbx_struct_conn_angle.ptnr1_auth_comp_id'  
5  5 'Structure model' '_pdbx_struct_conn_angle.ptnr1_auth_seq_id'   
6  5 'Structure model' '_pdbx_struct_conn_angle.ptnr1_label_asym_id' 
7  5 'Structure model' '_pdbx_struct_conn_angle.ptnr1_label_atom_id' 
8  5 'Structure model' '_pdbx_struct_conn_angle.ptnr1_label_comp_id' 
9  5 'Structure model' '_pdbx_struct_conn_angle.ptnr1_label_seq_id'  
10 5 'Structure model' '_pdbx_struct_conn_angle.ptnr3_auth_comp_id'  
11 5 'Structure model' '_pdbx_struct_conn_angle.ptnr3_auth_seq_id'   
12 5 'Structure model' '_pdbx_struct_conn_angle.ptnr3_label_asym_id' 
13 5 'Structure model' '_pdbx_struct_conn_angle.ptnr3_label_atom_id' 
14 5 'Structure model' '_pdbx_struct_conn_angle.ptnr3_label_comp_id' 
15 5 'Structure model' '_pdbx_struct_conn_angle.ptnr3_label_seq_id'  
16 5 'Structure model' '_pdbx_struct_conn_angle.value'               
17 5 'Structure model' '_struct_conn.pdbx_dist_value'                
18 5 'Structure model' '_struct_conn.ptnr1_auth_comp_id'             
19 5 'Structure model' '_struct_conn.ptnr1_auth_seq_id'              
20 5 'Structure model' '_struct_conn.ptnr1_label_asym_id'            
21 5 'Structure model' '_struct_conn.ptnr1_label_atom_id'            
22 5 'Structure model' '_struct_conn.ptnr1_label_comp_id'            
23 5 'Structure model' '_struct_conn.ptnr1_label_seq_id'             
24 5 'Structure model' '_struct_conn.ptnr2_auth_comp_id'             
25 5 'Structure model' '_struct_conn.ptnr2_auth_seq_id'              
26 5 'Structure model' '_struct_conn.ptnr2_label_asym_id'            
27 5 'Structure model' '_struct_conn.ptnr2_label_atom_id'            
28 5 'Structure model' '_struct_conn.ptnr2_label_comp_id'            
29 5 'Structure model' '_struct_conn.ptnr2_label_seq_id'             
30 5 'Structure model' '_struct_site.pdbx_auth_asym_id'              
31 5 'Structure model' '_struct_site.pdbx_auth_comp_id'              
32 5 'Structure model' '_struct_site.pdbx_auth_seq_id'               
# 
_pdbx_database_status.status_code                     REL 
_pdbx_database_status.entry_id                        1OSA 
_pdbx_database_status.recvd_initial_deposition_date   1993-08-11 
_pdbx_database_status.deposit_site                    ? 
_pdbx_database_status.process_site                    BNL 
_pdbx_database_status.status_code_sf                  REL 
_pdbx_database_status.status_code_mr                  ? 
_pdbx_database_status.SG_entry                        ? 
_pdbx_database_status.pdb_format_compatible           Y 
_pdbx_database_status.status_code_cs                  ? 
_pdbx_database_status.methods_development_category    ? 
_pdbx_database_status.status_code_nmr_data            ? 
# 
_audit_author.name           'Sundaralingam, M.' 
_audit_author.pdbx_ordinal   1 
# 
loop_
_citation.id 
_citation.title 
_citation.journal_abbrev 
_citation.journal_volume 
_citation.page_first 
_citation.page_last 
_citation.year 
_citation.journal_id_ASTM 
_citation.country 
_citation.journal_id_ISSN 
_citation.journal_id_CSD 
_citation.book_publisher 
_citation.pdbx_database_id_PubMed 
_citation.pdbx_database_id_DOI 
primary 'Structure of the recombinant Paramecium tetraurelia calmodulin at 1.68 A resolution.' 'Acta Crystallogr.,Sect.D' 50 50  
63 1994 ABCRE6 DK 0907-4449 0766 ? 15299476 10.1107/S0907444993007991 
1       'Structure of Paramecium Tetraurelia Calmodulin at 1.8 Angstroms Resolution'           'Protein Sci.'             2  436 ? 
1993 PRCIEI US 0961-8368 0795 ? ?        ?                         
# 
loop_
_citation_author.citation_id 
_citation_author.name 
_citation_author.ordinal 
_citation_author.identifier_ORCID 
primary 'Ban, C.'           1  ? 
primary 'Ramakrishnan, B.'  2  ? 
primary 'Ling, K.Y.'        3  ? 
primary 'Kung, C.'          4  ? 
primary 'Sundaralingam, M.' 5  ? 
1       'Rao, S.T.'         6  ? 
1       'Wu, S.'            7  ? 
1       'Satyshur, K.A.'    8  ? 
1       'Ling, K.-Y.'       9  ? 
1       'Kung, C.'          10 ? 
1       'Sundaralingam, M.' 11 ? 
# 
loop_
_entity.id 
_entity.type 
_entity.src_method 
_entity.pdbx_description 
_entity.formula_weight 
_entity.pdbx_number_of_molecules 
_entity.pdbx_ec 
_entity.pdbx_mutation 
_entity.pdbx_fragment 
_entity.details 
1 polymer     man CALMODULIN    16687.420 1   ? ? ? ? 
2 non-polymer syn 'CALCIUM ION' 40.078    4   ? ? ? ? 
3 water       nat water         18.015    172 ? ? ? ? 
# 
_entity_poly.entity_id                      1 
_entity_poly.type                           'polypeptide(L)' 
_entity_poly.nstd_linkage                   no 
_entity_poly.nstd_monomer                   no 
_entity_poly.pdbx_seq_one_letter_code       
;AEQLTEEQIAEFKEAFALFDKDGDGTITTKELGTVMRSLGQNPTEAELQDMINEVDADGNGTIDFPEFLSLMARKMKEQD
SEEELIEAFKVFDRDGNGLISAAELRHVMTNLGEKLTDDEVDEMIREADIDGDGHINYEEFVRMMVSK
;
_entity_poly.pdbx_seq_one_letter_code_can   
;AEQLTEEQIAEFKEAFALFDKDGDGTITTKELGTVMRSLGQNPTEAELQDMINEVDADGNGTIDFPEFLSLMARKMKEQD
SEEELIEAFKVFDRDGNGLISAAELRHVMTNLGEKLTDDEVDEMIREADIDGDGHINYEEFVRMMVSK
;
_entity_poly.pdbx_strand_id                 A 
_entity_poly.pdbx_target_identifier         ? 
# 
loop_
_pdbx_entity_nonpoly.entity_id 
_pdbx_entity_nonpoly.name 
_pdbx_entity_nonpoly.comp_id 
2 'CALCIUM ION' CA  
3 water         HOH 
# 
loop_
_entity_poly_seq.entity_id 
_entity_poly_seq.num 
_entity_poly_seq.mon_id 
_entity_poly_seq.hetero 
1 1   ALA n 
1 2   GLU n 
1 3   GLN n 
1 4   LEU n 
1 5   THR n 
1 6   GLU n 
1 7   GLU n 
1 8   GLN n 
1 9   ILE n 
1 10  ALA n 
1 11  GLU n 
1 12  PHE n 
1 13  LYS n 
1 14  GLU n 
1 15  ALA n 
1 16  PHE n 
1 17  ALA n 
1 18  LEU n 
1 19  PHE n 
1 20  ASP n 
1 21  LYS n 
1 22  ASP n 
1 23  GLY n 
1 24  ASP n 
1 25  GLY n 
1 26  THR n 
1 27  ILE n 
1 28  THR n 
1 29  THR n 
1 30  LYS n 
1 31  GLU n 
1 32  LEU n 
1 33  GLY n 
1 34  THR n 
1 35  VAL n 
1 36  MET n 
1 37  ARG n 
1 38  SER n 
1 39  LEU n 
1 40  GLY n 
1 41  GLN n 
1 42  ASN n 
1 43  PRO n 
1 44  THR n 
1 45  GLU n 
1 46  ALA n 
1 47  GLU n 
1 48  LEU n 
1 49  GLN n 
1 50  ASP n 
1 51  MET n 
1 52  ILE n 
1 53  ASN n 
1 54  GLU n 
1 55  VAL n 
1 56  ASP n 
1 57  ALA n 
1 58  ASP n 
1 59  GLY n 
1 60  ASN n 
1 61  GLY n 
1 62  THR n 
1 63  ILE n 
1 64  ASP n 
1 65  PHE n 
1 66  PRO n 
1 67  GLU n 
1 68  PHE n 
1 69  LEU n 
1 70  SER n 
1 71  LEU n 
1 72  MET n 
1 73  ALA n 
1 74  ARG n 
1 75  LYS n 
1 76  MET n 
1 77  LYS n 
1 78  GLU n 
1 79  GLN n 
1 80  ASP n 
1 81  SER n 
1 82  GLU n 
1 83  GLU n 
1 84  GLU n 
1 85  LEU n 
1 86  ILE n 
1 87  GLU n 
1 88  ALA n 
1 89  PHE n 
1 90  LYS n 
1 91  VAL n 
1 92  PHE n 
1 93  ASP n 
1 94  ARG n 
1 95  ASP n 
1 96  GLY n 
1 97  ASN n 
1 98  GLY n 
1 99  LEU n 
1 100 ILE n 
1 101 SER n 
1 102 ALA n 
1 103 ALA n 
1 104 GLU n 
1 105 LEU n 
1 106 ARG n 
1 107 HIS n 
1 108 VAL n 
1 109 MET n 
1 110 THR n 
1 111 ASN n 
1 112 LEU n 
1 113 GLY n 
1 114 GLU n 
1 115 LYS n 
1 116 LEU n 
1 117 THR n 
1 118 ASP n 
1 119 ASP n 
1 120 GLU n 
1 121 VAL n 
1 122 ASP n 
1 123 GLU n 
1 124 MET n 
1 125 ILE n 
1 126 ARG n 
1 127 GLU n 
1 128 ALA n 
1 129 ASP n 
1 130 ILE n 
1 131 ASP n 
1 132 GLY n 
1 133 ASP n 
1 134 GLY n 
1 135 HIS n 
1 136 ILE n 
1 137 ASN n 
1 138 TYR n 
1 139 GLU n 
1 140 GLU n 
1 141 PHE n 
1 142 VAL n 
1 143 ARG n 
1 144 MET n 
1 145 MET n 
1 146 VAL n 
1 147 SER n 
1 148 LYS n 
# 
_entity_src_gen.entity_id                          1 
_entity_src_gen.pdbx_src_id                        1 
_entity_src_gen.pdbx_alt_source_flag               sample 
_entity_src_gen.pdbx_seq_type                      ? 
_entity_src_gen.pdbx_beg_seq_num                   ? 
_entity_src_gen.pdbx_end_seq_num                   ? 
_entity_src_gen.gene_src_common_name               ? 
_entity_src_gen.gene_src_genus                     Paramecium 
_entity_src_gen.pdbx_gene_src_gene                 ? 
_entity_src_gen.gene_src_species                   ? 
_entity_src_gen.gene_src_strain                    ? 
_entity_src_gen.gene_src_tissue                    ? 
_entity_src_gen.gene_src_tissue_fraction           ? 
_entity_src_gen.gene_src_details                   ? 
_entity_src_gen.pdbx_gene_src_fragment             ? 
_entity_src_gen.pdbx_gene_src_scientific_name      'Paramecium tetraurelia' 
_entity_src_gen.pdbx_gene_src_ncbi_taxonomy_id     5888 
_entity_src_gen.pdbx_gene_src_variant              ? 
_entity_src_gen.pdbx_gene_src_cell_line            ? 
_entity_src_gen.pdbx_gene_src_atcc                 ? 
_entity_src_gen.pdbx_gene_src_organ                ? 
_entity_src_gen.pdbx_gene_src_organelle            ? 
_entity_src_gen.pdbx_gene_src_cell                 ? 
_entity_src_gen.pdbx_gene_src_cellular_location    ? 
_entity_src_gen.host_org_common_name               ? 
_entity_src_gen.pdbx_host_org_scientific_name      'Escherichia coli' 
_entity_src_gen.pdbx_host_org_ncbi_taxonomy_id     562 
_entity_src_gen.host_org_genus                     Escherichia 
_entity_src_gen.pdbx_host_org_gene                 ? 
_entity_src_gen.pdbx_host_org_organ                ? 
_entity_src_gen.host_org_species                   ? 
_entity_src_gen.pdbx_host_org_tissue               ? 
_entity_src_gen.pdbx_host_org_tissue_fraction      ? 
_entity_src_gen.pdbx_host_org_strain               ? 
_entity_src_gen.pdbx_host_org_variant              ? 
_entity_src_gen.pdbx_host_org_cell_line            ? 
_entity_src_gen.pdbx_host_org_atcc                 ? 
_entity_src_gen.pdbx_host_org_culture_collection   ? 
_entity_src_gen.pdbx_host_org_cell                 ? 
_entity_src_gen.pdbx_host_org_organelle            ? 
_entity_src_gen.pdbx_host_org_cellular_location    ? 
_entity_src_gen.pdbx_host_org_vector_type          ? 
_entity_src_gen.pdbx_host_org_vector               ? 
_entity_src_gen.host_org_details                   ? 
_entity_src_gen.expression_system_id               ? 
_entity_src_gen.plasmid_name                       ? 
_entity_src_gen.plasmid_details                    ? 
_entity_src_gen.pdbx_description                   ? 
# 
loop_
_chem_comp.id 
_chem_comp.type 
_chem_comp.mon_nstd_flag 
_chem_comp.name 
_chem_comp.pdbx_synonyms 
_chem_comp.formula 
_chem_comp.formula_weight 
ALA 'L-peptide linking' y ALANINE         ? 'C3 H7 N O2'     89.093  
ARG 'L-peptide linking' y ARGININE        ? 'C6 H15 N4 O2 1' 175.209 
ASN 'L-peptide linking' y ASPARAGINE      ? 'C4 H8 N2 O3'    132.118 
ASP 'L-peptide linking' y 'ASPARTIC ACID' ? 'C4 H7 N O4'     133.103 
CA  non-polymer         . 'CALCIUM ION'   ? 'Ca 2'           40.078  
GLN 'L-peptide linking' y GLUTAMINE       ? 'C5 H10 N2 O3'   146.144 
GLU 'L-peptide linking' y 'GLUTAMIC ACID' ? 'C5 H9 N O4'     147.129 
GLY 'peptide linking'   y GLYCINE         ? 'C2 H5 N O2'     75.067  
HIS 'L-peptide linking' y HISTIDINE       ? 'C6 H10 N3 O2 1' 156.162 
HOH non-polymer         . WATER           ? 'H2 O'           18.015  
ILE 'L-peptide linking' y ISOLEUCINE      ? 'C6 H13 N O2'    131.173 
LEU 'L-peptide linking' y LEUCINE         ? 'C6 H13 N O2'    131.173 
LYS 'L-peptide linking' y LYSINE          ? 'C6 H15 N2 O2 1' 147.195 
MET 'L-peptide linking' y METHIONINE      ? 'C5 H11 N O2 S'  149.211 
PHE 'L-peptide linking' y PHENYLALANINE   ? 'C9 H11 N O2'    165.189 
PRO 'L-peptide linking' y PROLINE         ? 'C5 H9 N O2'     115.130 
SER 'L-peptide linking' y SERINE          ? 'C3 H7 N O3'     105.093 
THR 'L-peptide linking' y THREONINE       ? 'C4 H9 N O3'     119.119 
TYR 'L-peptide linking' y TYROSINE        ? 'C9 H11 N O3'    181.189 
VAL 'L-peptide linking' y VALINE          ? 'C5 H11 N O2'    117.146 
# 
loop_
_pdbx_poly_seq_scheme.asym_id 
_pdbx_poly_seq_scheme.entity_id 
_pdbx_poly_seq_scheme.seq_id 
_pdbx_poly_seq_scheme.mon_id 
_pdbx_poly_seq_scheme.ndb_seq_num 
_pdbx_poly_seq_scheme.pdb_seq_num 
_pdbx_poly_seq_scheme.auth_seq_num 
_pdbx_poly_seq_scheme.pdb_mon_id 
_pdbx_poly_seq_scheme.auth_mon_id 
_pdbx_poly_seq_scheme.pdb_strand_id 
_pdbx_poly_seq_scheme.pdb_ins_code 
_pdbx_poly_seq_scheme.hetero 
A 1 1   ALA 1   1   1   ALA ALA A . n 
A 1 2   GLU 2   2   2   GLU GLU A . n 
A 1 3   GLN 3   3   3   GLN GLN A . n 
A 1 4   LEU 4   4   4   LEU LEU A . n 
A 1 5   THR 5   5   5   THR THR A . n 
A 1 6   GLU 6   6   6   GLU GLU A . n 
A 1 7   GLU 7   7   7   GLU GLU A . n 
A 1 8   GLN 8   8   8   GLN GLN A . n 
A 1 9   ILE 9   9   9   ILE ILE A . n 
A 1 10  ALA 10  10  10  ALA ALA A . n 
A 1 11  GLU 11  11  11  GLU GLU A . n 
A 1 12  PHE 12  12  12  PHE PHE A . n 
A 1 13  LYS 13  13  13  LYS LYS A . n 
A 1 14  GLU 14  14  14  GLU GLU A . n 
A 1 15  ALA 15  15  15  ALA ALA A . n 
A 1 16  PHE 16  16  16  PHE PHE A . n 
A 1 17  ALA 17  17  17  ALA ALA A . n 
A 1 18  LEU 18  18  18  LEU LEU A . n 
A 1 19  PHE 19  19  19  PHE PHE A . n 
A 1 20  ASP 20  20  20  ASP ASP A . n 
A 1 21  LYS 21  21  21  LYS LYS A . n 
A 1 22  ASP 22  22  22  ASP ASP A . n 
A 1 23  GLY 23  23  23  GLY GLY A . n 
A 1 24  ASP 24  24  24  ASP ASP A . n 
A 1 25  GLY 25  25  25  GLY GLY A . n 
A 1 26  THR 26  26  26  THR THR A . n 
A 1 27  ILE 27  27  27  ILE ILE A . n 
A 1 28  THR 28  28  28  THR THR A . n 
A 1 29  THR 29  29  29  THR THR A . n 
A 1 30  LYS 30  30  30  LYS LYS A . n 
A 1 31  GLU 31  31  31  GLU GLU A . n 
A 1 32  LEU 32  32  32  LEU LEU A . n 
A 1 33  GLY 33  33  33  GLY GLY A . n 
A 1 34  THR 34  34  34  THR THR A . n 
A 1 35  VAL 35  35  35  VAL VAL A . n 
A 1 36  MET 36  36  36  MET MET A . n 
A 1 37  ARG 37  37  37  ARG ARG A . n 
A 1 38  SER 38  38  38  SER SER A . n 
A 1 39  LEU 39  39  39  LEU LEU A . n 
A 1 40  GLY 40  40  40  GLY GLY A . n 
A 1 41  GLN 41  41  41  GLN GLN A . n 
A 1 42  ASN 42  42  42  ASN ASN A . n 
A 1 43  PRO 43  43  43  PRO PRO A . n 
A 1 44  THR 44  44  44  THR THR A . n 
A 1 45  GLU 45  45  45  GLU GLU A . n 
A 1 46  ALA 46  46  46  ALA ALA A . n 
A 1 47  GLU 47  47  47  GLU GLU A . n 
A 1 48  LEU 48  48  48  LEU LEU A . n 
A 1 49  GLN 49  49  49  GLN GLN A . n 
A 1 50  ASP 50  50  50  ASP ASP A . n 
A 1 51  MET 51  51  51  MET MET A . n 
A 1 52  ILE 52  52  52  ILE ILE A . n 
A 1 53  ASN 53  53  53  ASN ASN A . n 
A 1 54  GLU 54  54  54  GLU GLU A . n 
A 1 55  VAL 55  55  55  VAL VAL A . n 
A 1 56  ASP 56  56  56  ASP ASP A . n 
A 1 57  ALA 57  57  57  ALA ALA A . n 
A 1 58  ASP 58  58  58  ASP ASP A . n 
A 1 59  GLY 59  59  59  GLY GLY A . n 
A 1 60  ASN 60  60  60  ASN ASN A . n 
A 1 61  GLY 61  61  61  GLY GLY A . n 
A 1 62  THR 62  62  62  THR THR A . n 
A 1 63  ILE 63  63  63  ILE ILE A . n 
A 1 64  ASP 64  64  64  ASP ASP A . n 
A 1 65  PHE 65  65  65  PHE PHE A . n 
A 1 66  PRO 66  66  66  PRO PRO A . n 
A 1 67  GLU 67  67  67  GLU GLU A . n 
A 1 68  PHE 68  68  68  PHE PHE A . n 
A 1 69  LEU 69  69  69  LEU LEU A . n 
A 1 70  SER 70  70  70  SER SER A . n 
A 1 71  LEU 71  71  71  LEU LEU A . n 
A 1 72  MET 72  72  72  MET MET A . n 
A 1 73  ALA 73  73  73  ALA ALA A . n 
A 1 74  ARG 74  74  74  ARG ARG A . n 
A 1 75  LYS 75  75  75  LYS LYS A . n 
A 1 76  MET 76  76  76  MET MET A . n 
A 1 77  LYS 77  77  77  LYS LYS A . n 
A 1 78  GLU 78  78  78  GLU GLU A . n 
A 1 79  GLN 79  79  79  GLN GLN A . n 
A 1 80  ASP 80  80  80  ASP ASP A . n 
A 1 81  SER 81  81  81  SER SER A . n 
A 1 82  GLU 82  82  82  GLU GLU A . n 
A 1 83  GLU 83  83  83  GLU GLU A . n 
A 1 84  GLU 84  84  84  GLU GLU A . n 
A 1 85  LEU 85  85  85  LEU LEU A . n 
A 1 86  ILE 86  86  86  ILE ILE A . n 
A 1 87  GLU 87  87  87  GLU GLU A . n 
A 1 88  ALA 88  88  88  ALA ALA A . n 
A 1 89  PHE 89  89  89  PHE PHE A . n 
A 1 90  LYS 90  90  90  LYS LYS A . n 
A 1 91  VAL 91  91  91  VAL VAL A . n 
A 1 92  PHE 92  92  92  PHE PHE A . n 
A 1 93  ASP 93  93  93  ASP ASP A . n 
A 1 94  ARG 94  94  94  ARG ARG A . n 
A 1 95  ASP 95  95  95  ASP ASP A . n 
A 1 96  GLY 96  96  96  GLY GLY A . n 
A 1 97  ASN 97  97  97  ASN ASN A . n 
A 1 98  GLY 98  98  98  GLY GLY A . n 
A 1 99  LEU 99  99  99  LEU LEU A . n 
A 1 100 ILE 100 100 100 ILE ILE A . n 
A 1 101 SER 101 101 101 SER SER A . n 
A 1 102 ALA 102 102 102 ALA ALA A . n 
A 1 103 ALA 103 103 103 ALA ALA A . n 
A 1 104 GLU 104 104 104 GLU GLU A . n 
A 1 105 LEU 105 105 105 LEU LEU A . n 
A 1 106 ARG 106 106 106 ARG ARG A . n 
A 1 107 HIS 107 107 107 HIS HIS A . n 
A 1 108 VAL 108 108 108 VAL VAL A . n 
A 1 109 MET 109 109 109 MET MET A . n 
A 1 110 THR 110 110 110 THR THR A . n 
A 1 111 ASN 111 111 111 ASN ASN A . n 
A 1 112 LEU 112 112 112 LEU LEU A . n 
A 1 113 GLY 113 113 113 GLY GLY A . n 
A 1 114 GLU 114 114 114 GLU GLU A . n 
A 1 115 LYS 115 115 115 LYS LYS A . n 
A 1 116 LEU 116 116 116 LEU LEU A . n 
A 1 117 THR 117 117 117 THR THR A . n 
A 1 118 ASP 118 118 118 ASP ASP A . n 
A 1 119 ASP 119 119 119 ASP ASP A . n 
A 1 120 GLU 120 120 120 GLU GLU A . n 
A 1 121 VAL 121 121 121 VAL VAL A . n 
A 1 122 ASP 122 122 122 ASP ASP A . n 
A 1 123 GLU 123 123 123 GLU GLU A . n 
A 1 124 MET 124 124 124 MET MET A . n 
A 1 125 ILE 125 125 125 ILE ILE A . n 
A 1 126 ARG 126 126 126 ARG ARG A . n 
A 1 127 GLU 127 127 127 GLU GLU A . n 
A 1 128 ALA 128 128 128 ALA ALA A . n 
A 1 129 ASP 129 129 129 ASP ASP A . n 
A 1 130 ILE 130 130 130 ILE ILE A . n 
A 1 131 ASP 131 131 131 ASP ASP A . n 
A 1 132 GLY 132 132 132 GLY GLY A . n 
A 1 133 ASP 133 133 133 ASP ASP A . n 
A 1 134 GLY 134 134 134 GLY GLY A . n 
A 1 135 HIS 135 135 135 HIS HIS A . n 
A 1 136 ILE 136 136 136 ILE ILE A . n 
A 1 137 ASN 137 137 137 ASN ASN A . n 
A 1 138 TYR 138 138 138 TYR TYR A . n 
A 1 139 GLU 139 139 139 GLU GLU A . n 
A 1 140 GLU 140 140 140 GLU GLU A . n 
A 1 141 PHE 141 141 141 PHE PHE A . n 
A 1 142 VAL 142 142 142 VAL VAL A . n 
A 1 143 ARG 143 143 143 ARG ARG A . n 
A 1 144 MET 144 144 144 MET MET A . n 
A 1 145 MET 145 145 145 MET MET A . n 
A 1 146 VAL 146 146 146 VAL VAL A . n 
A 1 147 SER 147 147 147 SER SER A . n 
A 1 148 LYS 148 148 148 LYS LYS A . n 
# 
loop_
_pdbx_nonpoly_scheme.asym_id 
_pdbx_nonpoly_scheme.entity_id 
_pdbx_nonpoly_scheme.mon_id 
_pdbx_nonpoly_scheme.ndb_seq_num 
_pdbx_nonpoly_scheme.pdb_seq_num 
_pdbx_nonpoly_scheme.auth_seq_num 
_pdbx_nonpoly_scheme.pdb_mon_id 
_pdbx_nonpoly_scheme.auth_mon_id 
_pdbx_nonpoly_scheme.pdb_strand_id 
_pdbx_nonpoly_scheme.pdb_ins_code 
B 2 CA  1   149 149 CA  CA  A . 
C 2 CA  1   150 150 CA  CA  A . 
D 2 CA  1   151 151 CA  CA  A . 
E 2 CA  1   152 152 CA  CA  A . 
F 3 HOH 1   153 153 HOH HOH A . 
F 3 HOH 2   154 154 HOH HOH A . 
F 3 HOH 3   155 155 HOH HOH A . 
F 3 HOH 4   156 156 HOH HOH A . 
F 3 HOH 5   157 157 HOH HOH A . 
F 3 HOH 6   158 158 HOH HOH A . 
F 3 HOH 7   159 159 HOH HOH A . 
F 3 HOH 8   160 160 HOH HOH A . 
F 3 HOH 9   161 161 HOH HOH A . 
F 3 HOH 10  162 162 HOH HOH A . 
F 3 HOH 11  163 163 HOH HOH A . 
F 3 HOH 12  164 164 HOH HOH A . 
F 3 HOH 13  165 165 HOH HOH A . 
F 3 HOH 14  166 166 HOH HOH A . 
F 3 HOH 15  167 167 HOH HOH A . 
F 3 HOH 16  168 168 HOH HOH A . 
F 3 HOH 17  169 169 HOH HOH A . 
F 3 HOH 18  170 170 HOH HOH A . 
F 3 HOH 19  171 171 HOH HOH A . 
F 3 HOH 20  172 172 HOH HOH A . 
F 3 HOH 21  173 173 HOH HOH A . 
F 3 HOH 22  174 174 HOH HOH A . 
F 3 HOH 23  175 175 HOH HOH A . 
F 3 HOH 24  176 176 HOH HOH A . 
F 3 HOH 25  177 177 HOH HOH A . 
F 3 HOH 26  178 178 HOH HOH A . 
F 3 HOH 27  179 179 HOH HOH A . 
F 3 HOH 28  180 180 HOH HOH A . 
F 3 HOH 29  181 181 HOH HOH A . 
F 3 HOH 30  182 182 HOH HOH A . 
F 3 HOH 31  183 183 HOH HOH A . 
F 3 HOH 32  184 184 HOH HOH A . 
F 3 HOH 33  185 185 HOH HOH A . 
F 3 HOH 34  186 186 HOH HOH A . 
F 3 HOH 35  187 187 HOH HOH A . 
F 3 HOH 36  188 188 HOH HOH A . 
F 3 HOH 37  189 189 HOH HOH A . 
F 3 HOH 38  190 190 HOH HOH A . 
F 3 HOH 39  191 191 HOH HOH A . 
F 3 HOH 40  192 192 HOH HOH A . 
F 3 HOH 41  193 193 HOH HOH A . 
F 3 HOH 42  194 194 HOH HOH A . 
F 3 HOH 43  195 195 HOH HOH A . 
F 3 HOH 44  196 196 HOH HOH A . 
F 3 HOH 45  197 197 HOH HOH A . 
F 3 HOH 46  198 198 HOH HOH A . 
F 3 HOH 47  199 199 HOH HOH A . 
F 3 HOH 48  200 200 HOH HOH A . 
F 3 HOH 49  201 201 HOH HOH A . 
F 3 HOH 50  202 202 HOH HOH A . 
F 3 HOH 51  203 203 HOH HOH A . 
F 3 HOH 52  204 204 HOH HOH A . 
F 3 HOH 53  205 205 HOH HOH A . 
F 3 HOH 54  206 206 HOH HOH A . 
F 3 HOH 55  207 207 HOH HOH A . 
F 3 HOH 56  208 208 HOH HOH A . 
F 3 HOH 57  209 209 HOH HOH A . 
F 3 HOH 58  210 210 HOH HOH A . 
F 3 HOH 59  211 211 HOH HOH A . 
F 3 HOH 60  212 212 HOH HOH A . 
F 3 HOH 61  213 213 HOH HOH A . 
F 3 HOH 62  214 214 HOH HOH A . 
F 3 HOH 63  215 215 HOH HOH A . 
F 3 HOH 64  216 216 HOH HOH A . 
F 3 HOH 65  217 217 HOH HOH A . 
F 3 HOH 66  218 218 HOH HOH A . 
F 3 HOH 67  219 219 HOH HOH A . 
F 3 HOH 68  220 220 HOH HOH A . 
F 3 HOH 69  221 221 HOH HOH A . 
F 3 HOH 70  222 222 HOH HOH A . 
F 3 HOH 71  223 223 HOH HOH A . 
F 3 HOH 72  224 224 HOH HOH A . 
F 3 HOH 73  225 225 HOH HOH A . 
F 3 HOH 74  226 226 HOH HOH A . 
F 3 HOH 75  227 227 HOH HOH A . 
F 3 HOH 76  228 228 HOH HOH A . 
F 3 HOH 77  229 229 HOH HOH A . 
F 3 HOH 78  230 230 HOH HOH A . 
F 3 HOH 79  231 231 HOH HOH A . 
F 3 HOH 80  232 232 HOH HOH A . 
F 3 HOH 81  233 233 HOH HOH A . 
F 3 HOH 82  234 234 HOH HOH A . 
F 3 HOH 83  235 235 HOH HOH A . 
F 3 HOH 84  236 236 HOH HOH A . 
F 3 HOH 85  237 237 HOH HOH A . 
F 3 HOH 86  238 238 HOH HOH A . 
F 3 HOH 87  239 239 HOH HOH A . 
F 3 HOH 88  240 240 HOH HOH A . 
F 3 HOH 89  241 241 HOH HOH A . 
F 3 HOH 90  242 242 HOH HOH A . 
F 3 HOH 91  243 243 HOH HOH A . 
F 3 HOH 92  244 244 HOH HOH A . 
F 3 HOH 93  245 245 HOH HOH A . 
F 3 HOH 94  246 246 HOH HOH A . 
F 3 HOH 95  247 247 HOH HOH A . 
F 3 HOH 96  248 248 HOH HOH A . 
F 3 HOH 97  249 249 HOH HOH A . 
F 3 HOH 98  250 250 HOH HOH A . 
F 3 HOH 99  251 251 HOH HOH A . 
F 3 HOH 100 252 252 HOH HOH A . 
F 3 HOH 101 253 253 HOH HOH A . 
F 3 HOH 102 254 254 HOH HOH A . 
F 3 HOH 103 255 255 HOH HOH A . 
F 3 HOH 104 256 256 HOH HOH A . 
F 3 HOH 105 257 257 HOH HOH A . 
F 3 HOH 106 258 258 HOH HOH A . 
F 3 HOH 107 259 259 HOH HOH A . 
F 3 HOH 108 260 260 HOH HOH A . 
F 3 HOH 109 261 261 HOH HOH A . 
F 3 HOH 110 262 262 HOH HOH A . 
F 3 HOH 111 263 263 HOH HOH A . 
F 3 HOH 112 264 264 HOH HOH A . 
F 3 HOH 113 265 265 HOH HOH A . 
F 3 HOH 114 266 266 HOH HOH A . 
F 3 HOH 115 267 267 HOH HOH A . 
F 3 HOH 116 268 268 HOH HOH A . 
F 3 HOH 117 269 269 HOH HOH A . 
F 3 HOH 118 270 270 HOH HOH A . 
F 3 HOH 119 271 271 HOH HOH A . 
F 3 HOH 120 272 272 HOH HOH A . 
F 3 HOH 121 273 273 HOH HOH A . 
F 3 HOH 122 274 274 HOH HOH A . 
F 3 HOH 123 275 275 HOH HOH A . 
F 3 HOH 124 276 276 HOH HOH A . 
F 3 HOH 125 277 277 HOH HOH A . 
F 3 HOH 126 278 278 HOH HOH A . 
F 3 HOH 127 279 279 HOH HOH A . 
F 3 HOH 128 280 280 HOH HOH A . 
F 3 HOH 129 281 281 HOH HOH A . 
F 3 HOH 130 282 282 HOH HOH A . 
F 3 HOH 131 283 283 HOH HOH A . 
F 3 HOH 132 284 284 HOH HOH A . 
F 3 HOH 133 285 285 HOH HOH A . 
F 3 HOH 134 286 286 HOH HOH A . 
F 3 HOH 135 287 287 HOH HOH A . 
F 3 HOH 136 288 288 HOH HOH A . 
F 3 HOH 137 289 289 HOH HOH A . 
F 3 HOH 138 290 290 HOH HOH A . 
F 3 HOH 139 291 291 HOH HOH A . 
F 3 HOH 140 292 292 HOH HOH A . 
F 3 HOH 141 293 293 HOH HOH A . 
F 3 HOH 142 294 294 HOH HOH A . 
F 3 HOH 143 295 295 HOH HOH A . 
F 3 HOH 144 296 296 HOH HOH A . 
F 3 HOH 145 297 297 HOH HOH A . 
F 3 HOH 146 298 298 HOH HOH A . 
F 3 HOH 147 299 299 HOH HOH A . 
F 3 HOH 148 300 300 HOH HOH A . 
F 3 HOH 149 301 301 HOH HOH A . 
F 3 HOH 150 302 302 HOH HOH A . 
F 3 HOH 151 303 303 HOH HOH A . 
F 3 HOH 152 304 304 HOH HOH A . 
F 3 HOH 153 305 305 HOH HOH A . 
F 3 HOH 154 306 306 HOH HOH A . 
F 3 HOH 155 307 307 HOH HOH A . 
F 3 HOH 156 308 308 HOH HOH A . 
F 3 HOH 157 309 309 HOH HOH A . 
F 3 HOH 158 310 310 HOH HOH A . 
F 3 HOH 159 311 311 HOH HOH A . 
F 3 HOH 160 312 312 HOH HOH A . 
F 3 HOH 161 313 313 HOH HOH A . 
F 3 HOH 162 314 314 HOH HOH A . 
F 3 HOH 163 315 315 HOH HOH A . 
F 3 HOH 164 316 316 HOH HOH A . 
F 3 HOH 165 317 317 HOH HOH A . 
F 3 HOH 166 318 318 HOH HOH A . 
F 3 HOH 167 319 319 HOH HOH A . 
F 3 HOH 168 320 320 HOH HOH A . 
F 3 HOH 169 321 321 HOH HOH A . 
F 3 HOH 170 322 322 HOH HOH A . 
F 3 HOH 171 323 323 HOH HOH A . 
F 3 HOH 172 324 324 HOH HOH A . 
# 
loop_
_software.name 
_software.classification 
_software.version 
_software.citation_id 
_software.pdbx_ordinal 
X-PLOR 'model building' . ? 1 
X-PLOR refinement       . ? 2 
X-PLOR phasing          . ? 3 
# 
_cell.entry_id           1OSA 
_cell.length_a           29.890 
_cell.length_b           53.420 
_cell.length_c           25.350 
_cell.angle_alpha        93.67 
_cell.angle_beta         96.88 
_cell.angle_gamma        89.24 
_cell.Z_PDB              1 
_cell.pdbx_unique_axis   ? 
# 
_symmetry.entry_id                         1OSA 
_symmetry.space_group_name_H-M             'P 1' 
_symmetry.pdbx_full_space_group_name_H-M   ? 
_symmetry.cell_setting                     ? 
_symmetry.Int_Tables_number                1 
# 
_exptl.entry_id          1OSA 
_exptl.method            'X-RAY DIFFRACTION' 
_exptl.crystals_number   ? 
# 
_exptl_crystal.id                    1 
_exptl_crystal.density_meas          ? 
_exptl_crystal.density_Matthews      2.40 
_exptl_crystal.density_percent_sol   48.81 
_exptl_crystal.description           ? 
# 
_diffrn.id                     1 
_diffrn.ambient_temp           ? 
_diffrn.ambient_temp_details   ? 
_diffrn.crystal_id             1 
# 
_diffrn_radiation.diffrn_id                        1 
_diffrn_radiation.wavelength_id                    1 
_diffrn_radiation.pdbx_monochromatic_or_laue_m_l   ? 
_diffrn_radiation.monochromator                    ? 
_diffrn_radiation.pdbx_diffrn_protocol             ? 
_diffrn_radiation.pdbx_scattering_type             x-ray 
# 
_diffrn_radiation_wavelength.id           1 
_diffrn_radiation_wavelength.wavelength   . 
_diffrn_radiation_wavelength.wt           1.0 
# 
_refine.entry_id                                 1OSA 
_refine.ls_number_reflns_obs                     ? 
_refine.ls_number_reflns_all                     ? 
_refine.pdbx_ls_sigma_I                          ? 
_refine.pdbx_ls_sigma_F                          ? 
_refine.pdbx_data_cutoff_high_absF               ? 
_refine.pdbx_data_cutoff_low_absF                ? 
_refine.pdbx_data_cutoff_high_rms_absF           ? 
_refine.ls_d_res_low                             ? 
_refine.ls_d_res_high                            1.68 
_refine.ls_percent_reflns_obs                    ? 
_refine.ls_R_factor_obs                          0.1940000 
_refine.ls_R_factor_all                          ? 
_refine.ls_R_factor_R_work                       0.1940000 
_refine.ls_R_factor_R_free                       ? 
_refine.ls_R_factor_R_free_error                 ? 
_refine.ls_R_factor_R_free_error_details         ? 
_refine.ls_percent_reflns_R_free                 ? 
_refine.ls_number_reflns_R_free                  ? 
_refine.ls_number_parameters                     ? 
_refine.ls_number_restraints                     ? 
_refine.occupancy_min                            ? 
_refine.occupancy_max                            ? 
_refine.B_iso_mean                               ? 
_refine.aniso_B[1][1]                            ? 
_refine.aniso_B[2][2]                            ? 
_refine.aniso_B[3][3]                            ? 
_refine.aniso_B[1][2]                            ? 
_refine.aniso_B[1][3]                            ? 
_refine.aniso_B[2][3]                            ? 
_refine.solvent_model_details                    ? 
_refine.solvent_model_param_ksol                 ? 
_refine.solvent_model_param_bsol                 ? 
_refine.pdbx_ls_cross_valid_method               ? 
_refine.details                                  ? 
_refine.pdbx_starting_model                      ? 
_refine.pdbx_method_to_determine_struct          ? 
_refine.pdbx_isotropic_thermal_model             ? 
_refine.pdbx_stereochemistry_target_values       ? 
_refine.pdbx_stereochem_target_val_spec_case     ? 
_refine.pdbx_R_Free_selection_details            ? 
_refine.pdbx_overall_ESU_R                       ? 
_refine.pdbx_overall_ESU_R_Free                  ? 
_refine.overall_SU_ML                            ? 
_refine.overall_SU_B                             ? 
_refine.pdbx_refine_id                           'X-RAY DIFFRACTION' 
_refine.pdbx_diffrn_id                           1 
_refine.pdbx_TLS_residual_ADP_flag               ? 
_refine.correlation_coeff_Fo_to_Fc               ? 
_refine.correlation_coeff_Fo_to_Fc_free          ? 
_refine.pdbx_solvent_vdw_probe_radii             ? 
_refine.pdbx_solvent_ion_probe_radii             ? 
_refine.pdbx_solvent_shrinkage_radii             ? 
_refine.pdbx_overall_phase_error                 ? 
_refine.overall_SU_R_Cruickshank_DPI             ? 
_refine.pdbx_overall_SU_R_free_Cruickshank_DPI   ? 
_refine.pdbx_overall_SU_R_Blow_DPI               ? 
_refine.pdbx_overall_SU_R_free_Blow_DPI          ? 
# 
_refine_hist.pdbx_refine_id                   'X-RAY DIFFRACTION' 
_refine_hist.cycle_id                         LAST 
_refine_hist.pdbx_number_atoms_protein        1165 
_refine_hist.pdbx_number_atoms_nucleic_acid   0 
_refine_hist.pdbx_number_atoms_ligand         4 
_refine_hist.number_atoms_solvent             172 
_refine_hist.number_atoms_total               1341 
_refine_hist.d_res_high                       1.68 
_refine_hist.d_res_low                        . 
# 
loop_
_refine_ls_restr.type 
_refine_ls_restr.dev_ideal 
_refine_ls_restr.dev_ideal_target 
_refine_ls_restr.weight 
_refine_ls_restr.number 
_refine_ls_restr.pdbx_refine_id 
_refine_ls_restr.pdbx_restraint_function 
x_bond_d                0.012 ? ? ? 'X-RAY DIFFRACTION' ? 
x_bond_d_na             ?     ? ? ? 'X-RAY DIFFRACTION' ? 
x_bond_d_prot           ?     ? ? ? 'X-RAY DIFFRACTION' ? 
x_angle_d               ?     ? ? ? 'X-RAY DIFFRACTION' ? 
x_angle_d_na            ?     ? ? ? 'X-RAY DIFFRACTION' ? 
x_angle_d_prot          ?     ? ? ? 'X-RAY DIFFRACTION' ? 
x_angle_deg             2.40  ? ? ? 'X-RAY DIFFRACTION' ? 
x_angle_deg_na          ?     ? ? ? 'X-RAY DIFFRACTION' ? 
x_angle_deg_prot        ?     ? ? ? 'X-RAY DIFFRACTION' ? 
x_dihedral_angle_d      ?     ? ? ? 'X-RAY DIFFRACTION' ? 
x_dihedral_angle_d_na   ?     ? ? ? 'X-RAY DIFFRACTION' ? 
x_dihedral_angle_d_prot ?     ? ? ? 'X-RAY DIFFRACTION' ? 
x_improper_angle_d      ?     ? ? ? 'X-RAY DIFFRACTION' ? 
x_improper_angle_d_na   ?     ? ? ? 'X-RAY DIFFRACTION' ? 
x_improper_angle_d_prot ?     ? ? ? 'X-RAY DIFFRACTION' ? 
x_mcbond_it             ?     ? ? ? 'X-RAY DIFFRACTION' ? 
x_mcangle_it            ?     ? ? ? 'X-RAY DIFFRACTION' ? 
x_scbond_it             ?     ? ? ? 'X-RAY DIFFRACTION' ? 
x_scangle_it            ?     ? ? ? 'X-RAY DIFFRACTION' ? 
# 
_struct.entry_id                  1OSA 
_struct.title                     'CRYSTAL STRUCTURE OF RECOMBINANT PARAMECIUM TETRAURELIA CALMODULIN AT 1.68 ANGSTROMS RESOLUTION' 
_struct.pdbx_model_details        ? 
_struct.pdbx_CASP_flag            ? 
_struct.pdbx_model_type_details   ? 
# 
_struct_keywords.entry_id        1OSA 
_struct_keywords.pdbx_keywords   'CALCIUM-BINDING PROTEIN' 
_struct_keywords.text            'CALCIUM-BINDING PROTEIN' 
# 
loop_
_struct_asym.id 
_struct_asym.pdbx_blank_PDB_chainid_flag 
_struct_asym.pdbx_modified 
_struct_asym.entity_id 
_struct_asym.details 
A N N 1 ? 
B N N 2 ? 
C N N 2 ? 
D N N 2 ? 
E N N 2 ? 
F N N 3 ? 
# 
_struct_ref.id                         1 
_struct_ref.db_name                    UNP 
_struct_ref.db_code                    CALM_PARTE 
_struct_ref.entity_id                  1 
_struct_ref.pdbx_db_accession          P07463 
_struct_ref.pdbx_align_begin           1 
_struct_ref.pdbx_seq_one_letter_code   
;AEQLTEEQIAEFKEAFALFDKDGDGTITTKELGTVMRSLGQNPTEAELQDMINEVDADGNGTIDFPEFLSLMARKMKEQD
SEEELIEAFKVFDRDGNGLISAAELRHVMTNLGEKLTDDEVDEMIREADIDGDGHINYEEFVRMMVSK
;
_struct_ref.pdbx_db_isoform            ? 
# 
_struct_ref_seq.align_id                      1 
_struct_ref_seq.ref_id                        1 
_struct_ref_seq.pdbx_PDB_id_code              1OSA 
_struct_ref_seq.pdbx_strand_id                A 
_struct_ref_seq.seq_align_beg                 1 
_struct_ref_seq.pdbx_seq_align_beg_ins_code   ? 
_struct_ref_seq.seq_align_end                 148 
_struct_ref_seq.pdbx_seq_align_end_ins_code   ? 
_struct_ref_seq.pdbx_db_accession             P07463 
_struct_ref_seq.db_align_beg                  1 
_struct_ref_seq.pdbx_db_align_beg_ins_code    ? 
_struct_ref_seq.db_align_end                  148 
_struct_ref_seq.pdbx_db_align_end_ins_code    ? 
_struct_ref_seq.pdbx_auth_seq_align_beg       1 
_struct_ref_seq.pdbx_auth_seq_align_end       148 
# 
_pdbx_struct_assembly.id                   1 
_pdbx_struct_assembly.details              author_and_software_defined_assembly 
_pdbx_struct_assembly.method_details       PISA 
_pdbx_struct_assembly.oligomeric_details   monomeric 
_pdbx_struct_assembly.oligomeric_count     1 
# 
_pdbx_struct_assembly_gen.assembly_id       1 
_pdbx_struct_assembly_gen.oper_expression   1 
_pdbx_struct_assembly_gen.asym_id_list      A,B,C,D,E,F 
# 
_pdbx_struct_oper_list.id                   1 
_pdbx_struct_oper_list.type                 'identity operation' 
_pdbx_struct_oper_list.name                 1_555 
_pdbx_struct_oper_list.symmetry_operation   x,y,z 
_pdbx_struct_oper_list.matrix[1][1]         1.0000000000 
_pdbx_struct_oper_list.matrix[1][2]         0.0000000000 
_pdbx_struct_oper_list.matrix[1][3]         0.0000000000 
_pdbx_struct_oper_list.vector[1]            0.0000000000 
_pdbx_struct_oper_list.matrix[2][1]         0.0000000000 
_pdbx_struct_oper_list.matrix[2][2]         1.0000000000 
_pdbx_struct_oper_list.matrix[2][3]         0.0000000000 
_pdbx_struct_oper_list.vector[2]            0.0000000000 
_pdbx_struct_oper_list.matrix[3][1]         0.0000000000 
_pdbx_struct_oper_list.matrix[3][2]         0.0000000000 
_pdbx_struct_oper_list.matrix[3][3]         1.0000000000 
_pdbx_struct_oper_list.vector[3]            0.0000000000 
# 
_struct_biol.id   1 
# 
loop_
_struct_conf.conf_type_id 
_struct_conf.id 
_struct_conf.pdbx_PDB_helix_id 
_struct_conf.beg_label_comp_id 
_struct_conf.beg_label_asym_id 
_struct_conf.beg_label_seq_id 
_struct_conf.pdbx_beg_PDB_ins_code 
_struct_conf.end_label_comp_id 
_struct_conf.end_label_asym_id 
_struct_conf.end_label_seq_id 
_struct_conf.pdbx_end_PDB_ins_code 
_struct_conf.beg_auth_comp_id 
_struct_conf.beg_auth_asym_id 
_struct_conf.beg_auth_seq_id 
_struct_conf.end_auth_comp_id 
_struct_conf.end_auth_asym_id 
_struct_conf.end_auth_seq_id 
_struct_conf.pdbx_PDB_helix_class 
_struct_conf.details 
_struct_conf.pdbx_PDB_helix_length 
HELX_P HELX_P1 H1 GLU A 6   ? PHE A 19  ? GLU A 6   PHE A 19  1 ? 14 
HELX_P HELX_P2 H2 THR A 29  ? SER A 38  ? THR A 29  SER A 38  1 ? 10 
HELX_P HELX_P3 H3 GLU A 45  ? VAL A 55  ? GLU A 45  VAL A 55  1 ? 11 
HELX_P HELX_P4 H4 PHE A 65  ? PHE A 92  ? PHE A 65  PHE A 92  1 ? 28 
HELX_P HELX_P5 H5 ALA A 102 ? ASN A 111 ? ALA A 102 ASN A 111 1 ? 10 
HELX_P HELX_P6 H6 ASP A 118 ? ALA A 128 ? ASP A 118 ALA A 128 1 ? 11 
HELX_P HELX_P7 H7 TYR A 138 ? SER A 147 ? TYR A 138 SER A 147 1 ? 10 
# 
_struct_conf_type.id          HELX_P 
_struct_conf_type.criteria    ? 
_struct_conf_type.reference   ? 
# 
loop_
_struct_conn.id 
_struct_conn.conn_type_id 
_struct_conn.pdbx_leaving_atom_flag 
_struct_conn.pdbx_PDB_id 
_struct_conn.ptnr1_label_asym_id 
_struct_conn.ptnr1_label_comp_id 
_struct_conn.ptnr1_label_seq_id 
_struct_conn.ptnr1_label_atom_id 
_struct_conn.pdbx_ptnr1_label_alt_id 
_struct_conn.pdbx_ptnr1_PDB_ins_code 
_struct_conn.pdbx_ptnr1_standard_comp_id 
_struct_conn.ptnr1_symmetry 
_struct_conn.ptnr2_label_asym_id 
_struct_conn.ptnr2_label_comp_id 
_struct_conn.ptnr2_label_seq_id 
_struct_conn.ptnr2_label_atom_id 
_struct_conn.pdbx_ptnr2_label_alt_id 
_struct_conn.pdbx_ptnr2_PDB_ins_code 
_struct_conn.ptnr1_auth_asym_id 
_struct_conn.ptnr1_auth_comp_id 
_struct_conn.ptnr1_auth_seq_id 
_struct_conn.ptnr2_auth_asym_id 
_struct_conn.ptnr2_auth_comp_id 
_struct_conn.ptnr2_auth_seq_id 
_struct_conn.ptnr2_symmetry 
_struct_conn.pdbx_ptnr3_label_atom_id 
_struct_conn.pdbx_ptnr3_label_seq_id 
_struct_conn.pdbx_ptnr3_label_comp_id 
_struct_conn.pdbx_ptnr3_label_asym_id 
_struct_conn.pdbx_ptnr3_label_alt_id 
_struct_conn.pdbx_ptnr3_PDB_ins_code 
_struct_conn.details 
_struct_conn.pdbx_dist_value 
_struct_conn.pdbx_value_order 
_struct_conn.pdbx_role 
metalc1  metalc ? ? A ASP 20  OD1 ? ? ? 1_555 B CA  . CA ? ? A ASP 20  A CA  149 1_555 ? ? ? ? ? ? ? 2.349 ? ? 
metalc2  metalc ? ? A ASP 22  OD1 ? ? ? 1_555 B CA  . CA ? ? A ASP 22  A CA  149 1_555 ? ? ? ? ? ? ? 2.466 ? ? 
metalc3  metalc ? ? A ASP 24  OD1 ? ? ? 1_555 B CA  . CA ? ? A ASP 24  A CA  149 1_555 ? ? ? ? ? ? ? 2.295 ? ? 
metalc4  metalc ? ? A THR 26  O   ? ? ? 1_555 B CA  . CA ? ? A THR 26  A CA  149 1_555 ? ? ? ? ? ? ? 2.120 ? ? 
metalc5  metalc ? ? A GLU 31  OE1 ? ? ? 1_555 B CA  . CA ? ? A GLU 31  A CA  149 1_555 ? ? ? ? ? ? ? 2.401 ? ? 
metalc6  metalc ? ? A GLU 31  OE2 ? ? ? 1_555 B CA  . CA ? ? A GLU 31  A CA  149 1_555 ? ? ? ? ? ? ? 2.541 ? ? 
metalc7  metalc ? ? A ASP 56  OD1 ? ? ? 1_555 C CA  . CA ? ? A ASP 56  A CA  150 1_555 ? ? ? ? ? ? ? 2.225 ? ? 
metalc8  metalc ? ? A ASP 58  OD1 ? ? ? 1_555 C CA  . CA ? ? A ASP 58  A CA  150 1_555 ? ? ? ? ? ? ? 2.203 ? ? 
metalc9  metalc ? ? A ASN 60  OD1 ? ? ? 1_555 C CA  . CA ? ? A ASN 60  A CA  150 1_555 ? ? ? ? ? ? ? 2.321 ? ? 
metalc10 metalc ? ? A THR 62  O   ? ? ? 1_555 C CA  . CA ? ? A THR 62  A CA  150 1_555 ? ? ? ? ? ? ? 2.188 ? ? 
metalc11 metalc ? ? A GLU 67  OE1 ? ? ? 1_555 C CA  . CA ? ? A GLU 67  A CA  150 1_555 ? ? ? ? ? ? ? 2.434 ? ? 
metalc12 metalc ? ? A GLU 67  OE2 ? ? ? 1_555 C CA  . CA ? ? A GLU 67  A CA  150 1_555 ? ? ? ? ? ? ? 2.575 ? ? 
metalc13 metalc ? ? A ASP 93  OD1 ? ? ? 1_555 D CA  . CA ? ? A ASP 93  A CA  151 1_555 ? ? ? ? ? ? ? 2.199 ? ? 
metalc14 metalc ? ? A ASP 95  OD1 ? ? ? 1_555 D CA  . CA ? ? A ASP 95  A CA  151 1_555 ? ? ? ? ? ? ? 2.377 ? ? 
metalc15 metalc ? ? A ASN 97  OD1 ? ? ? 1_555 D CA  . CA ? ? A ASN 97  A CA  151 1_555 ? ? ? ? ? ? ? 2.425 ? ? 
metalc16 metalc ? ? A LEU 99  O   ? ? ? 1_555 D CA  . CA ? ? A LEU 99  A CA  151 1_555 ? ? ? ? ? ? ? 2.132 ? ? 
metalc17 metalc ? ? A GLU 104 OE2 ? ? ? 1_555 D CA  . CA ? ? A GLU 104 A CA  151 1_555 ? ? ? ? ? ? ? 2.515 ? ? 
metalc18 metalc ? ? A GLU 104 OE1 ? ? ? 1_555 D CA  . CA ? ? A GLU 104 A CA  151 1_555 ? ? ? ? ? ? ? 2.371 ? ? 
metalc19 metalc ? ? A ASP 129 OD1 ? ? ? 1_555 E CA  . CA ? ? A ASP 129 A CA  152 1_555 ? ? ? ? ? ? ? 2.039 ? ? 
metalc20 metalc ? ? A ASP 131 OD1 ? ? ? 1_555 E CA  . CA ? ? A ASP 131 A CA  152 1_555 ? ? ? ? ? ? ? 2.138 ? ? 
metalc21 metalc ? ? A ASP 133 OD1 ? ? ? 1_555 E CA  . CA ? ? A ASP 133 A CA  152 1_555 ? ? ? ? ? ? ? 2.205 ? ? 
metalc22 metalc ? ? A HIS 135 O   ? ? ? 1_555 E CA  . CA ? ? A HIS 135 A CA  152 1_555 ? ? ? ? ? ? ? 2.335 ? ? 
metalc23 metalc ? ? A GLU 140 OE1 ? ? ? 1_555 E CA  . CA ? ? A GLU 140 A CA  152 1_555 ? ? ? ? ? ? ? 2.466 ? ? 
metalc24 metalc ? ? A GLU 140 OE2 ? ? ? 1_555 E CA  . CA ? ? A GLU 140 A CA  152 1_555 ? ? ? ? ? ? ? 2.691 ? ? 
metalc25 metalc ? ? B CA  .   CA  ? ? ? 1_555 F HOH . O  ? ? A CA  149 A HOH 153 1_555 ? ? ? ? ? ? ? 2.584 ? ? 
metalc26 metalc ? ? C CA  .   CA  ? ? ? 1_555 F HOH . O  ? ? A CA  150 A HOH 157 1_555 ? ? ? ? ? ? ? 2.236 ? ? 
metalc27 metalc ? ? D CA  .   CA  ? ? ? 1_555 F HOH . O  ? ? A CA  151 A HOH 189 1_555 ? ? ? ? ? ? ? 2.367 ? ? 
metalc28 metalc ? ? E CA  .   CA  ? ? ? 1_555 F HOH . O  ? ? A CA  152 A HOH 181 1_555 ? ? ? ? ? ? ? 2.210 ? ? 
# 
_struct_conn_type.id          metalc 
_struct_conn_type.criteria    ? 
_struct_conn_type.reference   ? 
# 
loop_
_pdbx_struct_conn_angle.id 
_pdbx_struct_conn_angle.ptnr1_label_atom_id 
_pdbx_struct_conn_angle.ptnr1_label_alt_id 
_pdbx_struct_conn_angle.ptnr1_label_asym_id 
_pdbx_struct_conn_angle.ptnr1_label_comp_id 
_pdbx_struct_conn_angle.ptnr1_label_seq_id 
_pdbx_struct_conn_angle.ptnr1_auth_atom_id 
_pdbx_struct_conn_angle.ptnr1_auth_asym_id 
_pdbx_struct_conn_angle.ptnr1_auth_comp_id 
_pdbx_struct_conn_angle.ptnr1_auth_seq_id 
_pdbx_struct_conn_angle.ptnr1_PDB_ins_code 
_pdbx_struct_conn_angle.ptnr1_symmetry 
_pdbx_struct_conn_angle.ptnr2_label_atom_id 
_pdbx_struct_conn_angle.ptnr2_label_alt_id 
_pdbx_struct_conn_angle.ptnr2_label_asym_id 
_pdbx_struct_conn_angle.ptnr2_label_comp_id 
_pdbx_struct_conn_angle.ptnr2_label_seq_id 
_pdbx_struct_conn_angle.ptnr2_auth_atom_id 
_pdbx_struct_conn_angle.ptnr2_auth_asym_id 
_pdbx_struct_conn_angle.ptnr2_auth_comp_id 
_pdbx_struct_conn_angle.ptnr2_auth_seq_id 
_pdbx_struct_conn_angle.ptnr2_PDB_ins_code 
_pdbx_struct_conn_angle.ptnr2_symmetry 
_pdbx_struct_conn_angle.ptnr3_label_atom_id 
_pdbx_struct_conn_angle.ptnr3_label_alt_id 
_pdbx_struct_conn_angle.ptnr3_label_asym_id 
_pdbx_struct_conn_angle.ptnr3_label_comp_id 
_pdbx_struct_conn_angle.ptnr3_label_seq_id 
_pdbx_struct_conn_angle.ptnr3_auth_atom_id 
_pdbx_struct_conn_angle.ptnr3_auth_asym_id 
_pdbx_struct_conn_angle.ptnr3_auth_comp_id 
_pdbx_struct_conn_angle.ptnr3_auth_seq_id 
_pdbx_struct_conn_angle.ptnr3_PDB_ins_code 
_pdbx_struct_conn_angle.ptnr3_symmetry 
_pdbx_struct_conn_angle.value 
_pdbx_struct_conn_angle.value_esd 
1  OD1 ? A ASP 20  ? A ASP 20  ? 1_555 CA ? B CA . ? A CA 149 ? 1_555 OD1 ? A ASP 22  ? A ASP 22  ? 1_555 86.2  ? 
2  OD1 ? A ASP 20  ? A ASP 20  ? 1_555 CA ? B CA . ? A CA 149 ? 1_555 OD1 ? A ASP 24  ? A ASP 24  ? 1_555 83.5  ? 
3  OD1 ? A ASP 22  ? A ASP 22  ? 1_555 CA ? B CA . ? A CA 149 ? 1_555 OD1 ? A ASP 24  ? A ASP 24  ? 1_555 83.4  ? 
4  OD1 ? A ASP 20  ? A ASP 20  ? 1_555 CA ? B CA . ? A CA 149 ? 1_555 O   ? A THR 26  ? A THR 26  ? 1_555 84.5  ? 
5  OD1 ? A ASP 22  ? A ASP 22  ? 1_555 CA ? B CA . ? A CA 149 ? 1_555 O   ? A THR 26  ? A THR 26  ? 1_555 160.1 ? 
6  OD1 ? A ASP 24  ? A ASP 24  ? 1_555 CA ? B CA . ? A CA 149 ? 1_555 O   ? A THR 26  ? A THR 26  ? 1_555 78.1  ? 
7  OD1 ? A ASP 20  ? A ASP 20  ? 1_555 CA ? B CA . ? A CA 149 ? 1_555 OE1 ? A GLU 31  ? A GLU 31  ? 1_555 111.1 ? 
8  OD1 ? A ASP 22  ? A ASP 22  ? 1_555 CA ? B CA . ? A CA 149 ? 1_555 OE1 ? A GLU 31  ? A GLU 31  ? 1_555 120.6 ? 
9  OD1 ? A ASP 24  ? A ASP 24  ? 1_555 CA ? B CA . ? A CA 149 ? 1_555 OE1 ? A GLU 31  ? A GLU 31  ? 1_555 151.5 ? 
10 O   ? A THR 26  ? A THR 26  ? 1_555 CA ? B CA . ? A CA 149 ? 1_555 OE1 ? A GLU 31  ? A GLU 31  ? 1_555 79.2  ? 
11 OD1 ? A ASP 20  ? A ASP 20  ? 1_555 CA ? B CA . ? A CA 149 ? 1_555 OE2 ? A GLU 31  ? A GLU 31  ? 1_555 98.7  ? 
12 OD1 ? A ASP 22  ? A ASP 22  ? 1_555 CA ? B CA . ? A CA 149 ? 1_555 OE2 ? A GLU 31  ? A GLU 31  ? 1_555 71.8  ? 
13 OD1 ? A ASP 24  ? A ASP 24  ? 1_555 CA ? B CA . ? A CA 149 ? 1_555 OE2 ? A GLU 31  ? A GLU 31  ? 1_555 154.8 ? 
14 O   ? A THR 26  ? A THR 26  ? 1_555 CA ? B CA . ? A CA 149 ? 1_555 OE2 ? A GLU 31  ? A GLU 31  ? 1_555 127.1 ? 
15 OE1 ? A GLU 31  ? A GLU 31  ? 1_555 CA ? B CA . ? A CA 149 ? 1_555 OE2 ? A GLU 31  ? A GLU 31  ? 1_555 50.2  ? 
16 OD1 ? A ASP 20  ? A ASP 20  ? 1_555 CA ? B CA . ? A CA 149 ? 1_555 O   ? F HOH .   ? A HOH 153 ? 1_555 165.7 ? 
17 OD1 ? A ASP 22  ? A ASP 22  ? 1_555 CA ? B CA . ? A CA 149 ? 1_555 O   ? F HOH .   ? A HOH 153 ? 1_555 89.1  ? 
18 OD1 ? A ASP 24  ? A ASP 24  ? 1_555 CA ? B CA . ? A CA 149 ? 1_555 O   ? F HOH .   ? A HOH 153 ? 1_555 82.5  ? 
19 O   ? A THR 26  ? A THR 26  ? 1_555 CA ? B CA . ? A CA 149 ? 1_555 O   ? F HOH .   ? A HOH 153 ? 1_555 95.6  ? 
20 OE1 ? A GLU 31  ? A GLU 31  ? 1_555 CA ? B CA . ? A CA 149 ? 1_555 O   ? F HOH .   ? A HOH 153 ? 1_555 82.8  ? 
21 OE2 ? A GLU 31  ? A GLU 31  ? 1_555 CA ? B CA . ? A CA 149 ? 1_555 O   ? F HOH .   ? A HOH 153 ? 1_555 92.7  ? 
22 OD1 ? A ASP 56  ? A ASP 56  ? 1_555 CA ? C CA . ? A CA 150 ? 1_555 OD1 ? A ASP 58  ? A ASP 58  ? 1_555 86.5  ? 
23 OD1 ? A ASP 56  ? A ASP 56  ? 1_555 CA ? C CA . ? A CA 150 ? 1_555 OD1 ? A ASN 60  ? A ASN 60  ? 1_555 88.0  ? 
24 OD1 ? A ASP 58  ? A ASP 58  ? 1_555 CA ? C CA . ? A CA 150 ? 1_555 OD1 ? A ASN 60  ? A ASN 60  ? 1_555 76.8  ? 
25 OD1 ? A ASP 56  ? A ASP 56  ? 1_555 CA ? C CA . ? A CA 150 ? 1_555 O   ? A THR 62  ? A THR 62  ? 1_555 80.7  ? 
26 OD1 ? A ASP 58  ? A ASP 58  ? 1_555 CA ? C CA . ? A CA 150 ? 1_555 O   ? A THR 62  ? A THR 62  ? 1_555 151.6 ? 
27 OD1 ? A ASN 60  ? A ASN 60  ? 1_555 CA ? C CA . ? A CA 150 ? 1_555 O   ? A THR 62  ? A THR 62  ? 1_555 77.5  ? 
28 OD1 ? A ASP 56  ? A ASP 56  ? 1_555 CA ? C CA . ? A CA 150 ? 1_555 OE1 ? A GLU 67  ? A GLU 67  ? 1_555 102.1 ? 
29 OD1 ? A ASP 58  ? A ASP 58  ? 1_555 CA ? C CA . ? A CA 150 ? 1_555 OE1 ? A GLU 67  ? A GLU 67  ? 1_555 129.4 ? 
30 OD1 ? A ASN 60  ? A ASN 60  ? 1_555 CA ? C CA . ? A CA 150 ? 1_555 OE1 ? A GLU 67  ? A GLU 67  ? 1_555 151.8 ? 
31 O   ? A THR 62  ? A THR 62  ? 1_555 CA ? C CA . ? A CA 150 ? 1_555 OE1 ? A GLU 67  ? A GLU 67  ? 1_555 78.3  ? 
32 OD1 ? A ASP 56  ? A ASP 56  ? 1_555 CA ? C CA . ? A CA 150 ? 1_555 OE2 ? A GLU 67  ? A GLU 67  ? 1_555 92.6  ? 
33 OD1 ? A ASP 58  ? A ASP 58  ? 1_555 CA ? C CA . ? A CA 150 ? 1_555 OE2 ? A GLU 67  ? A GLU 67  ? 1_555 80.2  ? 
34 OD1 ? A ASN 60  ? A ASN 60  ? 1_555 CA ? C CA . ? A CA 150 ? 1_555 OE2 ? A GLU 67  ? A GLU 67  ? 1_555 156.9 ? 
35 O   ? A THR 62  ? A THR 62  ? 1_555 CA ? C CA . ? A CA 150 ? 1_555 OE2 ? A GLU 67  ? A GLU 67  ? 1_555 125.3 ? 
36 OE1 ? A GLU 67  ? A GLU 67  ? 1_555 CA ? C CA . ? A CA 150 ? 1_555 OE2 ? A GLU 67  ? A GLU 67  ? 1_555 50.0  ? 
37 OD1 ? A ASP 56  ? A ASP 56  ? 1_555 CA ? C CA . ? A CA 150 ? 1_555 O   ? F HOH .   ? A HOH 157 ? 1_555 167.3 ? 
38 OD1 ? A ASP 58  ? A ASP 58  ? 1_555 CA ? C CA . ? A CA 150 ? 1_555 O   ? F HOH .   ? A HOH 157 ? 1_555 80.9  ? 
39 OD1 ? A ASN 60  ? A ASN 60  ? 1_555 CA ? C CA . ? A CA 150 ? 1_555 O   ? F HOH .   ? A HOH 157 ? 1_555 90.5  ? 
40 O   ? A THR 62  ? A THR 62  ? 1_555 CA ? C CA . ? A CA 150 ? 1_555 O   ? F HOH .   ? A HOH 157 ? 1_555 111.2 ? 
41 OE1 ? A GLU 67  ? A GLU 67  ? 1_555 CA ? C CA . ? A CA 150 ? 1_555 O   ? F HOH .   ? A HOH 157 ? 1_555 85.0  ? 
42 OE2 ? A GLU 67  ? A GLU 67  ? 1_555 CA ? C CA . ? A CA 150 ? 1_555 O   ? F HOH .   ? A HOH 157 ? 1_555 84.0  ? 
43 OD1 ? A ASP 93  ? A ASP 93  ? 1_555 CA ? D CA . ? A CA 151 ? 1_555 OD1 ? A ASP 95  ? A ASP 95  ? 1_555 90.0  ? 
44 OD1 ? A ASP 93  ? A ASP 93  ? 1_555 CA ? D CA . ? A CA 151 ? 1_555 OD1 ? A ASN 97  ? A ASN 97  ? 1_555 91.9  ? 
45 OD1 ? A ASP 95  ? A ASP 95  ? 1_555 CA ? D CA . ? A CA 151 ? 1_555 OD1 ? A ASN 97  ? A ASN 97  ? 1_555 70.1  ? 
46 OD1 ? A ASP 93  ? A ASP 93  ? 1_555 CA ? D CA . ? A CA 151 ? 1_555 O   ? A LEU 99  ? A LEU 99  ? 1_555 86.5  ? 
47 OD1 ? A ASP 95  ? A ASP 95  ? 1_555 CA ? D CA . ? A CA 151 ? 1_555 O   ? A LEU 99  ? A LEU 99  ? 1_555 149.2 ? 
48 OD1 ? A ASN 97  ? A ASN 97  ? 1_555 CA ? D CA . ? A CA 151 ? 1_555 O   ? A LEU 99  ? A LEU 99  ? 1_555 79.5  ? 
49 OD1 ? A ASP 93  ? A ASP 93  ? 1_555 CA ? D CA . ? A CA 151 ? 1_555 OE2 ? A GLU 104 ? A GLU 104 ? 1_555 97.5  ? 
50 OD1 ? A ASP 95  ? A ASP 95  ? 1_555 CA ? D CA . ? A CA 151 ? 1_555 OE2 ? A GLU 104 ? A GLU 104 ? 1_555 78.3  ? 
51 OD1 ? A ASN 97  ? A ASN 97  ? 1_555 CA ? D CA . ? A CA 151 ? 1_555 OE2 ? A GLU 104 ? A GLU 104 ? 1_555 147.0 ? 
52 O   ? A LEU 99  ? A LEU 99  ? 1_555 CA ? D CA . ? A CA 151 ? 1_555 OE2 ? A GLU 104 ? A GLU 104 ? 1_555 132.5 ? 
53 OD1 ? A ASP 93  ? A ASP 93  ? 1_555 CA ? D CA . ? A CA 151 ? 1_555 OE1 ? A GLU 104 ? A GLU 104 ? 1_555 101.6 ? 
54 OD1 ? A ASP 95  ? A ASP 95  ? 1_555 CA ? D CA . ? A CA 151 ? 1_555 OE1 ? A GLU 104 ? A GLU 104 ? 1_555 129.9 ? 
55 OD1 ? A ASN 97  ? A ASN 97  ? 1_555 CA ? D CA . ? A CA 151 ? 1_555 OE1 ? A GLU 104 ? A GLU 104 ? 1_555 155.2 ? 
56 O   ? A LEU 99  ? A LEU 99  ? 1_555 CA ? D CA . ? A CA 151 ? 1_555 OE1 ? A GLU 104 ? A GLU 104 ? 1_555 80.6  ? 
57 OE2 ? A GLU 104 ? A GLU 104 ? 1_555 CA ? D CA . ? A CA 151 ? 1_555 OE1 ? A GLU 104 ? A GLU 104 ? 1_555 52.1  ? 
58 OD1 ? A ASP 93  ? A ASP 93  ? 1_555 CA ? D CA . ? A CA 151 ? 1_555 O   ? F HOH .   ? A HOH 189 ? 1_555 162.3 ? 
59 OD1 ? A ASP 95  ? A ASP 95  ? 1_555 CA ? D CA . ? A CA 151 ? 1_555 O   ? F HOH .   ? A HOH 189 ? 1_555 78.4  ? 
60 OD1 ? A ASN 97  ? A ASN 97  ? 1_555 CA ? D CA . ? A CA 151 ? 1_555 O   ? F HOH .   ? A HOH 189 ? 1_555 71.7  ? 
61 O   ? A LEU 99  ? A LEU 99  ? 1_555 CA ? D CA . ? A CA 151 ? 1_555 O   ? F HOH .   ? A HOH 189 ? 1_555 96.7  ? 
62 OE2 ? A GLU 104 ? A GLU 104 ? 1_555 CA ? D CA . ? A CA 151 ? 1_555 O   ? F HOH .   ? A HOH 189 ? 1_555 93.2  ? 
63 OE1 ? A GLU 104 ? A GLU 104 ? 1_555 CA ? D CA . ? A CA 151 ? 1_555 O   ? F HOH .   ? A HOH 189 ? 1_555 96.1  ? 
64 OD1 ? A ASP 129 ? A ASP 129 ? 1_555 CA ? E CA . ? A CA 152 ? 1_555 OD1 ? A ASP 131 ? A ASP 131 ? 1_555 94.9  ? 
65 OD1 ? A ASP 129 ? A ASP 129 ? 1_555 CA ? E CA . ? A CA 152 ? 1_555 OD1 ? A ASP 133 ? A ASP 133 ? 1_555 100.4 ? 
66 OD1 ? A ASP 131 ? A ASP 131 ? 1_555 CA ? E CA . ? A CA 152 ? 1_555 OD1 ? A ASP 133 ? A ASP 133 ? 1_555 78.8  ? 
67 OD1 ? A ASP 129 ? A ASP 129 ? 1_555 CA ? E CA . ? A CA 152 ? 1_555 O   ? A HIS 135 ? A HIS 135 ? 1_555 87.4  ? 
68 OD1 ? A ASP 131 ? A ASP 131 ? 1_555 CA ? E CA . ? A CA 152 ? 1_555 O   ? A HIS 135 ? A HIS 135 ? 1_555 161.1 ? 
69 OD1 ? A ASP 133 ? A ASP 133 ? 1_555 CA ? E CA . ? A CA 152 ? 1_555 O   ? A HIS 135 ? A HIS 135 ? 1_555 82.2  ? 
70 OD1 ? A ASP 129 ? A ASP 129 ? 1_555 CA ? E CA . ? A CA 152 ? 1_555 OE1 ? A GLU 140 ? A GLU 140 ? 1_555 100.8 ? 
71 OD1 ? A ASP 131 ? A ASP 131 ? 1_555 CA ? E CA . ? A CA 152 ? 1_555 OE1 ? A GLU 140 ? A GLU 140 ? 1_555 119.2 ? 
72 OD1 ? A ASP 133 ? A ASP 133 ? 1_555 CA ? E CA . ? A CA 152 ? 1_555 OE1 ? A GLU 140 ? A GLU 140 ? 1_555 150.5 ? 
73 O   ? A HIS 135 ? A HIS 135 ? 1_555 CA ? E CA . ? A CA 152 ? 1_555 OE1 ? A GLU 140 ? A GLU 140 ? 1_555 78.6  ? 
74 OD1 ? A ASP 129 ? A ASP 129 ? 1_555 CA ? E CA . ? A CA 152 ? 1_555 OE2 ? A GLU 140 ? A GLU 140 ? 1_555 87.5  ? 
75 OD1 ? A ASP 131 ? A ASP 131 ? 1_555 CA ? E CA . ? A CA 152 ? 1_555 OE2 ? A GLU 140 ? A GLU 140 ? 1_555 74.4  ? 
76 OD1 ? A ASP 133 ? A ASP 133 ? 1_555 CA ? E CA . ? A CA 152 ? 1_555 OE2 ? A GLU 140 ? A GLU 140 ? 1_555 152.6 ? 
77 O   ? A HIS 135 ? A HIS 135 ? 1_555 CA ? E CA . ? A CA 152 ? 1_555 OE2 ? A GLU 140 ? A GLU 140 ? 1_555 124.6 ? 
78 OE1 ? A GLU 140 ? A GLU 140 ? 1_555 CA ? E CA . ? A CA 152 ? 1_555 OE2 ? A GLU 140 ? A GLU 140 ? 1_555 48.6  ? 
79 OD1 ? A ASP 129 ? A ASP 129 ? 1_555 CA ? E CA . ? A CA 152 ? 1_555 O   ? F HOH .   ? A HOH 181 ? 1_555 170.7 ? 
80 OD1 ? A ASP 131 ? A ASP 131 ? 1_555 CA ? E CA . ? A CA 152 ? 1_555 O   ? F HOH .   ? A HOH 181 ? 1_555 78.1  ? 
81 OD1 ? A ASP 133 ? A ASP 133 ? 1_555 CA ? E CA . ? A CA 152 ? 1_555 O   ? F HOH .   ? A HOH 181 ? 1_555 72.4  ? 
82 O   ? A HIS 135 ? A HIS 135 ? 1_555 CA ? E CA . ? A CA 152 ? 1_555 O   ? F HOH .   ? A HOH 181 ? 1_555 97.3  ? 
83 OE1 ? A GLU 140 ? A GLU 140 ? 1_555 CA ? E CA . ? A CA 152 ? 1_555 O   ? F HOH .   ? A HOH 181 ? 1_555 88.0  ? 
84 OE2 ? A GLU 140 ? A GLU 140 ? 1_555 CA ? E CA . ? A CA 152 ? 1_555 O   ? F HOH .   ? A HOH 181 ? 1_555 96.3  ? 
# 
loop_
_struct_sheet.id 
_struct_sheet.type 
_struct_sheet.number_strands 
_struct_sheet.details 
B1 ? 2 ? 
B2 ? 2 ? 
# 
loop_
_struct_sheet_order.sheet_id 
_struct_sheet_order.range_id_1 
_struct_sheet_order.range_id_2 
_struct_sheet_order.offset 
_struct_sheet_order.sense 
B1 1 2 ? anti-parallel 
B2 1 2 ? anti-parallel 
# 
loop_
_struct_sheet_range.sheet_id 
_struct_sheet_range.id 
_struct_sheet_range.beg_label_comp_id 
_struct_sheet_range.beg_label_asym_id 
_struct_sheet_range.beg_label_seq_id 
_struct_sheet_range.pdbx_beg_PDB_ins_code 
_struct_sheet_range.end_label_comp_id 
_struct_sheet_range.end_label_asym_id 
_struct_sheet_range.end_label_seq_id 
_struct_sheet_range.pdbx_end_PDB_ins_code 
_struct_sheet_range.beg_auth_comp_id 
_struct_sheet_range.beg_auth_asym_id 
_struct_sheet_range.beg_auth_seq_id 
_struct_sheet_range.end_auth_comp_id 
_struct_sheet_range.end_auth_asym_id 
_struct_sheet_range.end_auth_seq_id 
B1 1 THR A 26  ? THR A 28  ? THR A 26  THR A 28  
B1 2 THR A 62  ? ASP A 64  ? THR A 62  ASP A 64  
B2 1 LEU A 99  ? SER A 101 ? LEU A 99  SER A 101 
B2 2 HIS A 135 ? ASN A 137 ? HIS A 135 ASN A 137 
# 
loop_
_struct_site.id 
_struct_site.pdbx_evidence_code 
_struct_site.pdbx_auth_asym_id 
_struct_site.pdbx_auth_comp_id 
_struct_site.pdbx_auth_seq_id 
_struct_site.pdbx_auth_ins_code 
_struct_site.pdbx_num_residues 
_struct_site.details 
EF1 Unknown  ? ?  ?   ? 12 ?                                   
EF2 Unknown  ? ?  ?   ? 12 ?                                   
EF3 Unknown  ? ?  ?   ? 12 ?                                   
EF4 Unknown  ? ?  ?   ? 12 ?                                   
AC1 Software A CA 149 ? 6  'BINDING SITE FOR RESIDUE CA A 149' 
AC2 Software A CA 150 ? 6  'BINDING SITE FOR RESIDUE CA A 150' 
AC3 Software A CA 151 ? 6  'BINDING SITE FOR RESIDUE CA A 151' 
AC4 Software A CA 152 ? 6  'BINDING SITE FOR RESIDUE CA A 152' 
# 
loop_
_struct_site_gen.id 
_struct_site_gen.site_id 
_struct_site_gen.pdbx_num_res 
_struct_site_gen.label_comp_id 
_struct_site_gen.label_asym_id 
_struct_site_gen.label_seq_id 
_struct_site_gen.pdbx_auth_ins_code 
_struct_site_gen.auth_comp_id 
_struct_site_gen.auth_asym_id 
_struct_site_gen.auth_seq_id 
_struct_site_gen.label_atom_id 
_struct_site_gen.label_alt_id 
_struct_site_gen.symmetry 
_struct_site_gen.details 
1  EF1 12 ASP A 20  ? ASP A 20  . ? 1_555 ? 
2  EF1 12 LYS A 21  ? LYS A 21  . ? 1_555 ? 
3  EF1 12 ASP A 22  ? ASP A 22  . ? 1_555 ? 
4  EF1 12 GLY A 23  ? GLY A 23  . ? 1_555 ? 
5  EF1 12 ASP A 24  ? ASP A 24  . ? 1_555 ? 
6  EF1 12 GLY A 25  ? GLY A 25  . ? 1_555 ? 
7  EF1 12 THR A 26  ? THR A 26  . ? 1_555 ? 
8  EF1 12 ILE A 27  ? ILE A 27  . ? 1_555 ? 
9  EF1 12 THR A 28  ? THR A 28  . ? 1_555 ? 
10 EF1 12 THR A 29  ? THR A 29  . ? 1_555 ? 
11 EF1 12 LYS A 30  ? LYS A 30  . ? 1_555 ? 
12 EF1 12 GLU A 31  ? GLU A 31  . ? 1_555 ? 
13 EF2 12 ASP A 56  ? ASP A 56  . ? 1_555 ? 
14 EF2 12 ALA A 57  ? ALA A 57  . ? 1_555 ? 
15 EF2 12 ASP A 58  ? ASP A 58  . ? 1_555 ? 
16 EF2 12 GLY A 59  ? GLY A 59  . ? 1_555 ? 
17 EF2 12 ASN A 60  ? ASN A 60  . ? 1_555 ? 
18 EF2 12 GLY A 61  ? GLY A 61  . ? 1_555 ? 
19 EF2 12 THR A 62  ? THR A 62  . ? 1_555 ? 
20 EF2 12 ILE A 63  ? ILE A 63  . ? 1_555 ? 
21 EF2 12 ASP A 64  ? ASP A 64  . ? 1_555 ? 
22 EF2 12 PHE A 65  ? PHE A 65  . ? 1_555 ? 
23 EF2 12 PRO A 66  ? PRO A 66  . ? 1_555 ? 
24 EF2 12 GLU A 67  ? GLU A 67  . ? 1_555 ? 
25 EF3 12 ASP A 93  ? ASP A 93  . ? 1_555 ? 
26 EF3 12 ARG A 94  ? ARG A 94  . ? 1_555 ? 
27 EF3 12 ASP A 95  ? ASP A 95  . ? 1_555 ? 
28 EF3 12 GLY A 96  ? GLY A 96  . ? 1_555 ? 
29 EF3 12 ASN A 97  ? ASN A 97  . ? 1_555 ? 
30 EF3 12 GLY A 98  ? GLY A 98  . ? 1_555 ? 
31 EF3 12 LEU A 99  ? LEU A 99  . ? 1_555 ? 
32 EF3 12 ILE A 100 ? ILE A 100 . ? 1_555 ? 
33 EF3 12 SER A 101 ? SER A 101 . ? 1_555 ? 
34 EF3 12 ALA A 102 ? ALA A 102 . ? 1_555 ? 
35 EF3 12 ALA A 103 ? ALA A 103 . ? 1_555 ? 
36 EF3 12 GLU A 104 ? GLU A 104 . ? 1_555 ? 
37 EF4 12 ASP A 129 ? ASP A 129 . ? 1_555 ? 
38 EF4 12 ILE A 130 ? ILE A 130 . ? 1_555 ? 
39 EF4 12 ASP A 131 ? ASP A 131 . ? 1_555 ? 
40 EF4 12 GLY A 132 ? GLY A 132 . ? 1_555 ? 
41 EF4 12 ASP A 133 ? ASP A 133 . ? 1_555 ? 
42 EF4 12 GLY A 134 ? GLY A 134 . ? 1_555 ? 
43 EF4 12 HIS A 135 ? HIS A 135 . ? 1_555 ? 
44 EF4 12 ILE A 136 ? ILE A 136 . ? 1_555 ? 
45 EF4 12 ASN A 137 ? ASN A 137 . ? 1_555 ? 
46 EF4 12 TYR A 138 ? TYR A 138 . ? 1_555 ? 
47 EF4 12 GLU A 139 ? GLU A 139 . ? 1_555 ? 
48 EF4 12 GLU A 140 ? GLU A 140 . ? 1_555 ? 
49 AC1 6  ASP A 20  ? ASP A 20  . ? 1_555 ? 
50 AC1 6  ASP A 22  ? ASP A 22  . ? 1_555 ? 
51 AC1 6  ASP A 24  ? ASP A 24  . ? 1_555 ? 
52 AC1 6  THR A 26  ? THR A 26  . ? 1_555 ? 
53 AC1 6  GLU A 31  ? GLU A 31  . ? 1_555 ? 
54 AC1 6  HOH F .   ? HOH A 153 . ? 1_555 ? 
55 AC2 6  ASP A 56  ? ASP A 56  . ? 1_555 ? 
56 AC2 6  ASP A 58  ? ASP A 58  . ? 1_555 ? 
57 AC2 6  ASN A 60  ? ASN A 60  . ? 1_555 ? 
58 AC2 6  THR A 62  ? THR A 62  . ? 1_555 ? 
59 AC2 6  GLU A 67  ? GLU A 67  . ? 1_555 ? 
60 AC2 6  HOH F .   ? HOH A 157 . ? 1_555 ? 
61 AC3 6  ASP A 93  ? ASP A 93  . ? 1_555 ? 
62 AC3 6  ASP A 95  ? ASP A 95  . ? 1_555 ? 
63 AC3 6  ASN A 97  ? ASN A 97  . ? 1_555 ? 
64 AC3 6  LEU A 99  ? LEU A 99  . ? 1_555 ? 
65 AC3 6  GLU A 104 ? GLU A 104 . ? 1_555 ? 
66 AC3 6  HOH F .   ? HOH A 189 . ? 1_555 ? 
67 AC4 6  ASP A 129 ? ASP A 129 . ? 1_555 ? 
68 AC4 6  ASP A 131 ? ASP A 131 . ? 1_555 ? 
69 AC4 6  ASP A 133 ? ASP A 133 . ? 1_555 ? 
70 AC4 6  HIS A 135 ? HIS A 135 . ? 1_555 ? 
71 AC4 6  GLU A 140 ? GLU A 140 . ? 1_555 ? 
72 AC4 6  HOH F .   ? HOH A 181 . ? 1_555 ? 
# 
_pdbx_validate_rmsd_bond.id                        1 
_pdbx_validate_rmsd_bond.PDB_model_num             1 
_pdbx_validate_rmsd_bond.auth_atom_id_1            NE2 
_pdbx_validate_rmsd_bond.auth_asym_id_1            A 
_pdbx_validate_rmsd_bond.auth_comp_id_1            HIS 
_pdbx_validate_rmsd_bond.auth_seq_id_1             135 
_pdbx_validate_rmsd_bond.PDB_ins_code_1            ? 
_pdbx_validate_rmsd_bond.label_alt_id_1            ? 
_pdbx_validate_rmsd_bond.auth_atom_id_2            CD2 
_pdbx_validate_rmsd_bond.auth_asym_id_2            A 
_pdbx_validate_rmsd_bond.auth_comp_id_2            HIS 
_pdbx_validate_rmsd_bond.auth_seq_id_2             135 
_pdbx_validate_rmsd_bond.PDB_ins_code_2            ? 
_pdbx_validate_rmsd_bond.label_alt_id_2            ? 
_pdbx_validate_rmsd_bond.bond_value                1.305 
_pdbx_validate_rmsd_bond.bond_target_value         1.373 
_pdbx_validate_rmsd_bond.bond_deviation            -0.068 
_pdbx_validate_rmsd_bond.bond_standard_deviation   0.011 
_pdbx_validate_rmsd_bond.linker_flag               N 
# 
loop_
_pdbx_validate_rmsd_angle.id 
_pdbx_validate_rmsd_angle.PDB_model_num 
_pdbx_validate_rmsd_angle.auth_atom_id_1 
_pdbx_validate_rmsd_angle.auth_asym_id_1 
_pdbx_validate_rmsd_angle.auth_comp_id_1 
_pdbx_validate_rmsd_angle.auth_seq_id_1 
_pdbx_validate_rmsd_angle.PDB_ins_code_1 
_pdbx_validate_rmsd_angle.label_alt_id_1 
_pdbx_validate_rmsd_angle.auth_atom_id_2 
_pdbx_validate_rmsd_angle.auth_asym_id_2 
_pdbx_validate_rmsd_angle.auth_comp_id_2 
_pdbx_validate_rmsd_angle.auth_seq_id_2 
_pdbx_validate_rmsd_angle.PDB_ins_code_2 
_pdbx_validate_rmsd_angle.label_alt_id_2 
_pdbx_validate_rmsd_angle.auth_atom_id_3 
_pdbx_validate_rmsd_angle.auth_asym_id_3 
_pdbx_validate_rmsd_angle.auth_comp_id_3 
_pdbx_validate_rmsd_angle.auth_seq_id_3 
_pdbx_validate_rmsd_angle.PDB_ins_code_3 
_pdbx_validate_rmsd_angle.label_alt_id_3 
_pdbx_validate_rmsd_angle.angle_value 
_pdbx_validate_rmsd_angle.angle_target_value 
_pdbx_validate_rmsd_angle.angle_deviation 
_pdbx_validate_rmsd_angle.angle_standard_deviation 
_pdbx_validate_rmsd_angle.linker_flag 
1 1 CA A THR 62  ? ? CB A THR 62  ? ? CG2 A THR 62  ? ? 121.94 112.40 9.54  1.40 N 
2 1 NE A ARG 106 ? ? CZ A ARG 106 ? ? NH2 A ARG 106 ? ? 116.28 120.30 -4.02 0.50 N 
# 
loop_
_pdbx_validate_torsion.id 
_pdbx_validate_torsion.PDB_model_num 
_pdbx_validate_torsion.auth_comp_id 
_pdbx_validate_torsion.auth_asym_id 
_pdbx_validate_torsion.auth_seq_id 
_pdbx_validate_torsion.PDB_ins_code 
_pdbx_validate_torsion.label_alt_id 
_pdbx_validate_torsion.phi 
_pdbx_validate_torsion.psi 
1 1 GLU A 2   ? ? 170.38 166.20 
2 1 GLN A 3   ? ? 162.33 -58.73 
3 1 SER A 147 ? ? 152.64 130.29 
# 
loop_
_chem_comp_atom.comp_id 
_chem_comp_atom.atom_id 
_chem_comp_atom.type_symbol 
_chem_comp_atom.pdbx_aromatic_flag 
_chem_comp_atom.pdbx_stereo_config 
_chem_comp_atom.pdbx_ordinal 
ALA N    N  N N 1   
ALA CA   C  N S 2   
ALA C    C  N N 3   
ALA O    O  N N 4   
ALA CB   C  N N 5   
ALA OXT  O  N N 6   
ALA H    H  N N 7   
ALA H2   H  N N 8   
ALA HA   H  N N 9   
ALA HB1  H  N N 10  
ALA HB2  H  N N 11  
ALA HB3  H  N N 12  
ALA HXT  H  N N 13  
ARG N    N  N N 14  
ARG CA   C  N S 15  
ARG C    C  N N 16  
ARG O    O  N N 17  
ARG CB   C  N N 18  
ARG CG   C  N N 19  
ARG CD   C  N N 20  
ARG NE   N  N N 21  
ARG CZ   C  N N 22  
ARG NH1  N  N N 23  
ARG NH2  N  N N 24  
ARG OXT  O  N N 25  
ARG H    H  N N 26  
ARG H2   H  N N 27  
ARG HA   H  N N 28  
ARG HB2  H  N N 29  
ARG HB3  H  N N 30  
ARG HG2  H  N N 31  
ARG HG3  H  N N 32  
ARG HD2  H  N N 33  
ARG HD3  H  N N 34  
ARG HE   H  N N 35  
ARG HH11 H  N N 36  
ARG HH12 H  N N 37  
ARG HH21 H  N N 38  
ARG HH22 H  N N 39  
ARG HXT  H  N N 40  
ASN N    N  N N 41  
ASN CA   C  N S 42  
ASN C    C  N N 43  
ASN O    O  N N 44  
ASN CB   C  N N 45  
ASN CG   C  N N 46  
ASN OD1  O  N N 47  
ASN ND2  N  N N 48  
ASN OXT  O  N N 49  
ASN H    H  N N 50  
ASN H2   H  N N 51  
ASN HA   H  N N 52  
ASN HB2  H  N N 53  
ASN HB3  H  N N 54  
ASN HD21 H  N N 55  
ASN HD22 H  N N 56  
ASN HXT  H  N N 57  
ASP N    N  N N 58  
ASP CA   C  N S 59  
ASP C    C  N N 60  
ASP O    O  N N 61  
ASP CB   C  N N 62  
ASP CG   C  N N 63  
ASP OD1  O  N N 64  
ASP OD2  O  N N 65  
ASP OXT  O  N N 66  
ASP H    H  N N 67  
ASP H2   H  N N 68  
ASP HA   H  N N 69  
ASP HB2  H  N N 70  
ASP HB3  H  N N 71  
ASP HD2  H  N N 72  
ASP HXT  H  N N 73  
CA  CA   CA N N 74  
GLN N    N  N N 75  
GLN CA   C  N S 76  
GLN C    C  N N 77  
GLN O    O  N N 78  
GLN CB   C  N N 79  
GLN CG   C  N N 80  
GLN CD   C  N N 81  
GLN OE1  O  N N 82  
GLN NE2  N  N N 83  
GLN OXT  O  N N 84  
GLN H    H  N N 85  
GLN H2   H  N N 86  
GLN HA   H  N N 87  
GLN HB2  H  N N 88  
GLN HB3  H  N N 89  
GLN HG2  H  N N 90  
GLN HG3  H  N N 91  
GLN HE21 H  N N 92  
GLN HE22 H  N N 93  
GLN HXT  H  N N 94  
GLU N    N  N N 95  
GLU CA   C  N S 96  
GLU C    C  N N 97  
GLU O    O  N N 98  
GLU CB   C  N N 99  
GLU CG   C  N N 100 
GLU CD   C  N N 101 
GLU OE1  O  N N 102 
GLU OE2  O  N N 103 
GLU OXT  O  N N 104 
GLU H    H  N N 105 
GLU H2   H  N N 106 
GLU HA   H  N N 107 
GLU HB2  H  N N 108 
GLU HB3  H  N N 109 
GLU HG2  H  N N 110 
GLU HG3  H  N N 111 
GLU HE2  H  N N 112 
GLU HXT  H  N N 113 
GLY N    N  N N 114 
GLY CA   C  N N 115 
GLY C    C  N N 116 
GLY O    O  N N 117 
GLY OXT  O  N N 118 
GLY H    H  N N 119 
GLY H2   H  N N 120 
GLY HA2  H  N N 121 
GLY HA3  H  N N 122 
GLY HXT  H  N N 123 
HIS N    N  N N 124 
HIS CA   C  N S 125 
HIS C    C  N N 126 
HIS O    O  N N 127 
HIS CB   C  N N 128 
HIS CG   C  Y N 129 
HIS ND1  N  Y N 130 
HIS CD2  C  Y N 131 
HIS CE1  C  Y N 132 
HIS NE2  N  Y N 133 
HIS OXT  O  N N 134 
HIS H    H  N N 135 
HIS H2   H  N N 136 
HIS HA   H  N N 137 
HIS HB2  H  N N 138 
HIS HB3  H  N N 139 
HIS HD1  H  N N 140 
HIS HD2  H  N N 141 
HIS HE1  H  N N 142 
HIS HE2  H  N N 143 
HIS HXT  H  N N 144 
HOH O    O  N N 145 
HOH H1   H  N N 146 
HOH H2   H  N N 147 
ILE N    N  N N 148 
ILE CA   C  N S 149 
ILE C    C  N N 150 
ILE O    O  N N 151 
ILE CB   C  N S 152 
ILE CG1  C  N N 153 
ILE CG2  C  N N 154 
ILE CD1  C  N N 155 
ILE OXT  O  N N 156 
ILE H    H  N N 157 
ILE H2   H  N N 158 
ILE HA   H  N N 159 
ILE HB   H  N N 160 
ILE HG12 H  N N 161 
ILE HG13 H  N N 162 
ILE HG21 H  N N 163 
ILE HG22 H  N N 164 
ILE HG23 H  N N 165 
ILE HD11 H  N N 166 
ILE HD12 H  N N 167 
ILE HD13 H  N N 168 
ILE HXT  H  N N 169 
LEU N    N  N N 170 
LEU CA   C  N S 171 
LEU C    C  N N 172 
LEU O    O  N N 173 
LEU CB   C  N N 174 
LEU CG   C  N N 175 
LEU CD1  C  N N 176 
LEU CD2  C  N N 177 
LEU OXT  O  N N 178 
LEU H    H  N N 179 
LEU H2   H  N N 180 
LEU HA   H  N N 181 
LEU HB2  H  N N 182 
LEU HB3  H  N N 183 
LEU HG   H  N N 184 
LEU HD11 H  N N 185 
LEU HD12 H  N N 186 
LEU HD13 H  N N 187 
LEU HD21 H  N N 188 
LEU HD22 H  N N 189 
LEU HD23 H  N N 190 
LEU HXT  H  N N 191 
LYS N    N  N N 192 
LYS CA   C  N S 193 
LYS C    C  N N 194 
LYS O    O  N N 195 
LYS CB   C  N N 196 
LYS CG   C  N N 197 
LYS CD   C  N N 198 
LYS CE   C  N N 199 
LYS NZ   N  N N 200 
LYS OXT  O  N N 201 
LYS H    H  N N 202 
LYS H2   H  N N 203 
LYS HA   H  N N 204 
LYS HB2  H  N N 205 
LYS HB3  H  N N 206 
LYS HG2  H  N N 207 
LYS HG3  H  N N 208 
LYS HD2  H  N N 209 
LYS HD3  H  N N 210 
LYS HE2  H  N N 211 
LYS HE3  H  N N 212 
LYS HZ1  H  N N 213 
LYS HZ2  H  N N 214 
LYS HZ3  H  N N 215 
LYS HXT  H  N N 216 
MET N    N  N N 217 
MET CA   C  N S 218 
MET C    C  N N 219 
MET O    O  N N 220 
MET CB   C  N N 221 
MET CG   C  N N 222 
MET SD   S  N N 223 
MET CE   C  N N 224 
MET OXT  O  N N 225 
MET H    H  N N 226 
MET H2   H  N N 227 
MET HA   H  N N 228 
MET HB2  H  N N 229 
MET HB3  H  N N 230 
MET HG2  H  N N 231 
MET HG3  H  N N 232 
MET HE1  H  N N 233 
MET HE2  H  N N 234 
MET HE3  H  N N 235 
MET HXT  H  N N 236 
PHE N    N  N N 237 
PHE CA   C  N S 238 
PHE C    C  N N 239 
PHE O    O  N N 240 
PHE CB   C  N N 241 
PHE CG   C  Y N 242 
PHE CD1  C  Y N 243 
PHE CD2  C  Y N 244 
PHE CE1  C  Y N 245 
PHE CE2  C  Y N 246 
PHE CZ   C  Y N 247 
PHE OXT  O  N N 248 
PHE H    H  N N 249 
PHE H2   H  N N 250 
PHE HA   H  N N 251 
PHE HB2  H  N N 252 
PHE HB3  H  N N 253 
PHE HD1  H  N N 254 
PHE HD2  H  N N 255 
PHE HE1  H  N N 256 
PHE HE2  H  N N 257 
PHE HZ   H  N N 258 
PHE HXT  H  N N 259 
PRO N    N  N N 260 
PRO CA   C  N S 261 
PRO C    C  N N 262 
PRO O    O  N N 263 
PRO CB   C  N N 264 
PRO CG   C  N N 265 
PRO CD   C  N N 266 
PRO OXT  O  N N 267 
PRO H    H  N N 268 
PRO HA   H  N N 269 
PRO HB2  H  N N 270 
PRO HB3  H  N N 271 
PRO HG2  H  N N 272 
PRO HG3  H  N N 273 
PRO HD2  H  N N 274 
PRO HD3  H  N N 275 
PRO HXT  H  N N 276 
SER N    N  N N 277 
SER CA   C  N S 278 
SER C    C  N N 279 
SER O    O  N N 280 
SER CB   C  N N 281 
SER OG   O  N N 282 
SER OXT  O  N N 283 
SER H    H  N N 284 
SER H2   H  N N 285 
SER HA   H  N N 286 
SER HB2  H  N N 287 
SER HB3  H  N N 288 
SER HG   H  N N 289 
SER HXT  H  N N 290 
THR N    N  N N 291 
THR CA   C  N S 292 
THR C    C  N N 293 
THR O    O  N N 294 
THR CB   C  N R 295 
THR OG1  O  N N 296 
THR CG2  C  N N 297 
THR OXT  O  N N 298 
THR H    H  N N 299 
THR H2   H  N N 300 
THR HA   H  N N 301 
THR HB   H  N N 302 
THR HG1  H  N N 303 
THR HG21 H  N N 304 
THR HG22 H  N N 305 
THR HG23 H  N N 306 
THR HXT  H  N N 307 
TYR N    N  N N 308 
TYR CA   C  N S 309 
TYR C    C  N N 310 
TYR O    O  N N 311 
TYR CB   C  N N 312 
TYR CG   C  Y N 313 
TYR CD1  C  Y N 314 
TYR CD2  C  Y N 315 
TYR CE1  C  Y N 316 
TYR CE2  C  Y N 317 
TYR CZ   C  Y N 318 
TYR OH   O  N N 319 
TYR OXT  O  N N 320 
TYR H    H  N N 321 
TYR H2   H  N N 322 
TYR HA   H  N N 323 
TYR HB2  H  N N 324 
TYR HB3  H  N N 325 
TYR HD1  H  N N 326 
TYR HD2  H  N N 327 
TYR HE1  H  N N 328 
TYR HE2  H  N N 329 
TYR HH   H  N N 330 
TYR HXT  H  N N 331 
VAL N    N  N N 332 
VAL CA   C  N S 333 
VAL C    C  N N 334 
VAL O    O  N N 335 
VAL CB   C  N N 336 
VAL CG1  C  N N 337 
VAL CG2  C  N N 338 
VAL OXT  O  N N 339 
VAL H    H  N N 340 
VAL H2   H  N N 341 
VAL HA   H  N N 342 
VAL HB   H  N N 343 
VAL HG11 H  N N 344 
VAL HG12 H  N N 345 
VAL HG13 H  N N 346 
VAL HG21 H  N N 347 
VAL HG22 H  N N 348 
VAL HG23 H  N N 349 
VAL HXT  H  N N 350 
# 
loop_
_chem_comp_bond.comp_id 
_chem_comp_bond.atom_id_1 
_chem_comp_bond.atom_id_2 
_chem_comp_bond.value_order 
_chem_comp_bond.pdbx_aromatic_flag 
_chem_comp_bond.pdbx_stereo_config 
_chem_comp_bond.pdbx_ordinal 
ALA N   CA   sing N N 1   
ALA N   H    sing N N 2   
ALA N   H2   sing N N 3   
ALA CA  C    sing N N 4   
ALA CA  CB   sing N N 5   
ALA CA  HA   sing N N 6   
ALA C   O    doub N N 7   
ALA C   OXT  sing N N 8   
ALA CB  HB1  sing N N 9   
ALA CB  HB2  sing N N 10  
ALA CB  HB3  sing N N 11  
ALA OXT HXT  sing N N 12  
ARG N   CA   sing N N 13  
ARG N   H    sing N N 14  
ARG N   H2   sing N N 15  
ARG CA  C    sing N N 16  
ARG CA  CB   sing N N 17  
ARG CA  HA   sing N N 18  
ARG C   O    doub N N 19  
ARG C   OXT  sing N N 20  
ARG CB  CG   sing N N 21  
ARG CB  HB2  sing N N 22  
ARG CB  HB3  sing N N 23  
ARG CG  CD   sing N N 24  
ARG CG  HG2  sing N N 25  
ARG CG  HG3  sing N N 26  
ARG CD  NE   sing N N 27  
ARG CD  HD2  sing N N 28  
ARG CD  HD3  sing N N 29  
ARG NE  CZ   sing N N 30  
ARG NE  HE   sing N N 31  
ARG CZ  NH1  sing N N 32  
ARG CZ  NH2  doub N N 33  
ARG NH1 HH11 sing N N 34  
ARG NH1 HH12 sing N N 35  
ARG NH2 HH21 sing N N 36  
ARG NH2 HH22 sing N N 37  
ARG OXT HXT  sing N N 38  
ASN N   CA   sing N N 39  
ASN N   H    sing N N 40  
ASN N   H2   sing N N 41  
ASN CA  C    sing N N 42  
ASN CA  CB   sing N N 43  
ASN CA  HA   sing N N 44  
ASN C   O    doub N N 45  
ASN C   OXT  sing N N 46  
ASN CB  CG   sing N N 47  
ASN CB  HB2  sing N N 48  
ASN CB  HB3  sing N N 49  
ASN CG  OD1  doub N N 50  
ASN CG  ND2  sing N N 51  
ASN ND2 HD21 sing N N 52  
ASN ND2 HD22 sing N N 53  
ASN OXT HXT  sing N N 54  
ASP N   CA   sing N N 55  
ASP N   H    sing N N 56  
ASP N   H2   sing N N 57  
ASP CA  C    sing N N 58  
ASP CA  CB   sing N N 59  
ASP CA  HA   sing N N 60  
ASP C   O    doub N N 61  
ASP C   OXT  sing N N 62  
ASP CB  CG   sing N N 63  
ASP CB  HB2  sing N N 64  
ASP CB  HB3  sing N N 65  
ASP CG  OD1  doub N N 66  
ASP CG  OD2  sing N N 67  
ASP OD2 HD2  sing N N 68  
ASP OXT HXT  sing N N 69  
GLN N   CA   sing N N 70  
GLN N   H    sing N N 71  
GLN N   H2   sing N N 72  
GLN CA  C    sing N N 73  
GLN CA  CB   sing N N 74  
GLN CA  HA   sing N N 75  
GLN C   O    doub N N 76  
GLN C   OXT  sing N N 77  
GLN CB  CG   sing N N 78  
GLN CB  HB2  sing N N 79  
GLN CB  HB3  sing N N 80  
GLN CG  CD   sing N N 81  
GLN CG  HG2  sing N N 82  
GLN CG  HG3  sing N N 83  
GLN CD  OE1  doub N N 84  
GLN CD  NE2  sing N N 85  
GLN NE2 HE21 sing N N 86  
GLN NE2 HE22 sing N N 87  
GLN OXT HXT  sing N N 88  
GLU N   CA   sing N N 89  
GLU N   H    sing N N 90  
GLU N   H2   sing N N 91  
GLU CA  C    sing N N 92  
GLU CA  CB   sing N N 93  
GLU CA  HA   sing N N 94  
GLU C   O    doub N N 95  
GLU C   OXT  sing N N 96  
GLU CB  CG   sing N N 97  
GLU CB  HB2  sing N N 98  
GLU CB  HB3  sing N N 99  
GLU CG  CD   sing N N 100 
GLU CG  HG2  sing N N 101 
GLU CG  HG3  sing N N 102 
GLU CD  OE1  doub N N 103 
GLU CD  OE2  sing N N 104 
GLU OE2 HE2  sing N N 105 
GLU OXT HXT  sing N N 106 
GLY N   CA   sing N N 107 
GLY N   H    sing N N 108 
GLY N   H2   sing N N 109 
GLY CA  C    sing N N 110 
GLY CA  HA2  sing N N 111 
GLY CA  HA3  sing N N 112 
GLY C   O    doub N N 113 
GLY C   OXT  sing N N 114 
GLY OXT HXT  sing N N 115 
HIS N   CA   sing N N 116 
HIS N   H    sing N N 117 
HIS N   H2   sing N N 118 
HIS CA  C    sing N N 119 
HIS CA  CB   sing N N 120 
HIS CA  HA   sing N N 121 
HIS C   O    doub N N 122 
HIS C   OXT  sing N N 123 
HIS CB  CG   sing N N 124 
HIS CB  HB2  sing N N 125 
HIS CB  HB3  sing N N 126 
HIS CG  ND1  sing Y N 127 
HIS CG  CD2  doub Y N 128 
HIS ND1 CE1  doub Y N 129 
HIS ND1 HD1  sing N N 130 
HIS CD2 NE2  sing Y N 131 
HIS CD2 HD2  sing N N 132 
HIS CE1 NE2  sing Y N 133 
HIS CE1 HE1  sing N N 134 
HIS NE2 HE2  sing N N 135 
HIS OXT HXT  sing N N 136 
HOH O   H1   sing N N 137 
HOH O   H2   sing N N 138 
ILE N   CA   sing N N 139 
ILE N   H    sing N N 140 
ILE N   H2   sing N N 141 
ILE CA  C    sing N N 142 
ILE CA  CB   sing N N 143 
ILE CA  HA   sing N N 144 
ILE C   O    doub N N 145 
ILE C   OXT  sing N N 146 
ILE CB  CG1  sing N N 147 
ILE CB  CG2  sing N N 148 
ILE CB  HB   sing N N 149 
ILE CG1 CD1  sing N N 150 
ILE CG1 HG12 sing N N 151 
ILE CG1 HG13 sing N N 152 
ILE CG2 HG21 sing N N 153 
ILE CG2 HG22 sing N N 154 
ILE CG2 HG23 sing N N 155 
ILE CD1 HD11 sing N N 156 
ILE CD1 HD12 sing N N 157 
ILE CD1 HD13 sing N N 158 
ILE OXT HXT  sing N N 159 
LEU N   CA   sing N N 160 
LEU N   H    sing N N 161 
LEU N   H2   sing N N 162 
LEU CA  C    sing N N 163 
LEU CA  CB   sing N N 164 
LEU CA  HA   sing N N 165 
LEU C   O    doub N N 166 
LEU C   OXT  sing N N 167 
LEU CB  CG   sing N N 168 
LEU CB  HB2  sing N N 169 
LEU CB  HB3  sing N N 170 
LEU CG  CD1  sing N N 171 
LEU CG  CD2  sing N N 172 
LEU CG  HG   sing N N 173 
LEU CD1 HD11 sing N N 174 
LEU CD1 HD12 sing N N 175 
LEU CD1 HD13 sing N N 176 
LEU CD2 HD21 sing N N 177 
LEU CD2 HD22 sing N N 178 
LEU CD2 HD23 sing N N 179 
LEU OXT HXT  sing N N 180 
LYS N   CA   sing N N 181 
LYS N   H    sing N N 182 
LYS N   H2   sing N N 183 
LYS CA  C    sing N N 184 
LYS CA  CB   sing N N 185 
LYS CA  HA   sing N N 186 
LYS C   O    doub N N 187 
LYS C   OXT  sing N N 188 
LYS CB  CG   sing N N 189 
LYS CB  HB2  sing N N 190 
LYS CB  HB3  sing N N 191 
LYS CG  CD   sing N N 192 
LYS CG  HG2  sing N N 193 
LYS CG  HG3  sing N N 194 
LYS CD  CE   sing N N 195 
LYS CD  HD2  sing N N 196 
LYS CD  HD3  sing N N 197 
LYS CE  NZ   sing N N 198 
LYS CE  HE2  sing N N 199 
LYS CE  HE3  sing N N 200 
LYS NZ  HZ1  sing N N 201 
LYS NZ  HZ2  sing N N 202 
LYS NZ  HZ3  sing N N 203 
LYS OXT HXT  sing N N 204 
MET N   CA   sing N N 205 
MET N   H    sing N N 206 
MET N   H2   sing N N 207 
MET CA  C    sing N N 208 
MET CA  CB   sing N N 209 
MET CA  HA   sing N N 210 
MET C   O    doub N N 211 
MET C   OXT  sing N N 212 
MET CB  CG   sing N N 213 
MET CB  HB2  sing N N 214 
MET CB  HB3  sing N N 215 
MET CG  SD   sing N N 216 
MET CG  HG2  sing N N 217 
MET CG  HG3  sing N N 218 
MET SD  CE   sing N N 219 
MET CE  HE1  sing N N 220 
MET CE  HE2  sing N N 221 
MET CE  HE3  sing N N 222 
MET OXT HXT  sing N N 223 
PHE N   CA   sing N N 224 
PHE N   H    sing N N 225 
PHE N   H2   sing N N 226 
PHE CA  C    sing N N 227 
PHE CA  CB   sing N N 228 
PHE CA  HA   sing N N 229 
PHE C   O    doub N N 230 
PHE C   OXT  sing N N 231 
PHE CB  CG   sing N N 232 
PHE CB  HB2  sing N N 233 
PHE CB  HB3  sing N N 234 
PHE CG  CD1  doub Y N 235 
PHE CG  CD2  sing Y N 236 
PHE CD1 CE1  sing Y N 237 
PHE CD1 HD1  sing N N 238 
PHE CD2 CE2  doub Y N 239 
PHE CD2 HD2  sing N N 240 
PHE CE1 CZ   doub Y N 241 
PHE CE1 HE1  sing N N 242 
PHE CE2 CZ   sing Y N 243 
PHE CE2 HE2  sing N N 244 
PHE CZ  HZ   sing N N 245 
PHE OXT HXT  sing N N 246 
PRO N   CA   sing N N 247 
PRO N   CD   sing N N 248 
PRO N   H    sing N N 249 
PRO CA  C    sing N N 250 
PRO CA  CB   sing N N 251 
PRO CA  HA   sing N N 252 
PRO C   O    doub N N 253 
PRO C   OXT  sing N N 254 
PRO CB  CG   sing N N 255 
PRO CB  HB2  sing N N 256 
PRO CB  HB3  sing N N 257 
PRO CG  CD   sing N N 258 
PRO CG  HG2  sing N N 259 
PRO CG  HG3  sing N N 260 
PRO CD  HD2  sing N N 261 
PRO CD  HD3  sing N N 262 
PRO OXT HXT  sing N N 263 
SER N   CA   sing N N 264 
SER N   H    sing N N 265 
SER N   H2   sing N N 266 
SER CA  C    sing N N 267 
SER CA  CB   sing N N 268 
SER CA  HA   sing N N 269 
SER C   O    doub N N 270 
SER C   OXT  sing N N 271 
SER CB  OG   sing N N 272 
SER CB  HB2  sing N N 273 
SER CB  HB3  sing N N 274 
SER OG  HG   sing N N 275 
SER OXT HXT  sing N N 276 
THR N   CA   sing N N 277 
THR N   H    sing N N 278 
THR N   H2   sing N N 279 
THR CA  C    sing N N 280 
THR CA  CB   sing N N 281 
THR CA  HA   sing N N 282 
THR C   O    doub N N 283 
THR C   OXT  sing N N 284 
THR CB  OG1  sing N N 285 
THR CB  CG2  sing N N 286 
THR CB  HB   sing N N 287 
THR OG1 HG1  sing N N 288 
THR CG2 HG21 sing N N 289 
THR CG2 HG22 sing N N 290 
THR CG2 HG23 sing N N 291 
THR OXT HXT  sing N N 292 
TYR N   CA   sing N N 293 
TYR N   H    sing N N 294 
TYR N   H2   sing N N 295 
TYR CA  C    sing N N 296 
TYR CA  CB   sing N N 297 
TYR CA  HA   sing N N 298 
TYR C   O    doub N N 299 
TYR C   OXT  sing N N 300 
TYR CB  CG   sing N N 301 
TYR CB  HB2  sing N N 302 
TYR CB  HB3  sing N N 303 
TYR CG  CD1  doub Y N 304 
TYR CG  CD2  sing Y N 305 
TYR CD1 CE1  sing Y N 306 
TYR CD1 HD1  sing N N 307 
TYR CD2 CE2  doub Y N 308 
TYR CD2 HD2  sing N N 309 
TYR CE1 CZ   doub Y N 310 
TYR CE1 HE1  sing N N 311 
TYR CE2 CZ   sing Y N 312 
TYR CE2 HE2  sing N N 313 
TYR CZ  OH   sing N N 314 
TYR OH  HH   sing N N 315 
TYR OXT HXT  sing N N 316 
VAL N   CA   sing N N 317 
VAL N   H    sing N N 318 
VAL N   H2   sing N N 319 
VAL CA  C    sing N N 320 
VAL CA  CB   sing N N 321 
VAL CA  HA   sing N N 322 
VAL C   O    doub N N 323 
VAL C   OXT  sing N N 324 
VAL CB  CG1  sing N N 325 
VAL CB  CG2  sing N N 326 
VAL CB  HB   sing N N 327 
VAL CG1 HG11 sing N N 328 
VAL CG1 HG12 sing N N 329 
VAL CG1 HG13 sing N N 330 
VAL CG2 HG21 sing N N 331 
VAL CG2 HG22 sing N N 332 
VAL CG2 HG23 sing N N 333 
VAL OXT HXT  sing N N 334 
# 
_atom_sites.entry_id                    1OSA 
_atom_sites.fract_transf_matrix[1][1]   0.02245672 
_atom_sites.fract_transf_matrix[1][2]   -0.00725971 
_atom_sites.fract_transf_matrix[1][3]   0.02405472 
_atom_sites.fract_transf_matrix[2][1]   0.01390354 
_atom_sites.fract_transf_matrix[2][2]   0.00436872 
_atom_sites.fract_transf_matrix[2][3]   -0.01180991 
_atom_sites.fract_transf_matrix[3][1]   0.00384065 
_atom_sites.fract_transf_matrix[3][2]   0.03698597 
_atom_sites.fract_transf_matrix[3][3]   0.01422540 
_atom_sites.fract_transf_vector[1]      0.051528 
_atom_sites.fract_transf_vector[2]      0.636399 
_atom_sites.fract_transf_vector[3]      0.728299 
# 
loop_
_atom_type.symbol 
C  
CA 
N  
O  
S  
# 
loop_
_atom_site.group_PDB 
_atom_site.id 
_atom_site.type_symbol 
_atom_site.label_atom_id 
_atom_site.label_alt_id 
_atom_site.label_comp_id 
_atom_site.label_asym_id 
_atom_site.label_entity_id 
_atom_site.label_seq_id 
_atom_site.pdbx_PDB_ins_code 
_atom_site.Cartn_x 
_atom_site.Cartn_y 
_atom_site.Cartn_z 
_atom_site.occupancy 
_atom_site.B_iso_or_equiv 
_atom_site.pdbx_formal_charge 
_atom_site.auth_seq_id 
_atom_site.auth_comp_id 
_atom_site.auth_asym_id 
_atom_site.auth_atom_id 
_atom_site.pdbx_PDB_model_num 
ATOM   1    N  N   . ALA A 1 1   ? -21.732 12.883  -12.720 1.00 52.15 ? 1   ALA A N   1 
ATOM   2    C  CA  . ALA A 1 1   ? -22.022 13.742  -11.590 1.00 52.65 ? 1   ALA A CA  1 
ATOM   3    C  C   . ALA A 1 1   ? -20.895 13.711  -10.542 1.00 52.90 ? 1   ALA A C   1 
ATOM   4    O  O   . ALA A 1 1   ? -21.086 14.114  -9.385  1.00 54.40 ? 1   ALA A O   1 
ATOM   5    C  CB  . ALA A 1 1   ? -23.319 13.284  -10.923 1.00 51.70 ? 1   ALA A CB  1 
ATOM   6    N  N   . GLU A 1 2   ? -19.715 13.233  -10.936 1.00 52.11 ? 2   GLU A N   1 
ATOM   7    C  CA  . GLU A 1 2   ? -18.571 13.194  -9.998  1.00 51.41 ? 2   GLU A CA  1 
ATOM   8    C  C   . GLU A 1 2   ? -17.358 12.409  -10.519 1.00 50.02 ? 2   GLU A C   1 
ATOM   9    O  O   . GLU A 1 2   ? -17.455 11.664  -11.505 1.00 51.53 ? 2   GLU A O   1 
ATOM   10   C  CB  . GLU A 1 2   ? -18.970 12.511  -8.689  1.00 53.88 ? 2   GLU A CB  1 
ATOM   11   C  CG  . GLU A 1 2   ? -17.782 11.837  -7.996  1.00 58.83 ? 2   GLU A CG  1 
ATOM   12   C  CD  . GLU A 1 2   ? -18.190 10.677  -7.084  1.00 61.44 ? 2   GLU A CD  1 
ATOM   13   O  OE1 . GLU A 1 2   ? -18.435 9.515   -7.588  1.00 64.20 ? 2   GLU A OE1 1 
ATOM   14   O  OE2 . GLU A 1 2   ? -18.289 10.862  -5.811  1.00 64.01 ? 2   GLU A OE2 1 
ATOM   15   N  N   . GLN A 1 3   ? -16.274 12.652  -9.782  1.00 47.69 ? 3   GLN A N   1 
ATOM   16   C  CA  . GLN A 1 3   ? -14.949 12.029  -9.967  1.00 45.25 ? 3   GLN A CA  1 
ATOM   17   C  C   . GLN A 1 3   ? -13.868 12.855  -9.246  1.00 43.24 ? 3   GLN A C   1 
ATOM   18   O  O   . GLN A 1 3   ? -13.163 12.351  -8.358  1.00 43.96 ? 3   GLN A O   1 
ATOM   19   C  CB  . GLN A 1 3   ? -14.584 11.896  -11.449 1.00 46.42 ? 3   GLN A CB  1 
ATOM   20   C  CG  . GLN A 1 3   ? -14.089 10.484  -11.799 1.00 49.09 ? 3   GLN A CG  1 
ATOM   21   C  CD  . GLN A 1 3   ? -12.785 10.466  -12.607 1.00 51.99 ? 3   GLN A CD  1 
ATOM   22   O  OE1 . GLN A 1 3   ? -12.753 9.926   -13.712 1.00 53.98 ? 3   GLN A OE1 1 
ATOM   23   N  NE2 . GLN A 1 3   ? -11.694 11.028  -12.117 1.00 54.08 ? 3   GLN A NE2 1 
ATOM   24   N  N   . LEU A 1 4   ? -13.748 14.125  -9.629  1.00 40.20 ? 4   LEU A N   1 
ATOM   25   C  CA  . LEU A 1 4   ? -12.734 15.024  -9.031  1.00 37.68 ? 4   LEU A CA  1 
ATOM   26   C  C   . LEU A 1 4   ? -13.220 16.458  -8.957  1.00 36.90 ? 4   LEU A C   1 
ATOM   27   O  O   . LEU A 1 4   ? -13.816 16.977  -9.894  1.00 37.38 ? 4   LEU A O   1 
ATOM   28   C  CB  . LEU A 1 4   ? -11.446 14.980  -9.853  1.00 35.49 ? 4   LEU A CB  1 
ATOM   29   C  CG  . LEU A 1 4   ? -10.576 13.765  -9.517  1.00 33.33 ? 4   LEU A CG  1 
ATOM   30   C  CD1 . LEU A 1 4   ? -9.082  14.021  -9.727  1.00 34.30 ? 4   LEU A CD1 1 
ATOM   31   C  CD2 . LEU A 1 4   ? -10.717 13.312  -8.062  1.00 32.56 ? 4   LEU A CD2 1 
ATOM   32   N  N   . THR A 1 5   ? -13.030 17.090  -7.799  1.00 36.32 ? 5   THR A N   1 
ATOM   33   C  CA  . THR A 1 5   ? -13.375 18.496  -7.620  1.00 33.93 ? 5   THR A CA  1 
ATOM   34   C  C   . THR A 1 5   ? -12.244 19.369  -8.162  1.00 35.05 ? 5   THR A C   1 
ATOM   35   O  O   . THR A 1 5   ? -11.133 18.861  -8.328  1.00 35.09 ? 5   THR A O   1 
ATOM   36   C  CB  . THR A 1 5   ? -13.610 18.762  -6.109  1.00 32.82 ? 5   THR A CB  1 
ATOM   37   O  OG1 . THR A 1 5   ? -12.411 18.428  -5.424  1.00 27.34 ? 5   THR A OG1 1 
ATOM   38   C  CG2 . THR A 1 5   ? -14.773 17.950  -5.546  1.00 27.80 ? 5   THR A CG2 1 
ATOM   39   N  N   . GLU A 1 6   ? -12.471 20.663  -8.451  1.00 33.98 ? 6   GLU A N   1 
ATOM   40   C  CA  . GLU A 1 6   ? -11.420 21.609  -8.814  1.00 32.84 ? 6   GLU A CA  1 
ATOM   41   C  C   . GLU A 1 6   ? -10.287 21.630  -7.808  1.00 29.97 ? 6   GLU A C   1 
ATOM   42   O  O   . GLU A 1 6   ? -9.127  21.775  -8.195  1.00 31.99 ? 6   GLU A O   1 
ATOM   43   C  CB  . GLU A 1 6   ? -11.929 23.041  -8.838  1.00 37.93 ? 6   GLU A CB  1 
ATOM   44   C  CG  . GLU A 1 6   ? -13.079 23.397  -9.767  1.00 45.00 ? 6   GLU A CG  1 
ATOM   45   C  CD  . GLU A 1 6   ? -13.702 24.754  -9.427  1.00 51.06 ? 6   GLU A CD  1 
ATOM   46   O  OE1 . GLU A 1 6   ? -12.970 25.704  -9.132  1.00 53.67 ? 6   GLU A OE1 1 
ATOM   47   O  OE2 . GLU A 1 6   ? -14.932 24.860  -9.450  1.00 53.67 ? 6   GLU A OE2 1 
ATOM   48   N  N   . GLU A 1 7   ? -10.612 21.459  -6.520  1.00 24.95 ? 7   GLU A N   1 
ATOM   49   C  CA  . GLU A 1 7   ? -9.607  21.521  -5.466  1.00 21.83 ? 7   GLU A CA  1 
ATOM   50   C  C   . GLU A 1 7   ? -8.685  20.306  -5.420  1.00 19.27 ? 7   GLU A C   1 
ATOM   51   O  O   . GLU A 1 7   ? -7.511  20.439  -5.089  1.00 19.57 ? 7   GLU A O   1 
ATOM   52   C  CB  . GLU A 1 7   ? -10.227 21.802  -4.085  1.00 24.83 ? 7   GLU A CB  1 
ATOM   53   C  CG  . GLU A 1 7   ? -10.528 20.611  -3.185  1.00 30.27 ? 7   GLU A CG  1 
ATOM   54   C  CD  . GLU A 1 7   ? -11.957 20.500  -2.673  1.00 33.36 ? 7   GLU A CD  1 
ATOM   55   O  OE1 . GLU A 1 7   ? -12.416 21.429  -2.001  1.00 35.58 ? 7   GLU A OE1 1 
ATOM   56   O  OE2 . GLU A 1 7   ? -12.592 19.476  -2.940  1.00 30.21 ? 7   GLU A OE2 1 
ATOM   57   N  N   . GLN A 1 8   ? -9.209  19.111  -5.713  1.00 16.14 ? 8   GLN A N   1 
ATOM   58   C  CA  . GLN A 1 8   ? -8.397  17.901  -5.781  1.00 19.59 ? 8   GLN A CA  1 
ATOM   59   C  C   . GLN A 1 8   ? -7.401  17.913  -6.941  1.00 19.23 ? 8   GLN A C   1 
ATOM   60   O  O   . GLN A 1 8   ? -6.249  17.501  -6.810  1.00 21.35 ? 8   GLN A O   1 
ATOM   61   C  CB  . GLN A 1 8   ? -9.310  16.704  -5.966  1.00 19.68 ? 8   GLN A CB  1 
ATOM   62   C  CG  . GLN A 1 8   ? -9.997  16.212  -4.704  1.00 18.10 ? 8   GLN A CG  1 
ATOM   63   C  CD  . GLN A 1 8   ? -10.979 15.130  -5.070  1.00 20.04 ? 8   GLN A CD  1 
ATOM   64   O  OE1 . GLN A 1 8   ? -11.940 15.350  -5.800  1.00 21.46 ? 8   GLN A OE1 1 
ATOM   65   N  NE2 . GLN A 1 8   ? -10.772 13.918  -4.587  1.00 22.21 ? 8   GLN A NE2 1 
ATOM   66   N  N   . ILE A 1 9   ? -7.921  18.376  -8.082  1.00 19.62 ? 9   ILE A N   1 
ATOM   67   C  CA  . ILE A 1 9   ? -7.166  18.608  -9.310  1.00 20.79 ? 9   ILE A CA  1 
ATOM   68   C  C   . ILE A 1 9   ? -6.039  19.587  -9.044  1.00 21.35 ? 9   ILE A C   1 
ATOM   69   O  O   . ILE A 1 9   ? -4.904  19.319  -9.426  1.00 22.54 ? 9   ILE A O   1 
ATOM   70   C  CB  . ILE A 1 9   ? -8.121  19.150  -10.391 1.00 21.94 ? 9   ILE A CB  1 
ATOM   71   C  CG1 . ILE A 1 9   ? -9.167  18.109  -10.739 1.00 20.29 ? 9   ILE A CG1 1 
ATOM   72   C  CG2 . ILE A 1 9   ? -7.376  19.623  -11.666 1.00 24.61 ? 9   ILE A CG2 1 
ATOM   73   C  CD1 . ILE A 1 9   ? -10.390 18.776  -11.422 1.00 19.64 ? 9   ILE A CD1 1 
ATOM   74   N  N   . ALA A 1 10  ? -6.349  20.699  -8.357  1.00 20.36 ? 10  ALA A N   1 
ATOM   75   C  CA  . ALA A 1 10  ? -5.350  21.701  -8.002  1.00 20.65 ? 10  ALA A CA  1 
ATOM   76   C  C   . ALA A 1 10  ? -4.243  21.120  -7.144  1.00 20.68 ? 10  ALA A C   1 
ATOM   77   O  O   . ALA A 1 10  ? -3.059  21.362  -7.371  1.00 21.46 ? 10  ALA A O   1 
ATOM   78   C  CB  . ALA A 1 10  ? -6.002  22.821  -7.200  1.00 19.96 ? 10  ALA A CB  1 
ATOM   79   N  N   . GLU A 1 11  ? -4.617  20.278  -6.179  1.00 20.82 ? 11  GLU A N   1 
ATOM   80   C  CA  . GLU A 1 11  ? -3.619  19.592  -5.366  1.00 21.67 ? 11  GLU A CA  1 
ATOM   81   C  C   . GLU A 1 11  ? -2.845  18.538  -6.164  1.00 20.53 ? 11  GLU A C   1 
ATOM   82   O  O   . GLU A 1 11  ? -1.664  18.315  -5.900  1.00 17.61 ? 11  GLU A O   1 
ATOM   83   C  CB  . GLU A 1 11  ? -4.280  18.947  -4.145  1.00 26.31 ? 11  GLU A CB  1 
ATOM   84   C  CG  . GLU A 1 11  ? -4.890  19.988  -3.209  1.00 29.30 ? 11  GLU A CG  1 
ATOM   85   C  CD  . GLU A 1 11  ? -5.887  19.457  -2.176  1.00 34.67 ? 11  GLU A CD  1 
ATOM   86   O  OE1 . GLU A 1 11  ? -6.219  18.261  -2.156  1.00 32.38 ? 11  GLU A OE1 1 
ATOM   87   O  OE2 . GLU A 1 11  ? -6.340  20.284  -1.387  1.00 36.03 ? 11  GLU A OE2 1 
ATOM   88   N  N   . PHE A 1 12  ? -3.482  17.875  -7.144  1.00 19.31 ? 12  PHE A N   1 
ATOM   89   C  CA  . PHE A 1 12  ? -2.725  16.985  -8.021  1.00 22.62 ? 12  PHE A CA  1 
ATOM   90   C  C   . PHE A 1 12  ? -1.807  17.748  -8.981  1.00 21.28 ? 12  PHE A C   1 
ATOM   91   O  O   . PHE A 1 12  ? -0.705  17.275  -9.276  1.00 20.46 ? 12  PHE A O   1 
ATOM   92   C  CB  . PHE A 1 12  ? -3.641  16.046  -8.799  1.00 23.62 ? 12  PHE A CB  1 
ATOM   93   C  CG  . PHE A 1 12  ? -4.266  14.945  -7.954  1.00 25.84 ? 12  PHE A CG  1 
ATOM   94   C  CD1 . PHE A 1 12  ? -3.485  14.152  -7.122  1.00 28.28 ? 12  PHE A CD1 1 
ATOM   95   C  CD2 . PHE A 1 12  ? -5.614  14.679  -8.094  1.00 27.06 ? 12  PHE A CD2 1 
ATOM   96   C  CE1 . PHE A 1 12  ? -4.054  13.059  -6.490  1.00 28.71 ? 12  PHE A CE1 1 
ATOM   97   C  CE2 . PHE A 1 12  ? -6.161  13.556  -7.493  1.00 27.69 ? 12  PHE A CE2 1 
ATOM   98   C  CZ  . PHE A 1 12  ? -5.383  12.741  -6.702  1.00 26.74 ? 12  PHE A CZ  1 
ATOM   99   N  N   . LYS A 1 13  ? -2.188  18.954  -9.440  1.00 17.63 ? 13  LYS A N   1 
ATOM   100  C  CA  . LYS A 1 13  ? -1.227  19.796  -10.134 1.00 18.12 ? 13  LYS A CA  1 
ATOM   101  C  C   . LYS A 1 13  ? -0.019  20.232  -9.318  1.00 16.18 ? 13  LYS A C   1 
ATOM   102  O  O   . LYS A 1 13  ? 1.078   20.301  -9.866  1.00 14.30 ? 13  LYS A O   1 
ATOM   103  C  CB  . LYS A 1 13  ? -1.887  21.033  -10.749 1.00 20.45 ? 13  LYS A CB  1 
ATOM   104  C  CG  . LYS A 1 13  ? -3.038  20.653  -11.652 1.00 23.65 ? 13  LYS A CG  1 
ATOM   105  C  CD  . LYS A 1 13  ? -3.411  21.708  -12.685 1.00 29.96 ? 13  LYS A CD  1 
ATOM   106  C  CE  . LYS A 1 13  ? -3.770  23.033  -12.033 1.00 31.76 ? 13  LYS A CE  1 
ATOM   107  N  NZ  . LYS A 1 13  ? -4.081  24.017  -13.047 1.00 32.44 ? 13  LYS A NZ  1 
ATOM   108  N  N   . GLU A 1 14  ? -0.163  20.515  -8.016  1.00 17.73 ? 14  GLU A N   1 
ATOM   109  C  CA  . GLU A 1 14  ? 0.987   20.815  -7.156  1.00 19.64 ? 14  GLU A CA  1 
ATOM   110  C  C   . GLU A 1 14  ? 2.053   19.733  -7.037  1.00 19.12 ? 14  GLU A C   1 
ATOM   111  O  O   . GLU A 1 14  ? 3.265   19.957  -7.097  1.00 20.25 ? 14  GLU A O   1 
ATOM   112  C  CB  . GLU A 1 14  ? 0.540   21.154  -5.748  1.00 24.56 ? 14  GLU A CB  1 
ATOM   113  C  CG  . GLU A 1 14  ? -0.054  22.521  -5.564  1.00 30.62 ? 14  GLU A CG  1 
ATOM   114  C  CD  . GLU A 1 14  ? -0.114  22.827  -4.076  1.00 35.39 ? 14  GLU A CD  1 
ATOM   115  O  OE1 . GLU A 1 14  ? -1.005  22.292  -3.417  1.00 36.68 ? 14  GLU A OE1 1 
ATOM   116  O  OE2 . GLU A 1 14  ? 0.748   23.561  -3.578  1.00 38.75 ? 14  GLU A OE2 1 
ATOM   117  N  N   . ALA A 1 15  ? 1.534   18.521  -6.875  1.00 18.44 ? 15  ALA A N   1 
ATOM   118  C  CA  . ALA A 1 15  ? 2.356   17.332  -6.837  1.00 18.11 ? 15  ALA A CA  1 
ATOM   119  C  C   . ALA A 1 15  ? 3.078   17.079  -8.170  1.00 15.12 ? 15  ALA A C   1 
ATOM   120  O  O   . ALA A 1 15  ? 4.251   16.724  -8.151  1.00 17.58 ? 15  ALA A O   1 
ATOM   121  C  CB  . ALA A 1 15  ? 1.440   16.146  -6.544  1.00 17.02 ? 15  ALA A CB  1 
ATOM   122  N  N   . PHE A 1 16  ? 2.408   17.280  -9.316  1.00 13.64 ? 16  PHE A N   1 
ATOM   123  C  CA  . PHE A 1 16  ? 2.983   17.075  -10.646 1.00 11.23 ? 16  PHE A CA  1 
ATOM   124  C  C   . PHE A 1 16  ? 4.119   18.041  -10.860 1.00 13.05 ? 16  PHE A C   1 
ATOM   125  O  O   . PHE A 1 16  ? 5.166   17.708  -11.408 1.00 14.51 ? 16  PHE A O   1 
ATOM   126  C  CB  . PHE A 1 16  ? 1.927   17.303  -11.705 1.00 12.01 ? 16  PHE A CB  1 
ATOM   127  C  CG  . PHE A 1 16  ? 2.378   17.018  -13.136 1.00 15.40 ? 16  PHE A CG  1 
ATOM   128  C  CD1 . PHE A 1 16  ? 2.390   15.716  -13.573 1.00 9.39  ? 16  PHE A CD1 1 
ATOM   129  C  CD2 . PHE A 1 16  ? 2.810   18.033  -13.985 1.00 13.73 ? 16  PHE A CD2 1 
ATOM   130  C  CE1 . PHE A 1 16  ? 2.847   15.421  -14.841 1.00 12.41 ? 16  PHE A CE1 1 
ATOM   131  C  CE2 . PHE A 1 16  ? 3.257   17.731  -15.257 1.00 12.75 ? 16  PHE A CE2 1 
ATOM   132  C  CZ  . PHE A 1 16  ? 3.275   16.418  -15.683 1.00 11.93 ? 16  PHE A CZ  1 
ATOM   133  N  N   . ALA A 1 17  ? 3.877   19.244  -10.352 1.00 14.37 ? 17  ALA A N   1 
ATOM   134  C  CA  . ALA A 1 17  ? 4.815   20.339  -10.457 1.00 13.96 ? 17  ALA A CA  1 
ATOM   135  C  C   . ALA A 1 17  ? 6.104   20.109  -9.714  1.00 12.76 ? 17  ALA A C   1 
ATOM   136  O  O   . ALA A 1 17  ? 7.117   20.688  -10.091 1.00 15.35 ? 17  ALA A O   1 
ATOM   137  C  CB  . ALA A 1 17  ? 4.165   21.632  -9.915  1.00 11.61 ? 17  ALA A CB  1 
ATOM   138  N  N   . LEU A 1 18  ? 6.119   19.270  -8.665  1.00 15.90 ? 18  LEU A N   1 
ATOM   139  C  CA  . LEU A 1 18  ? 7.347   18.972  -7.939  1.00 14.19 ? 18  LEU A CA  1 
ATOM   140  C  C   . LEU A 1 18  ? 8.319   18.188  -8.812  1.00 12.63 ? 18  LEU A C   1 
ATOM   141  O  O   . LEU A 1 18  ? 9.521   18.428  -8.833  1.00 17.08 ? 18  LEU A O   1 
ATOM   142  C  CB  . LEU A 1 18  ? 7.010   18.152  -6.678  1.00 17.67 ? 18  LEU A CB  1 
ATOM   143  C  CG  . LEU A 1 18  ? 8.181   17.535  -5.870  1.00 22.12 ? 18  LEU A CG  1 
ATOM   144  C  CD1 . LEU A 1 18  ? 9.096   18.601  -5.292  1.00 21.43 ? 18  LEU A CD1 1 
ATOM   145  C  CD2 . LEU A 1 18  ? 7.653   16.627  -4.758  1.00 25.97 ? 18  LEU A CD2 1 
ATOM   146  N  N   . PHE A 1 19  ? 7.738   17.277  -9.573  1.00 11.65 ? 19  PHE A N   1 
ATOM   147  C  CA  . PHE A 1 19  ? 8.488   16.431  -10.489 1.00 12.77 ? 19  PHE A CA  1 
ATOM   148  C  C   . PHE A 1 19  ? 8.820   17.127  -11.803 1.00 9.98  ? 19  PHE A C   1 
ATOM   149  O  O   . PHE A 1 19  ? 9.940   17.040  -12.298 1.00 12.14 ? 19  PHE A O   1 
ATOM   150  C  CB  . PHE A 1 19  ? 7.627   15.229  -10.823 1.00 15.60 ? 19  PHE A CB  1 
ATOM   151  C  CG  . PHE A 1 19  ? 7.442   14.183  -9.736  1.00 15.63 ? 19  PHE A CG  1 
ATOM   152  C  CD1 . PHE A 1 19  ? 8.428   13.232  -9.545  1.00 20.57 ? 19  PHE A CD1 1 
ATOM   153  C  CD2 . PHE A 1 19  ? 6.306   14.176  -8.965  1.00 18.64 ? 19  PHE A CD2 1 
ATOM   154  C  CE1 . PHE A 1 19  ? 8.271   12.274  -8.575  1.00 20.92 ? 19  PHE A CE1 1 
ATOM   155  C  CE2 . PHE A 1 19  ? 6.163   13.230  -7.974  1.00 18.31 ? 19  PHE A CE2 1 
ATOM   156  C  CZ  . PHE A 1 19  ? 7.140   12.282  -7.787  1.00 21.31 ? 19  PHE A CZ  1 
ATOM   157  N  N   . ASP A 1 20  ? 7.842   17.796  -12.412 1.00 8.53  ? 20  ASP A N   1 
ATOM   158  C  CA  . ASP A 1 20  ? 8.067   18.522  -13.656 1.00 4.26  ? 20  ASP A CA  1 
ATOM   159  C  C   . ASP A 1 20  ? 8.783   19.826  -13.429 1.00 9.55  ? 20  ASP A C   1 
ATOM   160  O  O   . ASP A 1 20  ? 8.210   20.901  -13.545 1.00 12.70 ? 20  ASP A O   1 
ATOM   161  C  CB  . ASP A 1 20  ? 6.744   18.778  -14.331 1.00 5.47  ? 20  ASP A CB  1 
ATOM   162  C  CG  . ASP A 1 20  ? 6.814   19.478  -15.665 1.00 6.84  ? 20  ASP A CG  1 
ATOM   163  O  OD1 . ASP A 1 20  ? 7.924   19.586  -16.219 1.00 2.00  ? 20  ASP A OD1 1 
ATOM   164  O  OD2 . ASP A 1 20  ? 5.758   19.885  -16.136 1.00 9.82  ? 20  ASP A OD2 1 
ATOM   165  N  N   . LYS A 1 21  ? 10.062  19.696  -13.176 1.00 9.93  ? 21  LYS A N   1 
ATOM   166  C  CA  . LYS A 1 21  ? 10.961  20.791  -12.849 1.00 13.62 ? 21  LYS A CA  1 
ATOM   167  C  C   . LYS A 1 21  ? 11.094  21.924  -13.848 1.00 17.07 ? 21  LYS A C   1 
ATOM   168  O  O   . LYS A 1 21  ? 11.342  23.074  -13.448 1.00 16.99 ? 21  LYS A O   1 
ATOM   169  C  CB  . LYS A 1 21  ? 12.344  20.209  -12.687 1.00 14.85 ? 21  LYS A CB  1 
ATOM   170  C  CG  . LYS A 1 21  ? 12.930  20.280  -11.307 1.00 18.47 ? 21  LYS A CG  1 
ATOM   171  C  CD  . LYS A 1 21  ? 12.094  19.513  -10.311 1.00 15.05 ? 21  LYS A CD  1 
ATOM   172  C  CE  . LYS A 1 21  ? 12.880  19.427  -9.026  1.00 18.44 ? 21  LYS A CE  1 
ATOM   173  N  NZ  . LYS A 1 21  ? 11.957  19.167  -7.940  1.00 14.13 ? 21  LYS A NZ  1 
ATOM   174  N  N   . ASP A 1 22  ? 10.962  21.602  -15.145 1.00 12.49 ? 22  ASP A N   1 
ATOM   175  C  CA  . ASP A 1 22  ? 11.116  22.633  -16.149 1.00 14.26 ? 22  ASP A CA  1 
ATOM   176  C  C   . ASP A 1 22  ? 9.784   23.110  -16.687 1.00 11.91 ? 22  ASP A C   1 
ATOM   177  O  O   . ASP A 1 22  ? 9.745   23.971  -17.561 1.00 14.96 ? 22  ASP A O   1 
ATOM   178  C  CB  . ASP A 1 22  ? 12.105  22.199  -17.236 1.00 11.83 ? 22  ASP A CB  1 
ATOM   179  C  CG  . ASP A 1 22  ? 11.625  21.111  -18.188 1.00 15.04 ? 22  ASP A CG  1 
ATOM   180  O  OD1 . ASP A 1 22  ? 10.626  20.428  -17.900 1.00 13.79 ? 22  ASP A OD1 1 
ATOM   181  O  OD2 . ASP A 1 22  ? 12.237  20.987  -19.254 1.00 16.85 ? 22  ASP A OD2 1 
ATOM   182  N  N   . GLY A 1 23  ? 8.664   22.554  -16.202 1.00 11.75 ? 23  GLY A N   1 
ATOM   183  C  CA  . GLY A 1 23  ? 7.354   23.062  -16.552 1.00 6.68  ? 23  GLY A CA  1 
ATOM   184  C  C   . GLY A 1 23  ? 6.932   22.799  -17.982 1.00 10.71 ? 23  GLY A C   1 
ATOM   185  O  O   . GLY A 1 23  ? 6.107   23.560  -18.471 1.00 12.56 ? 23  GLY A O   1 
ATOM   186  N  N   . ASP A 1 24  ? 7.452   21.773  -18.677 1.00 6.17  ? 24  ASP A N   1 
ATOM   187  C  CA  . ASP A 1 24  ? 7.028   21.476  -20.033 1.00 3.46  ? 24  ASP A CA  1 
ATOM   188  C  C   . ASP A 1 24  ? 5.796   20.618  -20.116 1.00 5.44  ? 24  ASP A C   1 
ATOM   189  O  O   . ASP A 1 24  ? 5.316   20.265  -21.200 1.00 4.45  ? 24  ASP A O   1 
ATOM   190  C  CB  . ASP A 1 24  ? 8.196   20.792  -20.731 1.00 8.52  ? 24  ASP A CB  1 
ATOM   191  C  CG  . ASP A 1 24  ? 8.315   19.320  -20.410 1.00 11.87 ? 24  ASP A CG  1 
ATOM   192  O  OD1 . ASP A 1 24  ? 8.158   18.956  -19.238 1.00 13.67 ? 24  ASP A OD1 1 
ATOM   193  O  OD2 . ASP A 1 24  ? 8.569   18.553  -21.344 1.00 8.01  ? 24  ASP A OD2 1 
ATOM   194  N  N   . GLY A 1 25  ? 5.338   20.196  -18.931 1.00 2.17  ? 25  GLY A N   1 
ATOM   195  C  CA  . GLY A 1 25  ? 4.113   19.423  -18.869 1.00 2.00  ? 25  GLY A CA  1 
ATOM   196  C  C   . GLY A 1 25  ? 4.409   17.942  -18.925 1.00 2.00  ? 25  GLY A C   1 
ATOM   197  O  O   . GLY A 1 25  ? 3.502   17.167  -19.205 1.00 2.00  ? 25  GLY A O   1 
ATOM   198  N  N   . THR A 1 26  ? 5.667   17.546  -18.775 1.00 2.00  ? 26  THR A N   1 
ATOM   199  C  CA  . THR A 1 26  ? 6.008   16.121  -18.789 1.00 5.14  ? 26  THR A CA  1 
ATOM   200  C  C   . THR A 1 26  ? 7.082   15.942  -17.738 1.00 2.00  ? 26  THR A C   1 
ATOM   201  O  O   . THR A 1 26  ? 7.922   16.838  -17.446 1.00 2.00  ? 26  THR A O   1 
ATOM   202  C  CB  . THR A 1 26  ? 6.555   15.561  -20.154 1.00 3.91  ? 26  THR A CB  1 
ATOM   203  O  OG1 . THR A 1 26  ? 7.867   16.065  -20.404 1.00 9.15  ? 26  THR A OG1 1 
ATOM   204  C  CG2 . THR A 1 26  ? 5.683   15.909  -21.327 1.00 2.00  ? 26  THR A CG2 1 
ATOM   205  N  N   . ILE A 1 27  ? 7.086   14.643  -17.273 1.00 4.64  ? 27  ILE A N   1 
ATOM   206  C  CA  . ILE A 1 27  ? 8.101   14.162  -16.328 1.00 3.68  ? 27  ILE A CA  1 
ATOM   207  C  C   . ILE A 1 27  ? 8.932   13.096  -17.042 1.00 5.15  ? 27  ILE A C   1 
ATOM   208  O  O   . ILE A 1 27  ? 8.398   12.104  -17.576 1.00 3.97  ? 27  ILE A O   1 
ATOM   209  C  CB  . ILE A 1 27  ? 7.443   13.499  -15.057 1.00 9.79  ? 27  ILE A CB  1 
ATOM   210  C  CG1 . ILE A 1 27  ? 6.495   14.462  -14.295 1.00 8.31  ? 27  ILE A CG1 1 
ATOM   211  C  CG2 . ILE A 1 27  ? 8.536   12.950  -14.093 1.00 6.36  ? 27  ILE A CG2 1 
ATOM   212  C  CD1 . ILE A 1 27  ? 5.506   13.700  -13.383 1.00 12.63 ? 27  ILE A CD1 1 
ATOM   213  N  N   . THR A 1 28  ? 10.223  13.272  -17.055 1.00 4.81  ? 28  THR A N   1 
ATOM   214  C  CA  . THR A 1 28  ? 11.117  12.395  -17.792 1.00 7.67  ? 28  THR A CA  1 
ATOM   215  C  C   . THR A 1 28  ? 11.861  11.534  -16.807 1.00 11.55 ? 28  THR A C   1 
ATOM   216  O  O   . THR A 1 28  ? 11.793  11.825  -15.612 1.00 12.00 ? 28  THR A O   1 
ATOM   217  C  CB  . THR A 1 28  ? 12.172  13.236  -18.537 1.00 7.73  ? 28  THR A CB  1 
ATOM   218  O  OG1 . THR A 1 28  ? 12.795  14.032  -17.562 1.00 9.77  ? 28  THR A OG1 1 
ATOM   219  C  CG2 . THR A 1 28  ? 11.610  14.141  -19.648 1.00 9.34  ? 28  THR A CG2 1 
ATOM   220  N  N   . THR A 1 29  ? 12.672  10.555  -17.246 1.00 14.44 ? 29  THR A N   1 
ATOM   221  C  CA  . THR A 1 29  ? 13.401  9.724   -16.281 1.00 17.95 ? 29  THR A CA  1 
ATOM   222  C  C   . THR A 1 29  ? 14.359  10.558  -15.475 1.00 15.84 ? 29  THR A C   1 
ATOM   223  O  O   . THR A 1 29  ? 14.579  10.288  -14.306 1.00 20.11 ? 29  THR A O   1 
ATOM   224  C  CB  . THR A 1 29  ? 14.208  8.535   -16.884 1.00 17.81 ? 29  THR A CB  1 
ATOM   225  O  OG1 . THR A 1 29  ? 15.117  9.103   -17.793 1.00 18.74 ? 29  THR A OG1 1 
ATOM   226  C  CG2 . THR A 1 29  ? 13.375  7.457   -17.529 1.00 15.84 ? 29  THR A CG2 1 
ATOM   227  N  N   . LYS A 1 30  ? 14.895  11.604  -16.088 1.00 17.97 ? 30  LYS A N   1 
ATOM   228  C  CA  . LYS A 1 30  ? 15.869  12.427  -15.410 1.00 19.33 ? 30  LYS A CA  1 
ATOM   229  C  C   . LYS A 1 30  ? 15.286  13.395  -14.403 1.00 17.24 ? 30  LYS A C   1 
ATOM   230  O  O   . LYS A 1 30  ? 15.995  13.782  -13.474 1.00 21.20 ? 30  LYS A O   1 
ATOM   231  C  CB  . LYS A 1 30  ? 16.710  13.227  -16.384 1.00 25.27 ? 30  LYS A CB  1 
ATOM   232  C  CG  . LYS A 1 30  ? 18.150  13.280  -15.866 1.00 34.30 ? 30  LYS A CG  1 
ATOM   233  C  CD  . LYS A 1 30  ? 18.884  11.943  -16.117 1.00 37.82 ? 30  LYS A CD  1 
ATOM   234  C  CE  . LYS A 1 30  ? 19.594  11.382  -14.884 1.00 40.16 ? 30  LYS A CE  1 
ATOM   235  N  NZ  . LYS A 1 30  ? 18.633  10.992  -13.866 1.00 40.82 ? 30  LYS A NZ  1 
ATOM   236  N  N   . GLU A 1 31  ? 14.023  13.806  -14.580 1.00 15.22 ? 31  GLU A N   1 
ATOM   237  C  CA  . GLU A 1 31  ? 13.314  14.607  -13.583 1.00 9.26  ? 31  GLU A CA  1 
ATOM   238  C  C   . GLU A 1 31  ? 12.887  13.760  -12.409 1.00 11.34 ? 31  GLU A C   1 
ATOM   239  O  O   . GLU A 1 31  ? 13.028  14.167  -11.262 1.00 9.77  ? 31  GLU A O   1 
ATOM   240  C  CB  . GLU A 1 31  ? 12.082  15.289  -14.181 1.00 10.17 ? 31  GLU A CB  1 
ATOM   241  C  CG  . GLU A 1 31  ? 12.532  16.523  -14.966 1.00 10.73 ? 31  GLU A CG  1 
ATOM   242  C  CD  . GLU A 1 31  ? 11.402  17.252  -15.691 1.00 11.17 ? 31  GLU A CD  1 
ATOM   243  O  OE1 . GLU A 1 31  ? 10.465  16.608  -16.096 1.00 6.25  ? 31  GLU A OE1 1 
ATOM   244  O  OE2 . GLU A 1 31  ? 11.442  18.455  -15.885 1.00 5.43  ? 31  GLU A OE2 1 
ATOM   245  N  N   . LEU A 1 32  ? 12.358  12.563  -12.687 1.00 10.12 ? 32  LEU A N   1 
ATOM   246  C  CA  . LEU A 1 32  ? 12.128  11.541  -11.648 1.00 12.49 ? 32  LEU A CA  1 
ATOM   247  C  C   . LEU A 1 32  ? 13.353  11.266  -10.757 1.00 15.38 ? 32  LEU A C   1 
ATOM   248  O  O   . LEU A 1 32  ? 13.282  11.308  -9.522  1.00 14.49 ? 32  LEU A O   1 
ATOM   249  C  CB  . LEU A 1 32  ? 11.621  10.247  -12.304 1.00 13.32 ? 32  LEU A CB  1 
ATOM   250  C  CG  . LEU A 1 32  ? 11.220  9.090   -11.375 1.00 14.23 ? 32  LEU A CG  1 
ATOM   251  C  CD1 . LEU A 1 32  ? 10.198  9.560   -10.335 1.00 14.48 ? 32  LEU A CD1 1 
ATOM   252  C  CD2 . LEU A 1 32  ? 10.642  7.949   -12.177 1.00 15.85 ? 32  LEU A CD2 1 
ATOM   253  N  N   . GLY A 1 33  ? 14.505  11.132  -11.433 1.00 13.46 ? 33  GLY A N   1 
ATOM   254  C  CA  . GLY A 1 33  ? 15.810  10.963  -10.820 1.00 16.56 ? 33  GLY A CA  1 
ATOM   255  C  C   . GLY A 1 33  ? 16.203  12.083  -9.876  1.00 19.24 ? 33  GLY A C   1 
ATOM   256  O  O   . GLY A 1 33  ? 16.699  11.776  -8.795  1.00 20.90 ? 33  GLY A O   1 
ATOM   257  N  N   . THR A 1 34  ? 15.950  13.363  -10.230 1.00 18.60 ? 34  THR A N   1 
ATOM   258  C  CA  . THR A 1 34  ? 16.277  14.507  -9.388  1.00 16.63 ? 34  THR A CA  1 
ATOM   259  C  C   . THR A 1 34  ? 15.462  14.519  -8.104  1.00 16.18 ? 34  THR A C   1 
ATOM   260  O  O   . THR A 1 34  ? 15.975  14.929  -7.055  1.00 19.29 ? 34  THR A O   1 
ATOM   261  C  CB  . THR A 1 34  ? 16.078  15.861  -10.123 1.00 15.16 ? 34  THR A CB  1 
ATOM   262  O  OG1 . THR A 1 34  ? 16.833  15.808  -11.332 1.00 16.97 ? 34  THR A OG1 1 
ATOM   263  C  CG2 . THR A 1 34  ? 16.570  17.052  -9.293  1.00 15.84 ? 34  THR A CG2 1 
ATOM   264  N  N   . VAL A 1 35  ? 14.204  14.060  -8.178  1.00 13.32 ? 35  VAL A N   1 
ATOM   265  C  CA  . VAL A 1 35  ? 13.326  14.035  -7.018  1.00 14.20 ? 35  VAL A CA  1 
ATOM   266  C  C   . VAL A 1 35  ? 13.723  12.897  -6.080  1.00 17.98 ? 35  VAL A C   1 
ATOM   267  O  O   . VAL A 1 35  ? 13.881  13.126  -4.878  1.00 19.18 ? 35  VAL A O   1 
ATOM   268  C  CB  . VAL A 1 35  ? 11.837  13.945  -7.431  1.00 13.98 ? 35  VAL A CB  1 
ATOM   269  C  CG1 . VAL A 1 35  ? 10.895  13.928  -6.223  1.00 14.45 ? 35  VAL A CG1 1 
ATOM   270  C  CG2 . VAL A 1 35  ? 11.448  15.153  -8.296  1.00 11.72 ? 35  VAL A CG2 1 
ATOM   271  N  N   . MET A 1 36  ? 13.932  11.681  -6.618  1.00 19.33 ? 36  MET A N   1 
ATOM   272  C  CA  . MET A 1 36  ? 14.388  10.521  -5.842  1.00 20.21 ? 36  MET A CA  1 
ATOM   273  C  C   . MET A 1 36  ? 15.682  10.792  -5.079  1.00 20.67 ? 36  MET A C   1 
ATOM   274  O  O   . MET A 1 36  ? 15.751  10.614  -3.863  1.00 21.03 ? 36  MET A O   1 
ATOM   275  C  CB  . MET A 1 36  ? 14.600  9.332   -6.766  1.00 22.31 ? 36  MET A CB  1 
ATOM   276  C  CG  . MET A 1 36  ? 13.375  8.873   -7.530  1.00 24.67 ? 36  MET A CG  1 
ATOM   277  S  SD  . MET A 1 36  ? 12.036  8.308   -6.463  1.00 34.95 ? 36  MET A SD  1 
ATOM   278  C  CE  . MET A 1 36  ? 10.601  9.304   -6.767  1.00 28.61 ? 36  MET A CE  1 
ATOM   279  N  N   . ARG A 1 37  ? 16.721  11.289  -5.767  1.00 20.20 ? 37  ARG A N   1 
ATOM   280  C  CA  . ARG A 1 37  ? 17.958  11.717  -5.133  1.00 22.81 ? 37  ARG A CA  1 
ATOM   281  C  C   . ARG A 1 37  ? 17.743  12.724  -4.011  1.00 24.27 ? 37  ARG A C   1 
ATOM   282  O  O   . ARG A 1 37  ? 18.442  12.682  -2.986  1.00 24.45 ? 37  ARG A O   1 
ATOM   283  C  CB  . ARG A 1 37  ? 18.930  12.268  -6.160  1.00 23.71 ? 37  ARG A CB  1 
ATOM   284  C  CG  . ARG A 1 37  ? 19.388  11.170  -7.110  1.00 27.60 ? 37  ARG A CG  1 
ATOM   285  C  CD  . ARG A 1 37  ? 20.479  11.727  -8.013  1.00 31.82 ? 37  ARG A CD  1 
ATOM   286  N  NE  . ARG A 1 37  ? 19.958  12.694  -8.966  1.00 32.62 ? 37  ARG A NE  1 
ATOM   287  C  CZ  . ARG A 1 37  ? 19.750  12.360  -10.239 1.00 32.33 ? 37  ARG A CZ  1 
ATOM   288  N  NH1 . ARG A 1 37  ? 20.112  11.174  -10.725 1.00 32.54 ? 37  ARG A NH1 1 
ATOM   289  N  NH2 . ARG A 1 37  ? 19.114  13.214  -11.028 1.00 33.46 ? 37  ARG A NH2 1 
ATOM   290  N  N   . SER A 1 38  ? 16.735  13.599  -4.155  1.00 22.11 ? 38  SER A N   1 
ATOM   291  C  CA  . SER A 1 38  ? 16.516  14.543  -3.081  1.00 25.22 ? 38  SER A CA  1 
ATOM   292  C  C   . SER A 1 38  ? 15.945  13.816  -1.849  1.00 27.55 ? 38  SER A C   1 
ATOM   293  O  O   . SER A 1 38  ? 16.123  14.278  -0.720  1.00 30.23 ? 38  SER A O   1 
ATOM   294  C  CB  . SER A 1 38  ? 15.691  15.741  -3.500  1.00 22.79 ? 38  SER A CB  1 
ATOM   295  O  OG  . SER A 1 38  ? 14.356  15.360  -3.801  1.00 24.20 ? 38  SER A OG  1 
ATOM   296  N  N   . LEU A 1 39  ? 15.340  12.638  -2.037  1.00 24.71 ? 39  LEU A N   1 
ATOM   297  C  CA  . LEU A 1 39  ? 14.804  11.890  -0.914  1.00 25.10 ? 39  LEU A CA  1 
ATOM   298  C  C   . LEU A 1 39  ? 15.746  10.803  -0.397  1.00 26.10 ? 39  LEU A C   1 
ATOM   299  O  O   . LEU A 1 39  ? 15.360  9.913   0.376   1.00 26.54 ? 39  LEU A O   1 
ATOM   300  C  CB  . LEU A 1 39  ? 13.458  11.329  -1.342  1.00 25.87 ? 39  LEU A CB  1 
ATOM   301  C  CG  . LEU A 1 39  ? 12.476  12.365  -1.877  1.00 25.76 ? 39  LEU A CG  1 
ATOM   302  C  CD1 . LEU A 1 39  ? 11.230  11.680  -2.408  1.00 28.21 ? 39  LEU A CD1 1 
ATOM   303  C  CD2 . LEU A 1 39  ? 12.154  13.401  -0.812  1.00 26.28 ? 39  LEU A CD2 1 
ATOM   304  N  N   . GLY A 1 40  ? 17.015  10.874  -0.824  1.00 24.53 ? 40  GLY A N   1 
ATOM   305  C  CA  . GLY A 1 40  ? 18.038  9.988   -0.282  1.00 23.78 ? 40  GLY A CA  1 
ATOM   306  C  C   . GLY A 1 40  ? 18.168  8.665   -1.022  1.00 25.12 ? 40  GLY A C   1 
ATOM   307  O  O   . GLY A 1 40  ? 18.917  7.781   -0.597  1.00 22.20 ? 40  GLY A O   1 
ATOM   308  N  N   . GLN A 1 41  ? 17.462  8.470   -2.139  1.00 25.16 ? 41  GLN A N   1 
ATOM   309  C  CA  . GLN A 1 41  ? 17.727  7.286   -2.931  1.00 26.17 ? 41  GLN A CA  1 
ATOM   310  C  C   . GLN A 1 41  ? 18.334  7.660   -4.262  1.00 27.24 ? 41  GLN A C   1 
ATOM   311  O  O   . GLN A 1 41  ? 17.860  8.604   -4.884  1.00 27.11 ? 41  GLN A O   1 
ATOM   312  C  CB  . GLN A 1 41  ? 16.520  6.362   -3.031  1.00 27.88 ? 41  GLN A CB  1 
ATOM   313  C  CG  . GLN A 1 41  ? 15.189  7.052   -3.040  1.00 31.30 ? 41  GLN A CG  1 
ATOM   314  C  CD  . GLN A 1 41  ? 14.144  6.323   -2.218  1.00 33.23 ? 41  GLN A CD  1 
ATOM   315  O  OE1 . GLN A 1 41  ? 13.660  5.256   -2.585  1.00 35.83 ? 41  GLN A OE1 1 
ATOM   316  N  NE2 . GLN A 1 41  ? 13.757  6.899   -1.082  1.00 36.18 ? 41  GLN A NE2 1 
ATOM   317  N  N   . ASN A 1 42  ? 19.403  6.977   -4.699  1.00 24.15 ? 42  ASN A N   1 
ATOM   318  C  CA  . ASN A 1 42  ? 20.036  7.293   -5.968  1.00 22.86 ? 42  ASN A CA  1 
ATOM   319  C  C   . ASN A 1 42  ? 19.910  6.160   -6.983  1.00 22.62 ? 42  ASN A C   1 
ATOM   320  O  O   . ASN A 1 42  ? 20.836  5.348   -7.132  1.00 19.77 ? 42  ASN A O   1 
ATOM   321  C  CB  . ASN A 1 42  ? 21.484  7.691   -5.724  1.00 21.75 ? 42  ASN A CB  1 
ATOM   322  C  CG  . ASN A 1 42  ? 21.595  8.989   -4.924  1.00 24.30 ? 42  ASN A CG  1 
ATOM   323  O  OD1 . ASN A 1 42  ? 21.289  9.043   -3.733  1.00 18.09 ? 42  ASN A OD1 1 
ATOM   324  N  ND2 . ASN A 1 42  ? 22.071  10.063  -5.561  1.00 19.02 ? 42  ASN A ND2 1 
ATOM   325  N  N   . PRO A 1 43  ? 18.777  6.071   -7.711  1.00 20.63 ? 43  PRO A N   1 
ATOM   326  C  CA  . PRO A 1 43  ? 18.490  4.997   -8.650  1.00 19.08 ? 43  PRO A CA  1 
ATOM   327  C  C   . PRO A 1 43  ? 19.348  5.160   -9.900  1.00 20.93 ? 43  PRO A C   1 
ATOM   328  O  O   . PRO A 1 43  ? 19.825  6.256   -10.234 1.00 19.52 ? 43  PRO A O   1 
ATOM   329  C  CB  . PRO A 1 43  ? 17.033  5.173   -8.997  1.00 19.99 ? 43  PRO A CB  1 
ATOM   330  C  CG  . PRO A 1 43  ? 16.486  6.209   -8.042  1.00 22.95 ? 43  PRO A CG  1 
ATOM   331  C  CD  . PRO A 1 43  ? 17.696  7.072   -7.752  1.00 21.29 ? 43  PRO A CD  1 
ATOM   332  N  N   . THR A 1 44  ? 19.602  4.026   -10.550 1.00 19.84 ? 44  THR A N   1 
ATOM   333  C  CA  . THR A 1 44  ? 20.291  4.030   -11.822 1.00 19.98 ? 44  THR A CA  1 
ATOM   334  C  C   . THR A 1 44  ? 19.220  4.316   -12.856 1.00 21.22 ? 44  THR A C   1 
ATOM   335  O  O   . THR A 1 44  ? 18.016  4.095   -12.645 1.00 21.62 ? 44  THR A O   1 
ATOM   336  C  CB  . THR A 1 44  ? 20.913  2.649   -12.128 1.00 18.84 ? 44  THR A CB  1 
ATOM   337  O  OG1 . THR A 1 44  ? 19.869  1.688   -12.272 1.00 17.81 ? 44  THR A OG1 1 
ATOM   338  C  CG2 . THR A 1 44  ? 21.875  2.201   -11.045 1.00 20.09 ? 44  THR A CG2 1 
ATOM   339  N  N   . GLU A 1 45  ? 19.744  4.706   -14.014 1.00 23.24 ? 45  GLU A N   1 
ATOM   340  C  CA  . GLU A 1 45  ? 18.934  4.974   -15.188 1.00 23.31 ? 45  GLU A CA  1 
ATOM   341  C  C   . GLU A 1 45  ? 17.988  3.829   -15.582 1.00 22.65 ? 45  GLU A C   1 
ATOM   342  O  O   . GLU A 1 45  ? 16.809  4.064   -15.866 1.00 23.98 ? 45  GLU A O   1 
ATOM   343  C  CB  . GLU A 1 45  ? 19.906  5.434   -16.286 1.00 25.87 ? 45  GLU A CB  1 
ATOM   344  C  CG  . GLU A 1 45  ? 19.266  5.848   -17.610 1.00 31.41 ? 45  GLU A CG  1 
ATOM   345  C  CD  . GLU A 1 45  ? 18.160  6.886   -17.506 1.00 34.43 ? 45  GLU A CD  1 
ATOM   346  O  OE1 . GLU A 1 45  ? 18.383  7.905   -16.849 1.00 37.46 ? 45  GLU A OE1 1 
ATOM   347  O  OE2 . GLU A 1 45  ? 17.085  6.664   -18.075 1.00 33.95 ? 45  GLU A OE2 1 
ATOM   348  N  N   . ALA A 1 46  ? 18.432  2.566   -15.513 1.00 21.89 ? 46  ALA A N   1 
ATOM   349  C  CA  . ALA A 1 46  ? 17.563  1.423   -15.779 1.00 20.31 ? 46  ALA A CA  1 
ATOM   350  C  C   . ALA A 1 46  ? 16.393  1.284   -14.810 1.00 18.70 ? 46  ALA A C   1 
ATOM   351  O  O   . ALA A 1 46  ? 15.267  0.947   -15.175 1.00 16.75 ? 46  ALA A O   1 
ATOM   352  C  CB  . ALA A 1 46  ? 18.392  0.148   -15.702 1.00 22.67 ? 46  ALA A CB  1 
ATOM   353  N  N   . GLU A 1 47  ? 16.650  1.586   -13.530 1.00 21.20 ? 47  GLU A N   1 
ATOM   354  C  CA  . GLU A 1 47  ? 15.609  1.588   -12.491 1.00 19.43 ? 47  GLU A CA  1 
ATOM   355  C  C   . GLU A 1 47  ? 14.563  2.687   -12.707 1.00 17.65 ? 47  GLU A C   1 
ATOM   356  O  O   . GLU A 1 47  ? 13.354  2.485   -12.570 1.00 14.90 ? 47  GLU A O   1 
ATOM   357  C  CB  . GLU A 1 47  ? 16.297  1.822   -11.153 1.00 23.16 ? 47  GLU A CB  1 
ATOM   358  C  CG  . GLU A 1 47  ? 17.244  0.672   -10.783 1.00 28.25 ? 47  GLU A CG  1 
ATOM   359  C  CD  . GLU A 1 47  ? 17.909  0.830   -9.425  1.00 30.30 ? 47  GLU A CD  1 
ATOM   360  O  OE1 . GLU A 1 47  ? 18.464  1.887   -9.157  1.00 27.49 ? 47  GLU A OE1 1 
ATOM   361  O  OE2 . GLU A 1 47  ? 17.880  -0.112  -8.636  1.00 37.35 ? 47  GLU A OE2 1 
ATOM   362  N  N   . LEU A 1 48  ? 15.050  3.873   -13.091 1.00 15.97 ? 48  LEU A N   1 
ATOM   363  C  CA  . LEU A 1 48  ? 14.158  4.962   -13.481 1.00 14.78 ? 48  LEU A CA  1 
ATOM   364  C  C   . LEU A 1 48  ? 13.256  4.679   -14.676 1.00 14.49 ? 48  LEU A C   1 
ATOM   365  O  O   . LEU A 1 48  ? 12.061  5.002   -14.658 1.00 13.69 ? 48  LEU A O   1 
ATOM   366  C  CB  . LEU A 1 48  ? 15.031  6.161   -13.708 1.00 17.31 ? 48  LEU A CB  1 
ATOM   367  C  CG  . LEU A 1 48  ? 15.720  6.630   -12.423 1.00 16.54 ? 48  LEU A CG  1 
ATOM   368  C  CD1 . LEU A 1 48  ? 16.861  7.568   -12.746 1.00 13.09 ? 48  LEU A CD1 1 
ATOM   369  C  CD2 . LEU A 1 48  ? 14.713  7.310   -11.496 1.00 16.41 ? 48  LEU A CD2 1 
ATOM   370  N  N   . GLN A 1 49  ? 13.809  3.988   -15.695 1.00 15.27 ? 49  GLN A N   1 
ATOM   371  C  CA  . GLN A 1 49  ? 13.048  3.590   -16.871 1.00 15.96 ? 49  GLN A CA  1 
ATOM   372  C  C   . GLN A 1 49  ? 11.960  2.584   -16.542 1.00 15.05 ? 49  GLN A C   1 
ATOM   373  O  O   . GLN A 1 49  ? 10.865  2.653   -17.122 1.00 15.68 ? 49  GLN A O   1 
ATOM   374  C  CB  . GLN A 1 49  ? 13.968  3.053   -17.970 1.00 17.43 ? 49  GLN A CB  1 
ATOM   375  C  CG  . GLN A 1 49  ? 13.250  2.906   -19.299 1.00 17.86 ? 49  GLN A CG  1 
ATOM   376  C  CD  . GLN A 1 49  ? 12.725  4.239   -19.811 1.00 20.36 ? 49  GLN A CD  1 
ATOM   377  O  OE1 . GLN A 1 49  ? 11.521  4.468   -19.919 1.00 17.43 ? 49  GLN A OE1 1 
ATOM   378  N  NE2 . GLN A 1 49  ? 13.652  5.144   -20.114 1.00 18.00 ? 49  GLN A NE2 1 
ATOM   379  N  N   . ASP A 1 50  ? 12.199  1.671   -15.583 1.00 15.93 ? 50  ASP A N   1 
ATOM   380  C  CA  . ASP A 1 50  ? 11.135  0.741   -15.195 1.00 16.23 ? 50  ASP A CA  1 
ATOM   381  C  C   . ASP A 1 50  ? 9.961   1.423   -14.485 1.00 13.76 ? 50  ASP A C   1 
ATOM   382  O  O   . ASP A 1 50  ? 8.792   1.139   -14.741 1.00 14.60 ? 50  ASP A O   1 
ATOM   383  C  CB  . ASP A 1 50  ? 11.682  -0.422  -14.346 1.00 19.08 ? 50  ASP A CB  1 
ATOM   384  C  CG  . ASP A 1 50  ? 12.598  -1.399  -15.085 1.00 22.64 ? 50  ASP A CG  1 
ATOM   385  O  OD1 . ASP A 1 50  ? 12.394  -1.652  -16.271 1.00 19.40 ? 50  ASP A OD1 1 
ATOM   386  O  OD2 . ASP A 1 50  ? 13.539  -1.907  -14.473 1.00 26.59 ? 50  ASP A OD2 1 
ATOM   387  N  N   . MET A 1 51  ? 10.265  2.380   -13.616 1.00 14.22 ? 51  MET A N   1 
ATOM   388  C  CA  . MET A 1 51  ? 9.244   3.214   -12.982 1.00 15.22 ? 51  MET A CA  1 
ATOM   389  C  C   . MET A 1 51  ? 8.429   4.039   -13.975 1.00 16.14 ? 51  MET A C   1 
ATOM   390  O  O   . MET A 1 51  ? 7.207   4.085   -13.817 1.00 16.75 ? 51  MET A O   1 
ATOM   391  C  CB  . MET A 1 51  ? 9.876   4.175   -11.984 1.00 15.93 ? 51  MET A CB  1 
ATOM   392  C  CG  . MET A 1 51  ? 10.707  3.465   -10.914 1.00 16.22 ? 51  MET A CG  1 
ATOM   393  S  SD  . MET A 1 51  ? 11.263  4.611   -9.638  1.00 22.03 ? 51  MET A SD  1 
ATOM   394  C  CE  . MET A 1 51  ? 12.961  4.311   -9.292  1.00 15.99 ? 51  MET A CE  1 
ATOM   395  N  N   . ILE A 1 52  ? 9.059   4.685   -14.996 1.00 12.49 ? 52  ILE A N   1 
ATOM   396  C  CA  . ILE A 1 52  ? 8.316   5.418   -16.015 1.00 10.95 ? 52  ILE A CA  1 
ATOM   397  C  C   . ILE A 1 52  ? 7.490   4.442   -16.840 1.00 9.61  ? 52  ILE A C   1 
ATOM   398  O  O   . ILE A 1 52  ? 6.326   4.710   -17.144 1.00 5.88  ? 52  ILE A O   1 
ATOM   399  C  CB  . ILE A 1 52  ? 9.293   6.277   -16.882 1.00 11.28 ? 52  ILE A CB  1 
ATOM   400  C  CG1 . ILE A 1 52  ? 10.047  7.344   -16.072 1.00 12.01 ? 52  ILE A CG1 1 
ATOM   401  C  CG2 . ILE A 1 52  ? 8.619   6.913   -18.113 1.00 14.74 ? 52  ILE A CG2 1 
ATOM   402  C  CD1 . ILE A 1 52  ? 9.334   8.671   -15.743 1.00 11.80 ? 52  ILE A CD1 1 
ATOM   403  N  N   . ASN A 1 53  ? 8.023   3.254   -17.208 1.00 12.28 ? 53  ASN A N   1 
ATOM   404  C  CA  . ASN A 1 53  ? 7.286   2.354   -18.114 1.00 12.62 ? 53  ASN A CA  1 
ATOM   405  C  C   . ASN A 1 53  ? 5.975   1.832   -17.539 1.00 16.42 ? 53  ASN A C   1 
ATOM   406  O  O   . ASN A 1 53  ? 4.968   1.596   -18.213 1.00 12.17 ? 53  ASN A O   1 
ATOM   407  C  CB  . ASN A 1 53  ? 8.152   1.153   -18.534 1.00 13.44 ? 53  ASN A CB  1 
ATOM   408  C  CG  . ASN A 1 53  ? 9.302   1.434   -19.511 1.00 16.03 ? 53  ASN A CG  1 
ATOM   409  O  OD1 . ASN A 1 53  ? 10.050  0.527   -19.882 1.00 18.53 ? 53  ASN A OD1 1 
ATOM   410  N  ND2 . ASN A 1 53  ? 9.565   2.668   -19.956 1.00 20.22 ? 53  ASN A ND2 1 
ATOM   411  N  N   . GLU A 1 54  ? 6.052   1.713   -16.211 1.00 19.92 ? 54  GLU A N   1 
ATOM   412  C  CA  . GLU A 1 54  ? 4.929   1.337   -15.368 1.00 23.85 ? 54  GLU A CA  1 
ATOM   413  C  C   . GLU A 1 54  ? 3.742   2.298   -15.495 1.00 23.37 ? 54  GLU A C   1 
ATOM   414  O  O   . GLU A 1 54  ? 2.580   1.887   -15.461 1.00 24.14 ? 54  GLU A O   1 
ATOM   415  C  CB  . GLU A 1 54  ? 5.535   1.272   -13.936 1.00 31.84 ? 54  GLU A CB  1 
ATOM   416  C  CG  . GLU A 1 54  ? 4.819   1.778   -12.668 1.00 39.56 ? 54  GLU A CG  1 
ATOM   417  C  CD  . GLU A 1 54  ? 5.802   2.370   -11.644 1.00 44.96 ? 54  GLU A CD  1 
ATOM   418  O  OE1 . GLU A 1 54  ? 6.453   1.600   -10.934 1.00 49.06 ? 54  GLU A OE1 1 
ATOM   419  O  OE2 . GLU A 1 54  ? 5.940   3.597   -11.563 1.00 44.21 ? 54  GLU A OE2 1 
ATOM   420  N  N   . VAL A 1 55  ? 4.067   3.582   -15.702 1.00 20.35 ? 55  VAL A N   1 
ATOM   421  C  CA  . VAL A 1 55  ? 3.090   4.665   -15.647 1.00 17.97 ? 55  VAL A CA  1 
ATOM   422  C  C   . VAL A 1 55  ? 2.799   5.181   -17.049 1.00 17.62 ? 55  VAL A C   1 
ATOM   423  O  O   . VAL A 1 55  ? 1.746   5.771   -17.297 1.00 17.49 ? 55  VAL A O   1 
ATOM   424  C  CB  . VAL A 1 55  ? 3.670   5.805   -14.790 1.00 18.78 ? 55  VAL A CB  1 
ATOM   425  C  CG1 . VAL A 1 55  ? 2.700   6.960   -14.578 1.00 22.74 ? 55  VAL A CG1 1 
ATOM   426  C  CG2 . VAL A 1 55  ? 4.077   5.298   -13.444 1.00 22.65 ? 55  VAL A CG2 1 
ATOM   427  N  N   . ASP A 1 56  ? 3.727   4.976   -17.989 1.00 17.29 ? 56  ASP A N   1 
ATOM   428  C  CA  . ASP A 1 56  ? 3.574   5.556   -19.314 1.00 14.65 ? 56  ASP A CA  1 
ATOM   429  C  C   . ASP A 1 56  ? 2.542   4.874   -20.192 1.00 15.81 ? 56  ASP A C   1 
ATOM   430  O  O   . ASP A 1 56  ? 2.886   4.007   -20.982 1.00 17.06 ? 56  ASP A O   1 
ATOM   431  C  CB  . ASP A 1 56  ? 4.929   5.591   -19.964 1.00 14.57 ? 56  ASP A CB  1 
ATOM   432  C  CG  . ASP A 1 56  ? 4.986   6.316   -21.291 1.00 15.13 ? 56  ASP A CG  1 
ATOM   433  O  OD1 . ASP A 1 56  ? 4.120   7.154   -21.592 1.00 10.48 ? 56  ASP A OD1 1 
ATOM   434  O  OD2 . ASP A 1 56  ? 5.925   6.036   -22.025 1.00 16.03 ? 56  ASP A OD2 1 
ATOM   435  N  N   . ALA A 1 57  ? 1.272   5.272   -20.130 1.00 15.21 ? 57  ALA A N   1 
ATOM   436  C  CA  . ALA A 1 57  ? 0.227   4.531   -20.824 1.00 18.37 ? 57  ALA A CA  1 
ATOM   437  C  C   . ALA A 1 57  ? 0.309   4.586   -22.355 1.00 20.55 ? 57  ALA A C   1 
ATOM   438  O  O   . ALA A 1 57  ? 0.114   3.566   -23.013 1.00 23.65 ? 57  ALA A O   1 
ATOM   439  C  CB  . ALA A 1 57  ? -1.116  5.051   -20.349 1.00 17.86 ? 57  ALA A CB  1 
ATOM   440  N  N   . ASP A 1 58  ? 0.658   5.747   -22.941 1.00 21.62 ? 58  ASP A N   1 
ATOM   441  C  CA  . ASP A 1 58  ? 0.832   5.882   -24.386 1.00 20.29 ? 58  ASP A CA  1 
ATOM   442  C  C   . ASP A 1 58  ? 2.212   5.556   -24.939 1.00 20.28 ? 58  ASP A C   1 
ATOM   443  O  O   . ASP A 1 58  ? 2.406   5.609   -26.156 1.00 26.24 ? 58  ASP A O   1 
ATOM   444  C  CB  . ASP A 1 58  ? 0.427   7.270   -24.864 1.00 15.37 ? 58  ASP A CB  1 
ATOM   445  C  CG  . ASP A 1 58  ? 1.244   8.449   -24.358 1.00 15.92 ? 58  ASP A CG  1 
ATOM   446  O  OD1 . ASP A 1 58  ? 2.295   8.282   -23.739 1.00 10.87 ? 58  ASP A OD1 1 
ATOM   447  O  OD2 . ASP A 1 58  ? 0.801   9.568   -24.594 1.00 16.78 ? 58  ASP A OD2 1 
ATOM   448  N  N   . GLY A 1 59  ? 3.217   5.272   -24.114 1.00 18.92 ? 59  GLY A N   1 
ATOM   449  C  CA  . GLY A 1 59  ? 4.477   4.746   -24.620 1.00 14.96 ? 59  GLY A CA  1 
ATOM   450  C  C   . GLY A 1 59  ? 5.424   5.789   -25.170 1.00 17.99 ? 59  GLY A C   1 
ATOM   451  O  O   . GLY A 1 59  ? 6.387   5.422   -25.851 1.00 17.76 ? 59  GLY A O   1 
ATOM   452  N  N   . ASN A 1 60  ? 5.204   7.091   -24.902 1.00 17.64 ? 60  ASN A N   1 
ATOM   453  C  CA  . ASN A 1 60  ? 6.055   8.125   -25.483 1.00 15.09 ? 60  ASN A CA  1 
ATOM   454  C  C   . ASN A 1 60  ? 7.298   8.444   -24.684 1.00 13.96 ? 60  ASN A C   1 
ATOM   455  O  O   . ASN A 1 60  ? 8.076   9.313   -25.069 1.00 14.71 ? 60  ASN A O   1 
ATOM   456  C  CB  . ASN A 1 60  ? 5.258   9.392   -25.807 1.00 15.53 ? 60  ASN A CB  1 
ATOM   457  C  CG  . ASN A 1 60  ? 4.769   10.142  -24.579 1.00 18.32 ? 60  ASN A CG  1 
ATOM   458  O  OD1 . ASN A 1 60  ? 4.747   9.626   -23.455 1.00 14.21 ? 60  ASN A OD1 1 
ATOM   459  N  ND2 . ASN A 1 60  ? 4.368   11.396  -24.809 1.00 12.16 ? 60  ASN A ND2 1 
ATOM   460  N  N   . GLY A 1 61  ? 7.496   7.697   -23.593 1.00 10.19 ? 61  GLY A N   1 
ATOM   461  C  CA  . GLY A 1 61  ? 8.712   7.765   -22.803 1.00 11.06 ? 61  GLY A CA  1 
ATOM   462  C  C   . GLY A 1 61  ? 8.640   8.748   -21.656 1.00 10.05 ? 61  GLY A C   1 
ATOM   463  O  O   . GLY A 1 61  ? 9.594   8.932   -20.896 1.00 11.41 ? 61  GLY A O   1 
ATOM   464  N  N   . THR A 1 62  ? 7.500   9.446   -21.581 1.00 8.59  ? 62  THR A N   1 
ATOM   465  C  CA  . THR A 1 62  ? 7.251   10.373  -20.497 1.00 9.57  ? 62  THR A CA  1 
ATOM   466  C  C   . THR A 1 62  ? 5.764   10.289  -20.005 1.00 3.44  ? 62  THR A C   1 
ATOM   467  O  O   . THR A 1 62  ? 4.804   9.758   -20.633 1.00 8.20  ? 62  THR A O   1 
ATOM   468  C  CB  . THR A 1 62  ? 7.654   11.840  -20.878 1.00 5.58  ? 62  THR A CB  1 
ATOM   469  O  OG1 . THR A 1 62  ? 6.656   12.296  -21.762 1.00 9.43  ? 62  THR A OG1 1 
ATOM   470  C  CG2 . THR A 1 62  ? 9.049   12.183  -21.458 1.00 8.36  ? 62  THR A CG2 1 
ATOM   471  N  N   . ILE A 1 63  ? 5.632   10.903  -18.798 1.00 8.10  ? 63  ILE A N   1 
ATOM   472  C  CA  . ILE A 1 63  ? 4.379   10.918  -18.025 1.00 5.60  ? 63  ILE A CA  1 
ATOM   473  C  C   . ILE A 1 63  ? 3.776   12.307  -18.144 1.00 5.26  ? 63  ILE A C   1 
ATOM   474  O  O   . ILE A 1 63  ? 4.479   13.229  -17.743 1.00 3.80  ? 63  ILE A O   1 
ATOM   475  C  CB  . ILE A 1 63  ? 4.701   10.679  -16.510 1.00 4.36  ? 63  ILE A CB  1 
ATOM   476  C  CG1 . ILE A 1 63  ? 5.590   9.464   -16.240 1.00 9.40  ? 63  ILE A CG1 1 
ATOM   477  C  CG2 . ILE A 1 63  ? 3.456   10.664  -15.613 1.00 3.13  ? 63  ILE A CG2 1 
ATOM   478  C  CD1 . ILE A 1 63  ? 5.246   8.231   -17.102 1.00 17.78 ? 63  ILE A CD1 1 
ATOM   479  N  N   . ASP A 1 64  ? 2.576   12.467  -18.691 1.00 8.29  ? 64  ASP A N   1 
ATOM   480  C  CA  . ASP A 1 64  ? 1.948   13.784  -18.738 1.00 6.40  ? 64  ASP A CA  1 
ATOM   481  C  C   . ASP A 1 64  ? 1.032   13.937  -17.541 1.00 11.39 ? 64  ASP A C   1 
ATOM   482  O  O   . ASP A 1 64  ? 1.095   13.107  -16.635 1.00 10.16 ? 64  ASP A O   1 
ATOM   483  C  CB  . ASP A 1 64  ? 1.195   14.007  -20.070 1.00 2.00  ? 64  ASP A CB  1 
ATOM   484  C  CG  . ASP A 1 64  ? 0.291   12.838  -20.433 1.00 9.31  ? 64  ASP A CG  1 
ATOM   485  O  OD1 . ASP A 1 64  ? -0.173  12.149  -19.536 1.00 17.26 ? 64  ASP A OD1 1 
ATOM   486  O  OD2 . ASP A 1 64  ? 0.027   12.599  -21.601 1.00 15.31 ? 64  ASP A OD2 1 
ATOM   487  N  N   . PHE A 1 65  ? 0.171   14.956  -17.440 1.00 10.23 ? 65  PHE A N   1 
ATOM   488  C  CA  . PHE A 1 65  ? -0.660  15.054  -16.251 1.00 10.93 ? 65  PHE A CA  1 
ATOM   489  C  C   . PHE A 1 65  ? -1.833  14.053  -16.212 1.00 11.36 ? 65  PHE A C   1 
ATOM   490  O  O   . PHE A 1 65  ? -2.084  13.510  -15.127 1.00 12.94 ? 65  PHE A O   1 
ATOM   491  C  CB  . PHE A 1 65  ? -1.058  16.542  -16.038 1.00 15.66 ? 65  PHE A CB  1 
ATOM   492  C  CG  . PHE A 1 65  ? -1.897  16.784  -14.794 1.00 14.65 ? 65  PHE A CG  1 
ATOM   493  C  CD1 . PHE A 1 65  ? -1.304  16.748  -13.566 1.00 15.37 ? 65  PHE A CD1 1 
ATOM   494  C  CD2 . PHE A 1 65  ? -3.254  17.038  -14.932 1.00 18.91 ? 65  PHE A CD2 1 
ATOM   495  C  CE1 . PHE A 1 65  ? -2.094  16.954  -12.452 1.00 18.50 ? 65  PHE A CE1 1 
ATOM   496  C  CE2 . PHE A 1 65  ? -4.027  17.269  -13.809 1.00 17.30 ? 65  PHE A CE2 1 
ATOM   497  C  CZ  . PHE A 1 65  ? -3.441  17.212  -12.573 1.00 16.46 ? 65  PHE A CZ  1 
ATOM   498  N  N   . PRO A 1 66  ? -2.594  13.727  -17.247 1.00 6.92  ? 66  PRO A N   1 
ATOM   499  C  CA  . PRO A 1 66  ? -3.560  12.634  -17.251 1.00 10.18 ? 66  PRO A CA  1 
ATOM   500  C  C   . PRO A 1 66  ? -2.977  11.308  -16.786 1.00 11.24 ? 66  PRO A C   1 
ATOM   501  O  O   . PRO A 1 66  ? -3.612  10.555  -16.038 1.00 13.58 ? 66  PRO A O   1 
ATOM   502  C  CB  . PRO A 1 66  ? -3.876  12.518  -18.689 1.00 12.05 ? 66  PRO A CB  1 
ATOM   503  C  CG  . PRO A 1 66  ? -3.944  13.936  -19.162 1.00 13.23 ? 66  PRO A CG  1 
ATOM   504  C  CD  . PRO A 1 66  ? -2.754  14.546  -18.463 1.00 8.35  ? 66  PRO A CD  1 
ATOM   505  N  N   . GLU A 1 67  ? -1.742  11.030  -17.199 1.00 10.47 ? 67  GLU A N   1 
ATOM   506  C  CA  . GLU A 1 67  ? -1.083  9.781   -16.788 1.00 10.29 ? 67  GLU A CA  1 
ATOM   507  C  C   . GLU A 1 67  ? -0.746  9.781   -15.308 1.00 11.73 ? 67  GLU A C   1 
ATOM   508  O  O   . GLU A 1 67  ? -0.848  8.764   -14.628 1.00 13.04 ? 67  GLU A O   1 
ATOM   509  C  CB  . GLU A 1 67  ? 0.179   9.435   -17.588 1.00 2.47  ? 67  GLU A CB  1 
ATOM   510  C  CG  . GLU A 1 67  ? -0.196  9.015   -19.019 1.00 9.15  ? 67  GLU A CG  1 
ATOM   511  C  CD  . GLU A 1 67  ? 0.986   8.901   -19.980 1.00 9.42  ? 67  GLU A CD  1 
ATOM   512  O  OE1 . GLU A 1 67  ? 2.042   9.464   -19.722 1.00 6.47  ? 67  GLU A OE1 1 
ATOM   513  O  OE2 . GLU A 1 67  ? 0.869   8.237   -20.995 1.00 5.43  ? 67  GLU A OE2 1 
ATOM   514  N  N   . PHE A 1 68  ? -0.374  10.933  -14.776 1.00 12.26 ? 68  PHE A N   1 
ATOM   515  C  CA  . PHE A 1 68  ? -0.066  11.030  -13.363 1.00 10.98 ? 68  PHE A CA  1 
ATOM   516  C  C   . PHE A 1 68  ? -1.343  10.997  -12.553 1.00 16.05 ? 68  PHE A C   1 
ATOM   517  O  O   . PHE A 1 68  ? -1.319  10.497  -11.436 1.00 17.05 ? 68  PHE A O   1 
ATOM   518  C  CB  . PHE A 1 68  ? 0.669   12.334  -13.128 1.00 11.75 ? 68  PHE A CB  1 
ATOM   519  C  CG  . PHE A 1 68  ? 1.067   12.700  -11.697 1.00 11.34 ? 68  PHE A CG  1 
ATOM   520  C  CD1 . PHE A 1 68  ? 2.297   12.326  -11.179 1.00 11.34 ? 68  PHE A CD1 1 
ATOM   521  C  CD2 . PHE A 1 68  ? 0.242   13.541  -10.956 1.00 13.54 ? 68  PHE A CD2 1 
ATOM   522  C  CE1 . PHE A 1 68  ? 2.722   12.839  -9.960  1.00 13.38 ? 68  PHE A CE1 1 
ATOM   523  C  CE2 . PHE A 1 68  ? 0.659   14.001  -9.717  1.00 11.41 ? 68  PHE A CE2 1 
ATOM   524  C  CZ  . PHE A 1 68  ? 1.905   13.684  -9.225  1.00 10.54 ? 68  PHE A CZ  1 
ATOM   525  N  N   . LEU A 1 69  ? -2.446  11.545  -13.070 1.00 16.56 ? 69  LEU A N   1 
ATOM   526  C  CA  . LEU A 1 69  ? -3.730  11.473  -12.381 1.00 18.80 ? 69  LEU A CA  1 
ATOM   527  C  C   . LEU A 1 69  ? -4.249  10.047  -12.196 1.00 20.63 ? 69  LEU A C   1 
ATOM   528  O  O   . LEU A 1 69  ? -4.714  9.703   -11.117 1.00 20.34 ? 69  LEU A O   1 
ATOM   529  C  CB  . LEU A 1 69  ? -4.780  12.312  -13.121 1.00 19.44 ? 69  LEU A CB  1 
ATOM   530  C  CG  . LEU A 1 69  ? -5.175  13.664  -12.563 1.00 22.29 ? 69  LEU A CG  1 
ATOM   531  C  CD1 . LEU A 1 69  ? -6.177  14.387  -13.446 1.00 21.46 ? 69  LEU A CD1 1 
ATOM   532  C  CD2 . LEU A 1 69  ? -5.868  13.412  -11.251 1.00 23.19 ? 69  LEU A CD2 1 
ATOM   533  N  N   . SER A 1 70  ? -4.178  9.209   -13.242 1.00 22.55 ? 70  SER A N   1 
ATOM   534  C  CA  . SER A 1 70  ? -4.390  7.763   -13.175 1.00 22.97 ? 70  SER A CA  1 
ATOM   535  C  C   . SER A 1 70  ? -3.596  6.993   -12.134 1.00 22.91 ? 70  SER A C   1 
ATOM   536  O  O   . SER A 1 70  ? -4.140  6.182   -11.381 1.00 25.42 ? 70  SER A O   1 
ATOM   537  C  CB  . SER A 1 70  ? -4.027  7.149   -14.492 1.00 21.98 ? 70  SER A CB  1 
ATOM   538  O  OG  . SER A 1 70  ? -5.207  6.862   -15.197 1.00 25.75 ? 70  SER A OG  1 
ATOM   539  N  N   . LEU A 1 71  ? -2.288  7.243   -12.132 1.00 21.18 ? 71  LEU A N   1 
ATOM   540  C  CA  . LEU A 1 71  ? -1.352  6.696   -11.167 1.00 23.78 ? 71  LEU A CA  1 
ATOM   541  C  C   . LEU A 1 71  ? -1.748  7.052   -9.733  1.00 24.33 ? 71  LEU A C   1 
ATOM   542  O  O   . LEU A 1 71  ? -1.884  6.161   -8.902  1.00 24.72 ? 71  LEU A O   1 
ATOM   543  C  CB  . LEU A 1 71  ? 0.065   7.228   -11.498 1.00 24.10 ? 71  LEU A CB  1 
ATOM   544  C  CG  . LEU A 1 71  ? 1.233   7.098   -10.516 1.00 27.66 ? 71  LEU A CG  1 
ATOM   545  C  CD1 . LEU A 1 71  ? 1.537   5.646   -10.237 1.00 29.20 ? 71  LEU A CD1 1 
ATOM   546  C  CD2 . LEU A 1 71  ? 2.463   7.793   -11.036 1.00 29.45 ? 71  LEU A CD2 1 
ATOM   547  N  N   . MET A 1 72  ? -1.955  8.337   -9.444  1.00 22.86 ? 72  MET A N   1 
ATOM   548  C  CA  . MET A 1 72  ? -2.251  8.816   -8.106  1.00 25.92 ? 72  MET A CA  1 
ATOM   549  C  C   . MET A 1 72  ? -3.537  8.275   -7.530  1.00 26.94 ? 72  MET A C   1 
ATOM   550  O  O   . MET A 1 72  ? -3.640  8.089   -6.325  1.00 27.80 ? 72  MET A O   1 
ATOM   551  C  CB  . MET A 1 72  ? -2.351  10.328  -8.091  1.00 26.90 ? 72  MET A CB  1 
ATOM   552  C  CG  . MET A 1 72  ? -1.024  11.010  -8.304  1.00 26.96 ? 72  MET A CG  1 
ATOM   553  S  SD  . MET A 1 72  ? 0.281   10.426  -7.200  1.00 33.19 ? 72  MET A SD  1 
ATOM   554  C  CE  . MET A 1 72  ? 0.236   11.644  -5.920  1.00 34.04 ? 72  MET A CE  1 
ATOM   555  N  N   . ALA A 1 73  ? -4.485  7.986   -8.420  1.00 28.67 ? 73  ALA A N   1 
ATOM   556  C  CA  . ALA A 1 73  ? -5.770  7.412   -8.060  1.00 33.25 ? 73  ALA A CA  1 
ATOM   557  C  C   . ALA A 1 73  ? -5.634  5.969   -7.620  1.00 34.74 ? 73  ALA A C   1 
ATOM   558  O  O   . ALA A 1 73  ? -6.115  5.612   -6.544  1.00 35.79 ? 73  ALA A O   1 
ATOM   559  C  CB  . ALA A 1 73  ? -6.714  7.398   -9.262  1.00 33.04 ? 73  ALA A CB  1 
ATOM   560  N  N   . ARG A 1 74  ? -4.972  5.147   -8.452  1.00 36.60 ? 74  ARG A N   1 
ATOM   561  C  CA  . ARG A 1 74  ? -4.687  3.756   -8.107  1.00 37.93 ? 74  ARG A CA  1 
ATOM   562  C  C   . ARG A 1 74  ? -3.913  3.656   -6.803  1.00 36.84 ? 74  ARG A C   1 
ATOM   563  O  O   . ARG A 1 74  ? -4.350  2.946   -5.900  1.00 36.77 ? 74  ARG A O   1 
ATOM   564  C  CB  . ARG A 1 74  ? -3.920  3.014   -9.201  1.00 41.05 ? 74  ARG A CB  1 
ATOM   565  C  CG  . ARG A 1 74  ? -4.720  2.772   -10.480 1.00 44.66 ? 74  ARG A CG  1 
ATOM   566  C  CD  . ARG A 1 74  ? -3.888  2.053   -11.548 1.00 47.70 ? 74  ARG A CD  1 
ATOM   567  N  NE  . ARG A 1 74  ? -2.639  2.756   -11.822 1.00 50.92 ? 74  ARG A NE  1 
ATOM   568  C  CZ  . ARG A 1 74  ? -2.425  3.442   -12.952 1.00 51.56 ? 74  ARG A CZ  1 
ATOM   569  N  NH1 . ARG A 1 74  ? -3.357  3.560   -13.901 1.00 51.87 ? 74  ARG A NH1 1 
ATOM   570  N  NH2 . ARG A 1 74  ? -1.239  4.009   -13.141 1.00 50.09 ? 74  ARG A NH2 1 
ATOM   571  N  N   . LYS A 1 75  ? -2.850  4.464   -6.683  1.00 34.14 ? 75  LYS A N   1 
ATOM   572  C  CA  . LYS A 1 75  ? -1.995  4.487   -5.507  1.00 35.38 ? 75  LYS A CA  1 
ATOM   573  C  C   . LYS A 1 75  ? -2.739  4.832   -4.217  1.00 35.50 ? 75  LYS A C   1 
ATOM   574  O  O   . LYS A 1 75  ? -2.601  4.084   -3.253  1.00 35.86 ? 75  LYS A O   1 
ATOM   575  C  CB  . LYS A 1 75  ? -0.816  5.437   -5.715  1.00 36.16 ? 75  LYS A CB  1 
ATOM   576  C  CG  . LYS A 1 75  ? 0.531   4.874   -5.271  1.00 38.88 ? 75  LYS A CG  1 
ATOM   577  C  CD  . LYS A 1 75  ? 0.792   5.026   -3.772  1.00 42.54 ? 75  LYS A CD  1 
ATOM   578  C  CE  . LYS A 1 75  ? 1.935   4.120   -3.258  1.00 47.00 ? 75  LYS A CE  1 
ATOM   579  N  NZ  . LYS A 1 75  ? 1.544   2.725   -3.079  1.00 46.19 ? 75  LYS A NZ  1 
ATOM   580  N  N   . MET A 1 76  ? -3.551  5.890   -4.147  1.00 35.64 ? 76  MET A N   1 
ATOM   581  C  CA  . MET A 1 76  ? -4.239  6.248   -2.909  1.00 37.25 ? 76  MET A CA  1 
ATOM   582  C  C   . MET A 1 76  ? -5.375  5.303   -2.540  1.00 37.30 ? 76  MET A C   1 
ATOM   583  O  O   . MET A 1 76  ? -5.738  5.162   -1.372  1.00 38.12 ? 76  MET A O   1 
ATOM   584  C  CB  . MET A 1 76  ? -4.822  7.622   -3.016  1.00 37.51 ? 76  MET A CB  1 
ATOM   585  C  CG  . MET A 1 76  ? -3.813  8.720   -3.152  1.00 39.79 ? 76  MET A CG  1 
ATOM   586  S  SD  . MET A 1 76  ? -4.634  9.999   -4.133  1.00 48.48 ? 76  MET A SD  1 
ATOM   587  C  CE  . MET A 1 76  ? -5.563  10.905  -2.927  1.00 44.54 ? 76  MET A CE  1 
ATOM   588  N  N   . LYS A 1 77  ? -5.956  4.678   -3.565  1.00 36.37 ? 77  LYS A N   1 
ATOM   589  C  CA  . LYS A 1 77  ? -6.964  3.644   -3.410  1.00 37.08 ? 77  LYS A CA  1 
ATOM   590  C  C   . LYS A 1 77  ? -6.315  2.459   -2.688  1.00 37.70 ? 77  LYS A C   1 
ATOM   591  O  O   . LYS A 1 77  ? -6.820  1.948   -1.682  1.00 39.73 ? 77  LYS A O   1 
ATOM   592  C  CB  . LYS A 1 77  ? -7.390  3.239   -4.806  1.00 37.80 ? 77  LYS A CB  1 
ATOM   593  C  CG  . LYS A 1 77  ? -8.563  2.283   -4.918  1.00 42.22 ? 77  LYS A CG  1 
ATOM   594  C  CD  . LYS A 1 77  ? -8.465  1.641   -6.299  1.00 47.02 ? 77  LYS A CD  1 
ATOM   595  C  CE  . LYS A 1 77  ? -9.536  0.591   -6.588  1.00 47.71 ? 77  LYS A CE  1 
ATOM   596  N  NZ  . LYS A 1 77  ? -9.233  -0.106  -7.830  1.00 49.12 ? 77  LYS A NZ  1 
ATOM   597  N  N   . GLU A 1 78  ? -5.128  2.089   -3.184  1.00 34.71 ? 78  GLU A N   1 
ATOM   598  C  CA  . GLU A 1 78  ? -4.288  1.071   -2.575  1.00 32.00 ? 78  GLU A CA  1 
ATOM   599  C  C   . GLU A 1 78  ? -3.835  1.413   -1.184  1.00 29.98 ? 78  GLU A C   1 
ATOM   600  O  O   . GLU A 1 78  ? -3.803  0.526   -0.345  1.00 27.26 ? 78  GLU A O   1 
ATOM   601  C  CB  . GLU A 1 78  ? -3.061  0.802   -3.428  1.00 32.57 ? 78  GLU A CB  1 
ATOM   602  C  CG  . GLU A 1 78  ? -3.559  0.094   -4.671  1.00 36.34 ? 78  GLU A CG  1 
ATOM   603  C  CD  . GLU A 1 78  ? -2.550  -0.188  -5.767  1.00 37.83 ? 78  GLU A CD  1 
ATOM   604  O  OE1 . GLU A 1 78  ? -1.345  -0.060  -5.539  1.00 39.74 ? 78  GLU A OE1 1 
ATOM   605  O  OE2 . GLU A 1 78  ? -2.995  -0.540  -6.861  1.00 39.43 ? 78  GLU A OE2 1 
ATOM   606  N  N   . GLN A 1 79  ? -3.527  2.687   -0.925  1.00 28.05 ? 79  GLN A N   1 
ATOM   607  C  CA  . GLN A 1 79  ? -3.020  3.118   0.372   1.00 29.74 ? 79  GLN A CA  1 
ATOM   608  C  C   . GLN A 1 79  ? -4.145  3.076   1.394   1.00 29.31 ? 79  GLN A C   1 
ATOM   609  O  O   . GLN A 1 79  ? -3.909  2.861   2.575   1.00 28.68 ? 79  GLN A O   1 
ATOM   610  C  CB  . GLN A 1 79  ? -2.425  4.531   0.325   1.00 32.90 ? 79  GLN A CB  1 
ATOM   611  C  CG  . GLN A 1 79  ? -1.594  4.905   1.564   1.00 39.22 ? 79  GLN A CG  1 
ATOM   612  C  CD  . GLN A 1 79  ? -1.297  6.398   1.732   1.00 44.79 ? 79  GLN A CD  1 
ATOM   613  O  OE1 . GLN A 1 79  ? -1.223  7.166   0.768   1.00 48.13 ? 79  GLN A OE1 1 
ATOM   614  N  NE2 . GLN A 1 79  ? -1.121  6.857   2.973   1.00 45.39 ? 79  GLN A NE2 1 
ATOM   615  N  N   . ASP A 1 80  ? -5.383  3.255   0.945   1.00 30.26 ? 80  ASP A N   1 
ATOM   616  C  CA  . ASP A 1 80  ? -6.537  3.115   1.814   1.00 33.16 ? 80  ASP A CA  1 
ATOM   617  C  C   . ASP A 1 80  ? -6.726  1.689   2.289   1.00 33.87 ? 80  ASP A C   1 
ATOM   618  O  O   . ASP A 1 80  ? -6.712  1.456   3.492   1.00 33.24 ? 80  ASP A O   1 
ATOM   619  C  CB  . ASP A 1 80  ? -7.805  3.591   1.119   1.00 35.27 ? 80  ASP A CB  1 
ATOM   620  C  CG  . ASP A 1 80  ? -7.887  5.108   0.964   1.00 37.63 ? 80  ASP A CG  1 
ATOM   621  O  OD1 . ASP A 1 80  ? -7.208  5.842   1.697   1.00 38.78 ? 80  ASP A OD1 1 
ATOM   622  O  OD2 . ASP A 1 80  ? -8.650  5.551   0.104   1.00 37.24 ? 80  ASP A OD2 1 
ATOM   623  N  N   . SER A 1 81  ? -6.840  0.724   1.367   1.00 33.74 ? 81  SER A N   1 
ATOM   624  C  CA  . SER A 1 81  ? -6.979  -0.669  1.745   1.00 32.99 ? 81  SER A CA  1 
ATOM   625  C  C   . SER A 1 81  ? -5.811  -1.200  2.559   1.00 33.30 ? 81  SER A C   1 
ATOM   626  O  O   . SER A 1 81  ? -6.016  -2.065  3.413   1.00 35.17 ? 81  SER A O   1 
ATOM   627  C  CB  . SER A 1 81  ? -7.316  -1.571  0.551   1.00 33.71 ? 81  SER A CB  1 
ATOM   628  O  OG  . SER A 1 81  ? -6.660  -1.252  -0.654  1.00 36.10 ? 81  SER A OG  1 
ATOM   629  N  N   . GLU A 1 82  ? -4.598  -0.654  2.413   1.00 31.55 ? 82  GLU A N   1 
ATOM   630  C  CA  . GLU A 1 82  ? -3.535  -1.015  3.328   1.00 33.02 ? 82  GLU A CA  1 
ATOM   631  C  C   . GLU A 1 82  ? -3.769  -0.416  4.715   1.00 33.67 ? 82  GLU A C   1 
ATOM   632  O  O   . GLU A 1 82  ? -3.433  -1.070  5.700   1.00 33.18 ? 82  GLU A O   1 
ATOM   633  C  CB  . GLU A 1 82  ? -2.142  -0.631  2.847   1.00 33.61 ? 82  GLU A CB  1 
ATOM   634  C  CG  . GLU A 1 82  ? -1.171  -1.637  3.461   1.00 38.56 ? 82  GLU A CG  1 
ATOM   635  C  CD  . GLU A 1 82  ? 0.290   -1.237  3.614   1.00 42.33 ? 82  GLU A CD  1 
ATOM   636  O  OE1 . GLU A 1 82  ? 0.652   -0.099  3.295   1.00 40.99 ? 82  GLU A OE1 1 
ATOM   637  O  OE2 . GLU A 1 82  ? 1.061   -2.086  4.080   1.00 42.83 ? 82  GLU A OE2 1 
ATOM   638  N  N   . GLU A 1 83  ? -4.368  0.792   4.829   1.00 34.39 ? 83  GLU A N   1 
ATOM   639  C  CA  . GLU A 1 83  ? -4.645  1.441   6.122   1.00 33.91 ? 83  GLU A CA  1 
ATOM   640  C  C   . GLU A 1 83  ? -5.610  0.620   6.960   1.00 31.17 ? 83  GLU A C   1 
ATOM   641  O  O   . GLU A 1 83  ? -5.440  0.458   8.164   1.00 28.69 ? 83  GLU A O   1 
ATOM   642  C  CB  . GLU A 1 83  ? -5.294  2.827   6.005   1.00 37.23 ? 83  GLU A CB  1 
ATOM   643  C  CG  . GLU A 1 83  ? -4.417  3.920   5.424   1.00 44.70 ? 83  GLU A CG  1 
ATOM   644  C  CD  . GLU A 1 83  ? -4.941  5.359   5.510   1.00 48.72 ? 83  GLU A CD  1 
ATOM   645  O  OE1 . GLU A 1 83  ? -5.838  5.640   6.314   1.00 48.48 ? 83  GLU A OE1 1 
ATOM   646  O  OE2 . GLU A 1 83  ? -4.424  6.205   4.771   1.00 49.33 ? 83  GLU A OE2 1 
ATOM   647  N  N   . GLU A 1 84  ? -6.622  0.097   6.271   1.00 29.44 ? 84  GLU A N   1 
ATOM   648  C  CA  . GLU A 1 84  ? -7.620  -0.779  6.866   1.00 31.76 ? 84  GLU A CA  1 
ATOM   649  C  C   . GLU A 1 84  ? -7.052  -2.054  7.477   1.00 29.12 ? 84  GLU A C   1 
ATOM   650  O  O   . GLU A 1 84  ? -7.243  -2.325  8.663   1.00 28.82 ? 84  GLU A O   1 
ATOM   651  C  CB  . GLU A 1 84  ? -8.695  -1.052  5.825   1.00 33.80 ? 84  GLU A CB  1 
ATOM   652  C  CG  . GLU A 1 84  ? -9.516  0.235   5.704   1.00 39.12 ? 84  GLU A CG  1 
ATOM   653  C  CD  . GLU A 1 84  ? -10.317 0.430   4.423   1.00 44.03 ? 84  GLU A CD  1 
ATOM   654  O  OE1 . GLU A 1 84  ? -10.616 -0.551  3.736   1.00 46.12 ? 84  GLU A OE1 1 
ATOM   655  O  OE2 . GLU A 1 84  ? -10.636 1.584   4.115   1.00 46.52 ? 84  GLU A OE2 1 
ATOM   656  N  N   . LEU A 1 85  ? -6.267  -2.764  6.671   1.00 26.08 ? 85  LEU A N   1 
ATOM   657  C  CA  . LEU A 1 85  ? -5.561  -3.954  7.111   1.00 23.38 ? 85  LEU A CA  1 
ATOM   658  C  C   . LEU A 1 85  ? -4.556  -3.723  8.242   1.00 22.48 ? 85  LEU A C   1 
ATOM   659  O  O   . LEU A 1 85  ? -4.452  -4.572  9.130   1.00 23.09 ? 85  LEU A O   1 
ATOM   660  C  CB  . LEU A 1 85  ? -4.874  -4.603  5.903   1.00 22.93 ? 85  LEU A CB  1 
ATOM   661  C  CG  . LEU A 1 85  ? -5.739  -5.165  4.774   1.00 23.38 ? 85  LEU A CG  1 
ATOM   662  C  CD1 . LEU A 1 85  ? -4.855  -5.571  3.618   1.00 25.47 ? 85  LEU A CD1 1 
ATOM   663  C  CD2 . LEU A 1 85  ? -6.582  -6.340  5.220   1.00 24.57 ? 85  LEU A CD2 1 
ATOM   664  N  N   . ILE A 1 86  ? -3.810  -2.608  8.263   1.00 19.09 ? 86  ILE A N   1 
ATOM   665  C  CA  . ILE A 1 86  ? -2.918  -2.259  9.371   1.00 20.90 ? 86  ILE A CA  1 
ATOM   666  C  C   . ILE A 1 86  ? -3.714  -1.958  10.644  1.00 22.13 ? 86  ILE A C   1 
ATOM   667  O  O   . ILE A 1 86  ? -3.285  -2.290  11.745  1.00 22.50 ? 86  ILE A O   1 
ATOM   668  C  CB  . ILE A 1 86  ? -2.036  -1.056  9.013   1.00 19.11 ? 86  ILE A CB  1 
ATOM   669  C  CG1 . ILE A 1 86  ? -1.128  -1.417  7.856   1.00 22.14 ? 86  ILE A CG1 1 
ATOM   670  C  CG2 . ILE A 1 86  ? -1.162  -0.619  10.173  1.00 20.34 ? 86  ILE A CG2 1 
ATOM   671  C  CD1 . ILE A 1 86  ? -0.463  -0.165  7.257   1.00 24.71 ? 86  ILE A CD1 1 
ATOM   672  N  N   . GLU A 1 87  ? -4.876  -1.325  10.493  1.00 22.41 ? 87  GLU A N   1 
ATOM   673  C  CA  . GLU A 1 87  ? -5.752  -1.052  11.610  1.00 23.28 ? 87  GLU A CA  1 
ATOM   674  C  C   . GLU A 1 87  ? -6.357  -2.295  12.216  1.00 21.96 ? 87  GLU A C   1 
ATOM   675  O  O   . GLU A 1 87  ? -6.399  -2.413  13.438  1.00 22.33 ? 87  GLU A O   1 
ATOM   676  C  CB  . GLU A 1 87  ? -6.869  -0.136  11.204  1.00 26.20 ? 87  GLU A CB  1 
ATOM   677  C  CG  . GLU A 1 87  ? -6.355  1.283   11.118  1.00 33.08 ? 87  GLU A CG  1 
ATOM   678  C  CD  . GLU A 1 87  ? -7.499  2.279   11.077  1.00 37.46 ? 87  GLU A CD  1 
ATOM   679  O  OE1 . GLU A 1 87  ? -8.570  1.957   10.552  1.00 39.67 ? 87  GLU A OE1 1 
ATOM   680  O  OE2 . GLU A 1 87  ? -7.309  3.380   11.585  1.00 41.87 ? 87  GLU A OE2 1 
ATOM   681  N  N   . ALA A 1 88  ? -6.823  -3.221  11.380  1.00 20.71 ? 88  ALA A N   1 
ATOM   682  C  CA  . ALA A 1 88  ? -7.376  -4.466  11.910  1.00 22.00 ? 88  ALA A CA  1 
ATOM   683  C  C   . ALA A 1 88  ? -6.322  -5.360  12.551  1.00 21.16 ? 88  ALA A C   1 
ATOM   684  O  O   . ALA A 1 88  ? -6.614  -5.980  13.571  1.00 20.16 ? 88  ALA A O   1 
ATOM   685  C  CB  . ALA A 1 88  ? -8.094  -5.300  10.872  1.00 19.10 ? 88  ALA A CB  1 
ATOM   686  N  N   . PHE A 1 89  ? -5.087  -5.379  12.007  1.00 18.17 ? 89  PHE A N   1 
ATOM   687  C  CA  . PHE A 1 89  ? -3.973  -6.063  12.637  1.00 15.20 ? 89  PHE A CA  1 
ATOM   688  C  C   . PHE A 1 89  ? -3.633  -5.496  14.010  1.00 15.94 ? 89  PHE A C   1 
ATOM   689  O  O   . PHE A 1 89  ? -3.321  -6.290  14.899  1.00 14.48 ? 89  PHE A O   1 
ATOM   690  C  CB  . PHE A 1 89  ? -2.704  -6.077  11.772  1.00 13.24 ? 89  PHE A CB  1 
ATOM   691  C  CG  . PHE A 1 89  ? -1.554  -6.903  12.353  1.00 12.16 ? 89  PHE A CG  1 
ATOM   692  C  CD1 . PHE A 1 89  ? -1.503  -8.260  12.139  1.00 14.24 ? 89  PHE A CD1 1 
ATOM   693  C  CD2 . PHE A 1 89  ? -0.552  -6.313  13.097  1.00 12.86 ? 89  PHE A CD2 1 
ATOM   694  C  CE1 . PHE A 1 89  ? -0.471  -8.996  12.678  1.00 9.13  ? 89  PHE A CE1 1 
ATOM   695  C  CE2 . PHE A 1 89  ? 0.492   -7.059  13.604  1.00 13.47 ? 89  PHE A CE2 1 
ATOM   696  C  CZ  . PHE A 1 89  ? 0.541   -8.415  13.392  1.00 10.82 ? 89  PHE A CZ  1 
ATOM   697  N  N   . LYS A 1 90  ? -3.599  -4.169  14.223  1.00 15.51 ? 90  LYS A N   1 
ATOM   698  C  CA  . LYS A 1 90  ? -3.261  -3.646  15.534  1.00 16.19 ? 90  LYS A CA  1 
ATOM   699  C  C   . LYS A 1 90  ? -4.364  -3.849  16.573  1.00 15.27 ? 90  LYS A C   1 
ATOM   700  O  O   . LYS A 1 90  ? -4.022  -3.876  17.758  1.00 16.23 ? 90  LYS A O   1 
ATOM   701  C  CB  . LYS A 1 90  ? -2.831  -2.176  15.476  1.00 17.80 ? 90  LYS A CB  1 
ATOM   702  C  CG  . LYS A 1 90  ? -1.442  -2.017  14.888  1.00 20.39 ? 90  LYS A CG  1 
ATOM   703  C  CD  . LYS A 1 90  ? -1.300  -0.860  13.896  1.00 26.12 ? 90  LYS A CD  1 
ATOM   704  C  CE  . LYS A 1 90  ? -1.481  0.523   14.486  1.00 28.20 ? 90  LYS A CE  1 
ATOM   705  N  NZ  . LYS A 1 90  ? -1.171  1.592   13.544  1.00 30.22 ? 90  LYS A NZ  1 
ATOM   706  N  N   . VAL A 1 91  ? -5.645  -4.048  16.221  1.00 15.73 ? 91  VAL A N   1 
ATOM   707  C  CA  . VAL A 1 91  ? -6.638  -4.417  17.227  1.00 19.27 ? 91  VAL A CA  1 
ATOM   708  C  C   . VAL A 1 91  ? -6.436  -5.876  17.664  1.00 21.09 ? 91  VAL A C   1 
ATOM   709  O  O   . VAL A 1 91  ? -6.519  -6.162  18.859  1.00 19.45 ? 91  VAL A O   1 
ATOM   710  C  CB  . VAL A 1 91  ? -8.143  -4.167  16.901  1.00 20.06 ? 91  VAL A CB  1 
ATOM   711  C  CG1 . VAL A 1 91  ? -8.351  -2.903  16.099  1.00 21.99 ? 91  VAL A CG1 1 
ATOM   712  C  CG2 . VAL A 1 91  ? -8.956  -5.333  16.351  1.00 23.79 ? 91  VAL A CG2 1 
ATOM   713  N  N   . PHE A 1 92  ? -6.157  -6.799  16.724  1.00 18.58 ? 92  PHE A N   1 
ATOM   714  C  CA  . PHE A 1 92  ? -5.856  -8.177  17.100  1.00 16.42 ? 92  PHE A CA  1 
ATOM   715  C  C   . PHE A 1 92  ? -4.562  -8.281  17.875  1.00 15.71 ? 92  PHE A C   1 
ATOM   716  O  O   . PHE A 1 92  ? -4.504  -9.040  18.841  1.00 14.01 ? 92  PHE A O   1 
ATOM   717  C  CB  . PHE A 1 92  ? -5.762  -9.110  15.913  1.00 15.80 ? 92  PHE A CB  1 
ATOM   718  C  CG  . PHE A 1 92  ? -7.078  -9.515  15.285  1.00 18.79 ? 92  PHE A CG  1 
ATOM   719  C  CD1 . PHE A 1 92  ? -7.814  -10.553 15.813  1.00 19.61 ? 92  PHE A CD1 1 
ATOM   720  C  CD2 . PHE A 1 92  ? -7.542  -8.860  14.166  1.00 19.53 ? 92  PHE A CD2 1 
ATOM   721  C  CE1 . PHE A 1 92  ? -9.005  -10.910 15.221  1.00 20.66 ? 92  PHE A CE1 1 
ATOM   722  C  CE2 . PHE A 1 92  ? -8.735  -9.231  13.583  1.00 21.21 ? 92  PHE A CE2 1 
ATOM   723  C  CZ  . PHE A 1 92  ? -9.475  -10.260 14.104  1.00 21.35 ? 92  PHE A CZ  1 
ATOM   724  N  N   . ASP A 1 93  ? -3.519  -7.515  17.537  1.00 14.73 ? 93  ASP A N   1 
ATOM   725  C  CA  . ASP A 1 93  ? -2.252  -7.687  18.206  1.00 15.75 ? 93  ASP A CA  1 
ATOM   726  C  C   . ASP A 1 93  ? -2.236  -6.915  19.515  1.00 19.08 ? 93  ASP A C   1 
ATOM   727  O  O   . ASP A 1 93  ? -1.548  -5.902  19.681  1.00 20.19 ? 93  ASP A O   1 
ATOM   728  C  CB  . ASP A 1 93  ? -1.084  -7.345  17.281  1.00 16.25 ? 93  ASP A CB  1 
ATOM   729  C  CG  . ASP A 1 93  ? 0.271   -7.530  17.935  1.00 18.37 ? 93  ASP A CG  1 
ATOM   730  O  OD1 . ASP A 1 93  ? 0.373   -8.337  18.850  1.00 19.51 ? 93  ASP A OD1 1 
ATOM   731  O  OD2 . ASP A 1 93  ? 1.227   -6.856  17.562  1.00 20.23 ? 93  ASP A OD2 1 
ATOM   732  N  N   . ARG A 1 94  ? -2.978  -7.453  20.489  1.00 19.44 ? 94  ARG A N   1 
ATOM   733  C  CA  . ARG A 1 94  ? -3.224  -6.759  21.740  1.00 21.89 ? 94  ARG A CA  1 
ATOM   734  C  C   . ARG A 1 94  ? -1.988  -6.309  22.469  1.00 20.52 ? 94  ARG A C   1 
ATOM   735  O  O   . ARG A 1 94  ? -1.999  -5.217  23.012  1.00 24.64 ? 94  ARG A O   1 
ATOM   736  C  CB  . ARG A 1 94  ? -4.114  -7.557  22.673  1.00 23.29 ? 94  ARG A CB  1 
ATOM   737  C  CG  . ARG A 1 94  ? -5.569  -7.638  22.177  1.00 29.58 ? 94  ARG A CG  1 
ATOM   738  C  CD  . ARG A 1 94  ? -6.492  -8.444  23.094  1.00 30.92 ? 94  ARG A CD  1 
ATOM   739  N  NE  . ARG A 1 94  ? -7.018  -7.696  24.229  1.00 34.46 ? 94  ARG A NE  1 
ATOM   740  C  CZ  . ARG A 1 94  ? -6.397  -7.648  25.411  1.00 36.27 ? 94  ARG A CZ  1 
ATOM   741  N  NH1 . ARG A 1 94  ? -5.195  -8.192  25.591  1.00 39.30 ? 94  ARG A NH1 1 
ATOM   742  N  NH2 . ARG A 1 94  ? -6.993  -7.064  26.444  1.00 38.42 ? 94  ARG A NH2 1 
ATOM   743  N  N   . ASP A 1 95  ? -0.887  -7.032  22.438  1.00 20.12 ? 95  ASP A N   1 
ATOM   744  C  CA  . ASP A 1 95  ? 0.266   -6.554  23.181  1.00 21.59 ? 95  ASP A CA  1 
ATOM   745  C  C   . ASP A 1 95  ? 1.241   -5.722  22.368  1.00 22.21 ? 95  ASP A C   1 
ATOM   746  O  O   . ASP A 1 95  ? 2.315   -5.364  22.862  1.00 22.36 ? 95  ASP A O   1 
ATOM   747  C  CB  . ASP A 1 95  ? 0.988   -7.706  23.881  1.00 23.78 ? 95  ASP A CB  1 
ATOM   748  C  CG  . ASP A 1 95  ? 1.688   -8.749  23.016  1.00 26.80 ? 95  ASP A CG  1 
ATOM   749  O  OD1 . ASP A 1 95  ? 1.699   -8.615  21.791  1.00 25.90 ? 95  ASP A OD1 1 
ATOM   750  O  OD2 . ASP A 1 95  ? 2.233   -9.702  23.583  1.00 26.98 ? 95  ASP A OD2 1 
ATOM   751  N  N   . GLY A 1 96  ? 0.869   -5.477  21.096  1.00 22.03 ? 96  GLY A N   1 
ATOM   752  C  CA  . GLY A 1 96  ? 1.684   -4.749  20.133  1.00 19.17 ? 96  GLY A CA  1 
ATOM   753  C  C   . GLY A 1 96  ? 3.019   -5.398  19.778  1.00 21.75 ? 96  GLY A C   1 
ATOM   754  O  O   . GLY A 1 96  ? 3.931   -4.681  19.367  1.00 23.70 ? 96  GLY A O   1 
ATOM   755  N  N   . ASN A 1 97  ? 3.244   -6.713  19.863  1.00 20.66 ? 97  ASN A N   1 
ATOM   756  C  CA  . ASN A 1 97  ? 4.598   -7.217  19.640  1.00 16.69 ? 97  ASN A CA  1 
ATOM   757  C  C   . ASN A 1 97  ? 4.868   -7.620  18.196  1.00 18.91 ? 97  ASN A C   1 
ATOM   758  O  O   . ASN A 1 97  ? 5.955   -8.111  17.885  1.00 19.59 ? 97  ASN A O   1 
ATOM   759  C  CB  . ASN A 1 97  ? 4.950   -8.348  20.636  1.00 17.43 ? 97  ASN A CB  1 
ATOM   760  C  CG  . ASN A 1 97  ? 4.279   -9.696  20.387  1.00 11.65 ? 97  ASN A CG  1 
ATOM   761  O  OD1 . ASN A 1 97  ? 3.201   -9.804  19.808  1.00 16.64 ? 97  ASN A OD1 1 
ATOM   762  N  ND2 . ASN A 1 97  ? 4.943   -10.770 20.803  1.00 13.58 ? 97  ASN A ND2 1 
ATOM   763  N  N   . GLY A 1 98  ? 3.880   -7.432  17.307  1.00 18.26 ? 98  GLY A N   1 
ATOM   764  C  CA  . GLY A 1 98  ? 4.046   -7.773  15.903  1.00 19.15 ? 98  GLY A CA  1 
ATOM   765  C  C   . GLY A 1 98  ? 3.413   -9.121  15.576  1.00 18.14 ? 98  GLY A C   1 
ATOM   766  O  O   . GLY A 1 98  ? 3.299   -9.540  14.423  1.00 19.35 ? 98  GLY A O   1 
ATOM   767  N  N   . LEU A 1 99  ? 2.982   -9.849  16.600  1.00 15.54 ? 99  LEU A N   1 
ATOM   768  C  CA  . LEU A 1 99  ? 2.491   -11.206 16.397  1.00 14.74 ? 99  LEU A CA  1 
ATOM   769  C  C   . LEU A 1 99  ? 1.171   -11.420 17.118  1.00 16.88 ? 99  LEU A C   1 
ATOM   770  O  O   . LEU A 1 99  ? 1.086   -11.169 18.327  1.00 16.67 ? 99  LEU A O   1 
ATOM   771  C  CB  . LEU A 1 99  ? 3.486   -12.197 16.990  1.00 15.60 ? 99  LEU A CB  1 
ATOM   772  C  CG  . LEU A 1 99  ? 4.886   -12.259 16.434  1.00 18.88 ? 99  LEU A CG  1 
ATOM   773  C  CD1 . LEU A 1 99  ? 5.767   -13.127 17.311  1.00 22.70 ? 99  LEU A CD1 1 
ATOM   774  C  CD2 . LEU A 1 99  ? 4.822   -12.716 14.978  1.00 18.81 ? 99  LEU A CD2 1 
ATOM   775  N  N   . ILE A 1 100 ? 0.153   -11.875 16.395  1.00 10.52 ? 100 ILE A N   1 
ATOM   776  C  CA  . ILE A 1 100 ? -1.092  -12.292 17.014  1.00 12.90 ? 100 ILE A CA  1 
ATOM   777  C  C   . ILE A 1 100 ? -0.966  -13.727 17.578  1.00 16.12 ? 100 ILE A C   1 
ATOM   778  O  O   . ILE A 1 100 ? -0.749  -14.694 16.831  1.00 13.90 ? 100 ILE A O   1 
ATOM   779  C  CB  . ILE A 1 100 ? -2.195  -12.210 15.961  1.00 10.49 ? 100 ILE A CB  1 
ATOM   780  C  CG1 . ILE A 1 100 ? -2.347  -10.821 15.312  1.00 10.36 ? 100 ILE A CG1 1 
ATOM   781  C  CG2 . ILE A 1 100 ? -3.502  -12.664 16.603  1.00 8.19  ? 100 ILE A CG2 1 
ATOM   782  C  CD1 . ILE A 1 100 ? -3.215  -10.860 13.996  1.00 6.03  ? 100 ILE A CD1 1 
ATOM   783  N  N   . SER A 1 101 ? -1.130  -13.919 18.897  1.00 10.25 ? 101 SER A N   1 
ATOM   784  C  CA  . SER A 1 101 ? -1.045  -15.264 19.456  1.00 8.12  ? 101 SER A CA  1 
ATOM   785  C  C   . SER A 1 101 ? -2.430  -15.855 19.483  1.00 9.04  ? 101 SER A C   1 
ATOM   786  O  O   . SER A 1 101 ? -3.399  -15.160 19.175  1.00 7.55  ? 101 SER A O   1 
ATOM   787  C  CB  . SER A 1 101 ? -0.539  -15.176 20.871  1.00 12.15 ? 101 SER A CB  1 
ATOM   788  O  OG  . SER A 1 101 ? -1.560  -14.509 21.602  1.00 12.29 ? 101 SER A OG  1 
ATOM   789  N  N   . ALA A 1 102 ? -2.546  -17.136 19.896  1.00 10.88 ? 102 ALA A N   1 
ATOM   790  C  CA  . ALA A 1 102 ? -3.845  -17.791 20.006  1.00 9.52  ? 102 ALA A CA  1 
ATOM   791  C  C   . ALA A 1 102 ? -4.754  -17.171 21.072  1.00 10.00 ? 102 ALA A C   1 
ATOM   792  O  O   . ALA A 1 102 ? -5.947  -17.017 20.842  1.00 11.69 ? 102 ALA A O   1 
ATOM   793  C  CB  . ALA A 1 102 ? -3.576  -19.297 20.242  1.00 9.28  ? 102 ALA A CB  1 
ATOM   794  N  N   . ALA A 1 103 ? -4.164  -16.724 22.196  1.00 10.99 ? 103 ALA A N   1 
ATOM   795  C  CA  . ALA A 1 103 ? -4.877  -15.990 23.245  1.00 10.28 ? 103 ALA A CA  1 
ATOM   796  C  C   . ALA A 1 103 ? -5.406  -14.651 22.771  1.00 9.07  ? 103 ALA A C   1 
ATOM   797  O  O   . ALA A 1 103 ? -6.537  -14.271 23.096  1.00 10.01 ? 103 ALA A O   1 
ATOM   798  C  CB  . ALA A 1 103 ? -3.911  -15.676 24.362  1.00 8.21  ? 103 ALA A CB  1 
ATOM   799  N  N   . GLU A 1 104 ? -4.611  -13.931 21.968  1.00 6.02  ? 104 GLU A N   1 
ATOM   800  C  CA  . GLU A 1 104 ? -5.105  -12.673 21.391  1.00 5.57  ? 104 GLU A CA  1 
ATOM   801  C  C   . GLU A 1 104 ? -6.222  -12.871 20.414  1.00 9.30  ? 104 GLU A C   1 
ATOM   802  O  O   . GLU A 1 104 ? -7.234  -12.169 20.487  1.00 9.54  ? 104 GLU A O   1 
ATOM   803  C  CB  . GLU A 1 104 ? -4.019  -11.847 20.709  1.00 3.96  ? 104 GLU A CB  1 
ATOM   804  C  CG  . GLU A 1 104 ? -3.017  -11.274 21.677  1.00 8.85  ? 104 GLU A CG  1 
ATOM   805  C  CD  . GLU A 1 104 ? -1.727  -10.730 21.094  1.00 13.51 ? 104 GLU A CD  1 
ATOM   806  O  OE1 . GLU A 1 104 ? -1.249  -11.238 20.078  1.00 13.63 ? 104 GLU A OE1 1 
ATOM   807  O  OE2 . GLU A 1 104 ? -1.143  -9.828  21.695  1.00 12.85 ? 104 GLU A OE2 1 
ATOM   808  N  N   . LEU A 1 105 ? -6.108  -13.862 19.516  1.00 9.64  ? 105 LEU A N   1 
ATOM   809  C  CA  . LEU A 1 105 ? -7.158  -14.054 18.541  1.00 10.01 ? 105 LEU A CA  1 
ATOM   810  C  C   . LEU A 1 105 ? -8.411  -14.557 19.207  1.00 10.62 ? 105 LEU A C   1 
ATOM   811  O  O   . LEU A 1 105 ? -9.504  -14.180 18.790  1.00 12.82 ? 105 LEU A O   1 
ATOM   812  C  CB  . LEU A 1 105 ? -6.727  -15.006 17.394  1.00 9.61  ? 105 LEU A CB  1 
ATOM   813  C  CG  . LEU A 1 105 ? -7.741  -15.531 16.392  1.00 14.31 ? 105 LEU A CG  1 
ATOM   814  C  CD1 . LEU A 1 105 ? -8.411  -14.413 15.631  1.00 17.31 ? 105 LEU A CD1 1 
ATOM   815  C  CD2 . LEU A 1 105 ? -7.067  -16.464 15.407  1.00 16.87 ? 105 LEU A CD2 1 
ATOM   816  N  N   . ARG A 1 106 ? -8.292  -15.358 20.286  1.00 10.32 ? 106 ARG A N   1 
ATOM   817  C  CA  . ARG A 1 106 ? -9.484  -15.879 20.943  1.00 7.61  ? 106 ARG A CA  1 
ATOM   818  C  C   . ARG A 1 106 ? -10.236 -14.786 21.704  1.00 8.85  ? 106 ARG A C   1 
ATOM   819  O  O   . ARG A 1 106 ? -11.460 -14.727 21.704  1.00 8.24  ? 106 ARG A O   1 
ATOM   820  C  CB  . ARG A 1 106 ? -9.055  -17.043 21.858  1.00 8.64  ? 106 ARG A CB  1 
ATOM   821  C  CG  . ARG A 1 106 ? -10.220 -17.960 22.238  1.00 13.05 ? 106 ARG A CG  1 
ATOM   822  C  CD  . ARG A 1 106 ? -9.697  -19.024 23.219  1.00 14.38 ? 106 ARG A CD  1 
ATOM   823  N  NE  . ARG A 1 106 ? -10.247 -18.680 24.507  1.00 22.59 ? 106 ARG A NE  1 
ATOM   824  C  CZ  . ARG A 1 106 ? -9.494  -18.459 25.557  1.00 18.87 ? 106 ARG A CZ  1 
ATOM   825  N  NH1 . ARG A 1 106 ? -8.205  -18.761 25.570  1.00 22.29 ? 106 ARG A NH1 1 
ATOM   826  N  NH2 . ARG A 1 106 ? -10.079 -17.854 26.582  1.00 25.31 ? 106 ARG A NH2 1 
ATOM   827  N  N   . HIS A 1 107 ? -9.474  -13.885 22.334  1.00 7.27  ? 107 HIS A N   1 
ATOM   828  C  CA  . HIS A 1 107 ? -10.038 -12.741 23.044  1.00 14.98 ? 107 HIS A CA  1 
ATOM   829  C  C   . HIS A 1 107 ? -10.778 -11.817 22.101  1.00 14.77 ? 107 HIS A C   1 
ATOM   830  O  O   . HIS A 1 107 ? -11.915 -11.457 22.379  1.00 17.91 ? 107 HIS A O   1 
ATOM   831  C  CB  . HIS A 1 107 ? -8.906  -12.013 23.761  1.00 18.25 ? 107 HIS A CB  1 
ATOM   832  C  CG  . HIS A 1 107 ? -9.379  -10.847 24.624  1.00 23.63 ? 107 HIS A CG  1 
ATOM   833  N  ND1 . HIS A 1 107 ? -9.967  -9.724  24.223  1.00 25.42 ? 107 HIS A ND1 1 
ATOM   834  C  CD2 . HIS A 1 107 ? -9.367  -10.826 25.999  1.00 27.30 ? 107 HIS A CD2 1 
ATOM   835  C  CE1 . HIS A 1 107 ? -10.325 -9.041  25.285  1.00 26.60 ? 107 HIS A CE1 1 
ATOM   836  N  NE2 . HIS A 1 107 ? -9.966  -9.712  26.352  1.00 24.62 ? 107 HIS A NE2 1 
ATOM   837  N  N   . VAL A 1 108 ? -10.203 -11.449 20.946  1.00 18.42 ? 108 VAL A N   1 
ATOM   838  C  CA  . VAL A 1 108 ? -10.906 -10.591 19.995  1.00 15.48 ? 108 VAL A CA  1 
ATOM   839  C  C   . VAL A 1 108 ? -12.109 -11.279 19.375  1.00 14.99 ? 108 VAL A C   1 
ATOM   840  O  O   . VAL A 1 108 ? -13.129 -10.628 19.161  1.00 14.71 ? 108 VAL A O   1 
ATOM   841  C  CB  . VAL A 1 108 ? -9.928  -10.063 18.935  1.00 17.07 ? 108 VAL A CB  1 
ATOM   842  C  CG1 . VAL A 1 108 ? -10.611 -9.147  17.924  1.00 21.58 ? 108 VAL A CG1 1 
ATOM   843  C  CG2 . VAL A 1 108 ? -8.865  -9.255  19.662  1.00 13.90 ? 108 VAL A CG2 1 
ATOM   844  N  N   . MET A 1 109 ? -12.064 -12.596 19.120  1.00 14.45 ? 109 MET A N   1 
ATOM   845  C  CA  . MET A 1 109 ? -13.223 -13.269 18.576  1.00 14.08 ? 109 MET A CA  1 
ATOM   846  C  C   . MET A 1 109 ? -14.379 -13.313 19.547  1.00 14.88 ? 109 MET A C   1 
ATOM   847  O  O   . MET A 1 109 ? -15.537 -13.249 19.122  1.00 18.09 ? 109 MET A O   1 
ATOM   848  C  CB  . MET A 1 109 ? -12.877 -14.682 18.140  1.00 15.83 ? 109 MET A CB  1 
ATOM   849  C  CG  . MET A 1 109 ? -11.989 -14.780 16.891  1.00 20.64 ? 109 MET A CG  1 
ATOM   850  S  SD  . MET A 1 109 ? -12.640 -14.034 15.367  1.00 26.07 ? 109 MET A SD  1 
ATOM   851  C  CE  . MET A 1 109 ? -14.280 -14.637 15.207  1.00 22.49 ? 109 MET A CE  1 
ATOM   852  N  N   . THR A 1 110 ? -14.076 -13.372 20.864  1.00 17.22 ? 110 THR A N   1 
ATOM   853  C  CA  . THR A 1 110 ? -15.144 -13.355 21.863  1.00 18.45 ? 110 THR A CA  1 
ATOM   854  C  C   . THR A 1 110 ? -15.830 -12.002 21.925  1.00 17.07 ? 110 THR A C   1 
ATOM   855  O  O   . THR A 1 110 ? -17.059 -11.922 21.978  1.00 17.17 ? 110 THR A O   1 
ATOM   856  C  CB  . THR A 1 110 ? -14.684 -13.790 23.266  1.00 21.51 ? 110 THR A CB  1 
ATOM   857  O  OG1 . THR A 1 110 ? -13.665 -12.887 23.683  1.00 30.50 ? 110 THR A OG1 1 
ATOM   858  C  CG2 . THR A 1 110 ? -14.132 -15.201 23.276  1.00 19.49 ? 110 THR A CG2 1 
ATOM   859  N  N   . ASN A 1 111 ? -15.049 -10.916 21.855  1.00 19.96 ? 111 ASN A N   1 
ATOM   860  C  CA  . ASN A 1 111 ? -15.664 -9.596  21.731  1.00 21.71 ? 111 ASN A CA  1 
ATOM   861  C  C   . ASN A 1 111 ? -16.404 -9.383  20.426  1.00 21.23 ? 111 ASN A C   1 
ATOM   862  O  O   . ASN A 1 111 ? -17.256 -8.508  20.375  1.00 22.13 ? 111 ASN A O   1 
ATOM   863  C  CB  . ASN A 1 111 ? -14.681 -8.470  21.964  1.00 22.08 ? 111 ASN A CB  1 
ATOM   864  C  CG  . ASN A 1 111 ? -14.105 -8.488  23.361  1.00 24.61 ? 111 ASN A CG  1 
ATOM   865  O  OD1 . ASN A 1 111 ? -12.973 -8.061  23.563  1.00 27.71 ? 111 ASN A OD1 1 
ATOM   866  N  ND2 . ASN A 1 111 ? -14.815 -8.971  24.381  1.00 26.72 ? 111 ASN A ND2 1 
ATOM   867  N  N   . LEU A 1 112 ? -16.101 -10.162 19.373  1.00 21.18 ? 112 LEU A N   1 
ATOM   868  C  CA  . LEU A 1 112 ? -16.888 -10.133 18.155  1.00 19.60 ? 112 LEU A CA  1 
ATOM   869  C  C   . LEU A 1 112 ? -18.062 -11.075 18.214  1.00 20.32 ? 112 LEU A C   1 
ATOM   870  O  O   . LEU A 1 112 ? -18.799 -11.218 17.243  1.00 22.93 ? 112 LEU A O   1 
ATOM   871  C  CB  . LEU A 1 112 ? -16.032 -10.405 16.921  1.00 20.65 ? 112 LEU A CB  1 
ATOM   872  C  CG  . LEU A 1 112 ? -14.906 -9.408  16.646  1.00 24.03 ? 112 LEU A CG  1 
ATOM   873  C  CD1 . LEU A 1 112 ? -14.004 -9.910  15.511  1.00 24.75 ? 112 LEU A CD1 1 
ATOM   874  C  CD2 . LEU A 1 112 ? -15.439 -7.986  16.393  1.00 24.66 ? 112 LEU A CD2 1 
ATOM   875  N  N   . GLY A 1 113 ? -18.274 -11.721 19.364  1.00 20.84 ? 113 GLY A N   1 
ATOM   876  C  CA  . GLY A 1 113 ? -19.472 -12.517 19.560  1.00 18.07 ? 113 GLY A CA  1 
ATOM   877  C  C   . GLY A 1 113 ? -19.256 -13.983 19.233  1.00 18.26 ? 113 GLY A C   1 
ATOM   878  O  O   . GLY A 1 113 ? -20.223 -14.734 19.097  1.00 17.81 ? 113 GLY A O   1 
ATOM   879  N  N   . GLU A 1 114 ? -17.994 -14.411 19.127  1.00 17.44 ? 114 GLU A N   1 
ATOM   880  C  CA  . GLU A 1 114 ? -17.721 -15.804 18.794  1.00 19.96 ? 114 GLU A CA  1 
ATOM   881  C  C   . GLU A 1 114 ? -16.926 -16.486 19.877  1.00 18.36 ? 114 GLU A C   1 
ATOM   882  O  O   . GLU A 1 114 ? -15.728 -16.250 19.971  1.00 17.53 ? 114 GLU A O   1 
ATOM   883  C  CB  . GLU A 1 114 ? -16.949 -15.965 17.466  1.00 19.72 ? 114 GLU A CB  1 
ATOM   884  C  CG  . GLU A 1 114 ? -17.695 -15.744 16.175  1.00 17.98 ? 114 GLU A CG  1 
ATOM   885  C  CD  . GLU A 1 114 ? -18.972 -16.536 16.019  1.00 22.43 ? 114 GLU A CD  1 
ATOM   886  O  OE1 . GLU A 1 114 ? -19.106 -17.622 16.583  1.00 21.47 ? 114 GLU A OE1 1 
ATOM   887  O  OE2 . GLU A 1 114 ? -19.851 -16.048 15.307  1.00 29.49 ? 114 GLU A OE2 1 
ATOM   888  N  N   . LYS A 1 115 ? -17.563 -17.325 20.697  1.00 18.32 ? 115 LYS A N   1 
ATOM   889  C  CA  . LYS A 1 115 ? -16.823 -18.036 21.735  1.00 20.76 ? 115 LYS A CA  1 
ATOM   890  C  C   . LYS A 1 115 ? -16.217 -19.324 21.164  1.00 17.93 ? 115 LYS A C   1 
ATOM   891  O  O   . LYS A 1 115 ? -16.923 -20.320 20.992  1.00 16.94 ? 115 LYS A O   1 
ATOM   892  C  CB  . LYS A 1 115 ? -17.754 -18.361 22.907  1.00 25.52 ? 115 LYS A CB  1 
ATOM   893  C  CG  . LYS A 1 115 ? -18.651 -17.213 23.342  1.00 29.41 ? 115 LYS A CG  1 
ATOM   894  C  CD  . LYS A 1 115 ? -19.108 -17.484 24.778  1.00 34.18 ? 115 LYS A CD  1 
ATOM   895  C  CE  . LYS A 1 115 ? -19.255 -16.218 25.632  1.00 36.90 ? 115 LYS A CE  1 
ATOM   896  N  NZ  . LYS A 1 115 ? -18.035 -15.903 26.366  1.00 37.49 ? 115 LYS A NZ  1 
ATOM   897  N  N   . LEU A 1 116 ? -14.901 -19.276 20.882  1.00 15.06 ? 116 LEU A N   1 
ATOM   898  C  CA  . LEU A 1 116 ? -14.195 -20.374 20.227  1.00 12.17 ? 116 LEU A CA  1 
ATOM   899  C  C   . LEU A 1 116 ? -13.348 -21.171 21.200  1.00 9.50  ? 116 LEU A C   1 
ATOM   900  O  O   . LEU A 1 116 ? -12.735 -20.581 22.087  1.00 5.67  ? 116 LEU A O   1 
ATOM   901  C  CB  . LEU A 1 116 ? -13.287 -19.823 19.118  1.00 13.39 ? 116 LEU A CB  1 
ATOM   902  C  CG  . LEU A 1 116 ? -14.015 -19.073 18.004  1.00 14.42 ? 116 LEU A CG  1 
ATOM   903  C  CD1 . LEU A 1 116 ? -13.022 -18.450 17.040  1.00 14.16 ? 116 LEU A CD1 1 
ATOM   904  C  CD2 . LEU A 1 116 ? -14.964 -19.978 17.257  1.00 14.26 ? 116 LEU A CD2 1 
ATOM   905  N  N   . THR A 1 117 ? -13.268 -22.506 21.062  1.00 9.14  ? 117 THR A N   1 
ATOM   906  C  CA  . THR A 1 117 ? -12.349 -23.277 21.885  1.00 7.95  ? 117 THR A CA  1 
ATOM   907  C  C   . THR A 1 117 ? -10.885 -23.068 21.510  1.00 9.64  ? 117 THR A C   1 
ATOM   908  O  O   . THR A 1 117 ? -10.604 -22.513 20.463  1.00 9.92  ? 117 THR A O   1 
ATOM   909  C  CB  . THR A 1 117 ? -12.677 -24.771 21.852  1.00 5.92  ? 117 THR A CB  1 
ATOM   910  O  OG1 . THR A 1 117 ? -12.441 -25.229 20.531  1.00 9.86  ? 117 THR A OG1 1 
ATOM   911  C  CG2 . THR A 1 117 ? -14.122 -25.017 22.112  1.00 6.27  ? 117 THR A CG2 1 
ATOM   912  N  N   . ASP A 1 118 ? -9.893  -23.491 22.285  1.00 11.25 ? 118 ASP A N   1 
ATOM   913  C  CA  . ASP A 1 118 ? -8.510  -23.384 21.874  1.00 11.31 ? 118 ASP A CA  1 
ATOM   914  C  C   . ASP A 1 118 ? -8.239  -24.254 20.654  1.00 11.44 ? 118 ASP A C   1 
ATOM   915  O  O   . ASP A 1 118 ? -7.415  -23.901 19.822  1.00 13.13 ? 118 ASP A O   1 
ATOM   916  C  CB  . ASP A 1 118 ? -7.585  -23.874 22.957  1.00 12.03 ? 118 ASP A CB  1 
ATOM   917  C  CG  . ASP A 1 118 ? -7.478  -23.004 24.190  1.00 15.68 ? 118 ASP A CG  1 
ATOM   918  O  OD1 . ASP A 1 118 ? -7.678  -21.791 24.128  1.00 14.37 ? 118 ASP A OD1 1 
ATOM   919  O  OD2 . ASP A 1 118 ? -7.147  -23.560 25.226  1.00 17.08 ? 118 ASP A OD2 1 
ATOM   920  N  N   . ASP A 1 119 ? -8.949  -25.364 20.493  1.00 9.80  ? 119 ASP A N   1 
ATOM   921  C  CA  . ASP A 1 119 ? -8.778  -26.205 19.297  1.00 12.26 ? 119 ASP A CA  1 
ATOM   922  C  C   . ASP A 1 119 ? -9.251  -25.495 18.034  1.00 12.07 ? 119 ASP A C   1 
ATOM   923  O  O   . ASP A 1 119 ? -8.612  -25.588 16.997  1.00 9.66  ? 119 ASP A O   1 
ATOM   924  C  CB  . ASP A 1 119 ? -9.510  -27.552 19.427  1.00 15.21 ? 119 ASP A CB  1 
ATOM   925  C  CG  . ASP A 1 119 ? -9.092  -28.558 18.366  1.00 24.73 ? 119 ASP A CG  1 
ATOM   926  O  OD1 . ASP A 1 119 ? -7.899  -28.812 18.232  1.00 30.02 ? 119 ASP A OD1 1 
ATOM   927  O  OD2 . ASP A 1 119 ? -9.952  -29.095 17.676  1.00 29.93 ? 119 ASP A OD2 1 
ATOM   928  N  N   . GLU A 1 120 ? -10.367 -24.774 18.120  1.00 10.51 ? 120 GLU A N   1 
ATOM   929  C  CA  . GLU A 1 120 ? -10.885 -24.003 16.996  1.00 11.78 ? 120 GLU A CA  1 
ATOM   930  C  C   . GLU A 1 120 ? -9.925  -22.916 16.552  1.00 15.23 ? 120 GLU A C   1 
ATOM   931  O  O   . GLU A 1 120 ? -9.574  -22.829 15.373  1.00 16.32 ? 120 GLU A O   1 
ATOM   932  C  CB  . GLU A 1 120 ? -12.216 -23.409 17.377  1.00 10.20 ? 120 GLU A CB  1 
ATOM   933  C  CG  . GLU A 1 120 ? -13.208 -24.557 17.465  1.00 11.29 ? 120 GLU A CG  1 
ATOM   934  C  CD  . GLU A 1 120 ? -14.598 -24.158 17.912  1.00 10.55 ? 120 GLU A CD  1 
ATOM   935  O  OE1 . GLU A 1 120 ? -14.702 -23.364 18.848  1.00 13.24 ? 120 GLU A OE1 1 
ATOM   936  O  OE2 . GLU A 1 120 ? -15.565 -24.669 17.338  1.00 15.46 ? 120 GLU A OE2 1 
ATOM   937  N  N   . VAL A 1 121 ? -9.441  -22.164 17.536  1.00 12.41 ? 121 VAL A N   1 
ATOM   938  C  CA  . VAL A 1 121 ? -8.480  -21.097 17.323  1.00 12.02 ? 121 VAL A CA  1 
ATOM   939  C  C   . VAL A 1 121 ? -7.144  -21.645 16.838  1.00 13.71 ? 121 VAL A C   1 
ATOM   940  O  O   . VAL A 1 121 ? -6.486  -21.004 16.010  1.00 12.35 ? 121 VAL A O   1 
ATOM   941  C  CB  . VAL A 1 121 ? -8.315  -20.272 18.611  1.00 16.03 ? 121 VAL A CB  1 
ATOM   942  C  CG1 . VAL A 1 121 ? -7.113  -19.357 18.616  1.00 15.34 ? 121 VAL A CG1 1 
ATOM   943  C  CG2 . VAL A 1 121 ? -9.571  -19.438 18.841  1.00 17.59 ? 121 VAL A CG2 1 
ATOM   944  N  N   . ASP A 1 122 ? -6.698  -22.820 17.318  1.00 9.70  ? 122 ASP A N   1 
ATOM   945  C  CA  . ASP A 1 122 ? -5.444  -23.389 16.839  1.00 11.97 ? 122 ASP A CA  1 
ATOM   946  C  C   . ASP A 1 122 ? -5.515  -23.768 15.382  1.00 11.51 ? 122 ASP A C   1 
ATOM   947  O  O   . ASP A 1 122 ? -4.529  -23.691 14.658  1.00 10.16 ? 122 ASP A O   1 
ATOM   948  C  CB  . ASP A 1 122 ? -5.045  -24.637 17.591  1.00 13.05 ? 122 ASP A CB  1 
ATOM   949  C  CG  . ASP A 1 122 ? -4.595  -24.385 19.016  1.00 20.10 ? 122 ASP A CG  1 
ATOM   950  O  OD1 . ASP A 1 122 ? -4.179  -23.266 19.331  1.00 19.74 ? 122 ASP A OD1 1 
ATOM   951  O  OD2 . ASP A 1 122 ? -4.666  -25.310 19.824  1.00 23.27 ? 122 ASP A OD2 1 
ATOM   952  N  N   . GLU A 1 123 ? -6.705  -24.184 14.967  1.00 12.43 ? 123 GLU A N   1 
ATOM   953  C  CA  . GLU A 1 123 ? -6.964  -24.525 13.579  1.00 12.76 ? 123 GLU A CA  1 
ATOM   954  C  C   . GLU A 1 123 ? -6.924  -23.273 12.701  1.00 15.19 ? 123 GLU A C   1 
ATOM   955  O  O   . GLU A 1 123 ? -6.377  -23.270 11.589  1.00 13.44 ? 123 GLU A O   1 
ATOM   956  C  CB  . GLU A 1 123 ? -8.332  -25.137 13.464  1.00 15.89 ? 123 GLU A CB  1 
ATOM   957  C  CG  . GLU A 1 123 ? -8.427  -25.941 12.194  1.00 23.63 ? 123 GLU A CG  1 
ATOM   958  C  CD  . GLU A 1 123 ? -9.737  -25.706 11.469  1.00 32.62 ? 123 GLU A CD  1 
ATOM   959  O  OE1 . GLU A 1 123 ? -9.910  -24.610 10.924  1.00 36.17 ? 123 GLU A OE1 1 
ATOM   960  O  OE2 . GLU A 1 123 ? -10.573 -26.618 11.443  1.00 34.84 ? 123 GLU A OE2 1 
ATOM   961  N  N   . MET A 1 124 ? -7.489  -22.171 13.207  1.00 14.17 ? 124 MET A N   1 
ATOM   962  C  CA  . MET A 1 124 ? -7.479  -20.907 12.476  1.00 15.70 ? 124 MET A CA  1 
ATOM   963  C  C   . MET A 1 124 ? -6.103  -20.341 12.232  1.00 14.25 ? 124 MET A C   1 
ATOM   964  O  O   . MET A 1 124 ? -5.822  -19.792 11.169  1.00 15.31 ? 124 MET A O   1 
ATOM   965  C  CB  . MET A 1 124 ? -8.295  -19.854 13.204  1.00 16.84 ? 124 MET A CB  1 
ATOM   966  C  CG  . MET A 1 124 ? -9.792  -20.111 13.125  1.00 17.92 ? 124 MET A CG  1 
ATOM   967  S  SD  . MET A 1 124 ? -10.655 -18.842 14.082  1.00 25.13 ? 124 MET A SD  1 
ATOM   968  C  CE  . MET A 1 124 ? -10.142 -17.369 13.249  1.00 23.34 ? 124 MET A CE  1 
ATOM   969  N  N   . ILE A 1 125 ? -5.264  -20.498 13.240  1.00 14.16 ? 125 ILE A N   1 
ATOM   970  C  CA  . ILE A 1 125 ? -3.895  -20.053 13.166  1.00 14.15 ? 125 ILE A CA  1 
ATOM   971  C  C   . ILE A 1 125 ? -3.135  -20.925 12.201  1.00 15.73 ? 125 ILE A C   1 
ATOM   972  O  O   . ILE A 1 125 ? -2.344  -20.431 11.393  1.00 18.82 ? 125 ILE A O   1 
ATOM   973  C  CB  . ILE A 1 125 ? -3.256  -20.078 14.567  1.00 15.28 ? 125 ILE A CB  1 
ATOM   974  C  CG1 . ILE A 1 125 ? -3.846  -18.868 15.313  1.00 14.43 ? 125 ILE A CG1 1 
ATOM   975  C  CG2 . ILE A 1 125 ? -1.725  -20.121 14.591  1.00 16.15 ? 125 ILE A CG2 1 
ATOM   976  C  CD1 . ILE A 1 125 ? -3.053  -18.490 16.543  1.00 14.42 ? 125 ILE A CD1 1 
ATOM   977  N  N   . ARG A 1 126 ? -3.417  -22.238 12.296  1.00 14.73 ? 126 ARG A N   1 
ATOM   978  C  CA  . ARG A 1 126 ? -2.643  -23.215 11.537  1.00 15.04 ? 126 ARG A CA  1 
ATOM   979  C  C   . ARG A 1 126 ? -2.842  -23.014 10.042  1.00 14.20 ? 126 ARG A C   1 
ATOM   980  O  O   . ARG A 1 126 ? -1.887  -23.137 9.300   1.00 11.84 ? 126 ARG A O   1 
ATOM   981  C  CB  . ARG A 1 126 ? -3.037  -24.628 11.954  1.00 14.70 ? 126 ARG A CB  1 
ATOM   982  C  CG  . ARG A 1 126 ? -1.847  -25.408 12.500  1.00 16.15 ? 126 ARG A CG  1 
ATOM   983  C  CD  . ARG A 1 126 ? -2.300  -26.694 13.186  1.00 17.54 ? 126 ARG A CD  1 
ATOM   984  N  NE  . ARG A 1 126 ? -3.472  -27.329 12.586  1.00 13.34 ? 126 ARG A NE  1 
ATOM   985  C  CZ  . ARG A 1 126 ? -4.505  -27.663 13.340  1.00 10.91 ? 126 ARG A CZ  1 
ATOM   986  N  NH1 . ARG A 1 126 ? -4.505  -27.378 14.633  1.00 11.65 ? 126 ARG A NH1 1 
ATOM   987  N  NH2 . ARG A 1 126 ? -5.515  -28.313 12.815  1.00 11.11 ? 126 ARG A NH2 1 
ATOM   988  N  N   . GLU A 1 127 ? -4.035  -22.632 9.590   1.00 15.03 ? 127 GLU A N   1 
ATOM   989  C  CA  . GLU A 1 127 ? -4.286  -22.359 8.178   1.00 18.00 ? 127 GLU A CA  1 
ATOM   990  C  C   . GLU A 1 127 ? -3.555  -21.128 7.659   1.00 17.51 ? 127 GLU A C   1 
ATOM   991  O  O   . GLU A 1 127 ? -3.241  -20.996 6.482   1.00 19.01 ? 127 GLU A O   1 
ATOM   992  C  CB  . GLU A 1 127 ? -5.768  -22.103 7.970   1.00 18.77 ? 127 GLU A CB  1 
ATOM   993  C  CG  . GLU A 1 127 ? -6.538  -23.397 7.891   1.00 27.67 ? 127 GLU A CG  1 
ATOM   994  C  CD  . GLU A 1 127 ? -7.901  -23.265 7.235   1.00 32.94 ? 127 GLU A CD  1 
ATOM   995  O  OE1 . GLU A 1 127 ? -8.536  -22.214 7.354   1.00 37.40 ? 127 GLU A OE1 1 
ATOM   996  O  OE2 . GLU A 1 127 ? -8.322  -24.233 6.603   1.00 35.84 ? 127 GLU A OE2 1 
ATOM   997  N  N   . ALA A 1 128 ? -3.285  -20.185 8.556   1.00 17.75 ? 128 ALA A N   1 
ATOM   998  C  CA  . ALA A 1 128 ? -2.748  -18.892 8.174   1.00 13.51 ? 128 ALA A CA  1 
ATOM   999  C  C   . ALA A 1 128 ? -1.271  -18.852 8.380   1.00 15.36 ? 128 ALA A C   1 
ATOM   1000 O  O   . ALA A 1 128 ? -0.585  -18.024 7.781   1.00 18.34 ? 128 ALA A O   1 
ATOM   1001 C  CB  . ALA A 1 128 ? -3.283  -17.856 9.121   1.00 11.09 ? 128 ALA A CB  1 
ATOM   1002 N  N   . ASP A 1 129 ? -0.758  -19.712 9.258   1.00 10.04 ? 129 ASP A N   1 
ATOM   1003 C  CA  . ASP A 1 129 ? 0.644   -19.654 9.597   1.00 12.17 ? 129 ASP A CA  1 
ATOM   1004 C  C   . ASP A 1 129 ? 1.482   -20.272 8.465   1.00 15.17 ? 129 ASP A C   1 
ATOM   1005 O  O   . ASP A 1 129 ? 1.147   -21.337 7.923   1.00 15.85 ? 129 ASP A O   1 
ATOM   1006 C  CB  . ASP A 1 129 ? 0.817   -20.406 10.886  1.00 9.19  ? 129 ASP A CB  1 
ATOM   1007 C  CG  . ASP A 1 129 ? 2.150   -20.234 11.545  1.00 10.69 ? 129 ASP A CG  1 
ATOM   1008 O  OD1 . ASP A 1 129 ? 2.783   -19.189 11.382  1.00 8.98  ? 129 ASP A OD1 1 
ATOM   1009 O  OD2 . ASP A 1 129 ? 2.566   -21.158 12.242  1.00 15.39 ? 129 ASP A OD2 1 
ATOM   1010 N  N   . ILE A 1 130 ? 2.502   -19.495 8.068   1.00 16.92 ? 130 ILE A N   1 
ATOM   1011 C  CA  . ILE A 1 130 ? 3.464   -19.870 7.035   1.00 16.63 ? 130 ILE A CA  1 
ATOM   1012 C  C   . ILE A 1 130 ? 4.834   -20.178 7.623   1.00 16.88 ? 130 ILE A C   1 
ATOM   1013 O  O   . ILE A 1 130 ? 5.444   -21.167 7.228   1.00 21.15 ? 130 ILE A O   1 
ATOM   1014 C  CB  . ILE A 1 130 ? 3.491   -18.735 5.974   1.00 17.85 ? 130 ILE A CB  1 
ATOM   1015 C  CG1 . ILE A 1 130 ? 2.126   -18.640 5.278   1.00 15.30 ? 130 ILE A CG1 1 
ATOM   1016 C  CG2 . ILE A 1 130 ? 4.596   -18.915 4.930   1.00 19.19 ? 130 ILE A CG2 1 
ATOM   1017 C  CD1 . ILE A 1 130 ? 1.925   -17.394 4.390   1.00 13.60 ? 130 ILE A CD1 1 
ATOM   1018 N  N   . ASP A 1 131 ? 5.360   -19.369 8.549   1.00 17.51 ? 131 ASP A N   1 
ATOM   1019 C  CA  . ASP A 1 131 ? 6.647   -19.646 9.160   1.00 18.29 ? 131 ASP A CA  1 
ATOM   1020 C  C   . ASP A 1 131 ? 6.645   -20.628 10.310  1.00 19.90 ? 131 ASP A C   1 
ATOM   1021 O  O   . ASP A 1 131 ? 7.701   -20.841 10.901  1.00 24.74 ? 131 ASP A O   1 
ATOM   1022 C  CB  . ASP A 1 131 ? 7.338   -18.358 9.598   1.00 20.67 ? 131 ASP A CB  1 
ATOM   1023 C  CG  . ASP A 1 131 ? 6.601   -17.506 10.632  1.00 18.72 ? 131 ASP A CG  1 
ATOM   1024 O  OD1 . ASP A 1 131 ? 5.587   -17.936 11.176  1.00 17.72 ? 131 ASP A OD1 1 
ATOM   1025 O  OD2 . ASP A 1 131 ? 7.065   -16.402 10.880  1.00 18.81 ? 131 ASP A OD2 1 
ATOM   1026 N  N   . GLY A 1 132 ? 5.479   -21.185 10.674  1.00 20.93 ? 132 GLY A N   1 
ATOM   1027 C  CA  . GLY A 1 132 ? 5.412   -22.285 11.624  1.00 21.23 ? 132 GLY A CA  1 
ATOM   1028 C  C   . GLY A 1 132 ? 5.615   -21.907 13.085  1.00 22.04 ? 132 GLY A C   1 
ATOM   1029 O  O   . GLY A 1 132 ? 5.890   -22.802 13.889  1.00 25.14 ? 132 GLY A O   1 
ATOM   1030 N  N   . ASP A 1 133 ? 5.499   -20.629 13.505  1.00 20.84 ? 133 ASP A N   1 
ATOM   1031 C  CA  . ASP A 1 133 ? 5.693   -20.255 14.905  1.00 18.22 ? 133 ASP A CA  1 
ATOM   1032 C  C   . ASP A 1 133 ? 4.398   -20.298 15.696  1.00 17.36 ? 133 ASP A C   1 
ATOM   1033 O  O   . ASP A 1 133 ? 4.383   -19.927 16.866  1.00 20.02 ? 133 ASP A O   1 
ATOM   1034 C  CB  . ASP A 1 133 ? 6.336   -18.855 15.061  1.00 17.11 ? 133 ASP A CB  1 
ATOM   1035 C  CG  . ASP A 1 133 ? 5.583   -17.662 14.447  1.00 15.61 ? 133 ASP A CG  1 
ATOM   1036 O  OD1 . ASP A 1 133 ? 4.581   -17.831 13.743  1.00 14.10 ? 133 ASP A OD1 1 
ATOM   1037 O  OD2 . ASP A 1 133 ? 6.023   -16.533 14.664  1.00 14.54 ? 133 ASP A OD2 1 
ATOM   1038 N  N   . GLY A 1 134 ? 3.283   -20.693 15.072  1.00 16.97 ? 134 GLY A N   1 
ATOM   1039 C  CA  . GLY A 1 134 ? 1.995   -20.722 15.738  1.00 16.75 ? 134 GLY A CA  1 
ATOM   1040 C  C   . GLY A 1 134 ? 1.476   -19.333 16.102  1.00 17.47 ? 134 GLY A C   1 
ATOM   1041 O  O   . GLY A 1 134 ? 0.562   -19.208 16.909  1.00 15.50 ? 134 GLY A O   1 
ATOM   1042 N  N   . HIS A 1 135 ? 2.072   -18.283 15.522  1.00 14.86 ? 135 HIS A N   1 
ATOM   1043 C  CA  . HIS A 1 135 ? 1.538   -16.920 15.563  1.00 15.56 ? 135 HIS A CA  1 
ATOM   1044 C  C   . HIS A 1 135 ? 1.253   -16.408 14.157  1.00 16.17 ? 135 HIS A C   1 
ATOM   1045 O  O   . HIS A 1 135 ? 1.776   -16.968 13.179  1.00 16.50 ? 135 HIS A O   1 
ATOM   1046 C  CB  . HIS A 1 135 ? 2.520   -15.970 16.213  1.00 11.77 ? 135 HIS A CB  1 
ATOM   1047 C  CG  . HIS A 1 135 ? 2.785   -16.374 17.632  1.00 18.87 ? 135 HIS A CG  1 
ATOM   1048 N  ND1 . HIS A 1 135 ? 3.239   -17.540 18.073  1.00 22.75 ? 135 HIS A ND1 1 
ATOM   1049 C  CD2 . HIS A 1 135 ? 2.652   -15.537 18.704  1.00 17.77 ? 135 HIS A CD2 1 
ATOM   1050 C  CE1 . HIS A 1 135 ? 3.422   -17.429 19.367  1.00 21.19 ? 135 HIS A CE1 1 
ATOM   1051 N  NE2 . HIS A 1 135 ? 3.078   -16.221 19.731  1.00 19.42 ? 135 HIS A NE2 1 
ATOM   1052 N  N   . ILE A 1 136 ? 0.405   -15.374 14.059  1.00 15.13 ? 136 ILE A N   1 
ATOM   1053 C  CA  . ILE A 1 136 ? 0.079   -14.744 12.777  1.00 13.39 ? 136 ILE A CA  1 
ATOM   1054 C  C   . ILE A 1 136 ? 0.843   -13.405 12.742  1.00 12.83 ? 136 ILE A C   1 
ATOM   1055 O  O   . ILE A 1 136 ? 0.520   -12.520 13.525  1.00 14.58 ? 136 ILE A O   1 
ATOM   1056 C  CB  . ILE A 1 136 ? -1.452  -14.517 12.643  1.00 14.20 ? 136 ILE A CB  1 
ATOM   1057 C  CG1 . ILE A 1 136 ? -2.273  -15.803 12.748  1.00 11.93 ? 136 ILE A CG1 1 
ATOM   1058 C  CG2 . ILE A 1 136 ? -1.832  -13.835 11.308  1.00 13.21 ? 136 ILE A CG2 1 
ATOM   1059 C  CD1 . ILE A 1 136 ? -3.807  -15.543 12.721  1.00 13.55 ? 136 ILE A CD1 1 
ATOM   1060 N  N   . ASN A 1 137 ? 1.852   -13.192 11.885  1.00 9.02  ? 137 ASN A N   1 
ATOM   1061 C  CA  . ASN A 1 137 ? 2.436   -11.863 11.723  1.00 9.99  ? 137 ASN A CA  1 
ATOM   1062 C  C   . ASN A 1 137 ? 1.669   -11.074 10.673  1.00 8.88  ? 137 ASN A C   1 
ATOM   1063 O  O   . ASN A 1 137 ? 0.670   -11.553 10.144  1.00 5.94  ? 137 ASN A O   1 
ATOM   1064 C  CB  . ASN A 1 137 ? 3.939   -11.992 11.406  1.00 9.61  ? 137 ASN A CB  1 
ATOM   1065 C  CG  . ASN A 1 137 ? 4.315   -12.580 10.034  1.00 10.92 ? 137 ASN A CG  1 
ATOM   1066 O  OD1 . ASN A 1 137 ? 5.479   -12.901 9.789   1.00 17.00 ? 137 ASN A OD1 1 
ATOM   1067 N  ND2 . ASN A 1 137 ? 3.429   -12.730 9.075   1.00 6.02  ? 137 ASN A ND2 1 
ATOM   1068 N  N   . TYR A 1 138 ? 2.100   -9.881  10.259  1.00 10.97 ? 138 TYR A N   1 
ATOM   1069 C  CA  . TYR A 1 138 ? 1.258   -9.028  9.414   1.00 12.53 ? 138 TYR A CA  1 
ATOM   1070 C  C   . TYR A 1 138 ? 1.116   -9.573  8.001   1.00 13.40 ? 138 TYR A C   1 
ATOM   1071 O  O   . TYR A 1 138 ? 0.027   -9.544  7.410   1.00 12.49 ? 138 TYR A O   1 
ATOM   1072 C  CB  . TYR A 1 138 ? 1.778   -7.547  9.438   1.00 15.70 ? 138 TYR A CB  1 
ATOM   1073 C  CG  . TYR A 1 138 ? 1.005   -6.592  8.522   1.00 16.47 ? 138 TYR A CG  1 
ATOM   1074 C  CD1 . TYR A 1 138 ? -0.270  -6.168  8.822   1.00 16.84 ? 138 TYR A CD1 1 
ATOM   1075 C  CD2 . TYR A 1 138 ? 1.603   -6.190  7.344   1.00 20.06 ? 138 TYR A CD2 1 
ATOM   1076 C  CE1 . TYR A 1 138 ? -0.950  -5.358  7.930   1.00 20.11 ? 138 TYR A CE1 1 
ATOM   1077 C  CE2 . TYR A 1 138 ? 0.934   -5.398  6.450   1.00 21.53 ? 138 TYR A CE2 1 
ATOM   1078 C  CZ  . TYR A 1 138 ? -0.337  -4.988  6.745   1.00 20.34 ? 138 TYR A CZ  1 
ATOM   1079 O  OH  . TYR A 1 138 ? -0.996  -4.229  5.805   1.00 20.35 ? 138 TYR A OH  1 
ATOM   1080 N  N   . GLU A 1 139 ? 2.250   -10.112 7.510   1.00 16.56 ? 139 GLU A N   1 
ATOM   1081 C  CA  . GLU A 1 139 ? 2.287   -10.718 6.171   1.00 16.54 ? 139 GLU A CA  1 
ATOM   1082 C  C   . GLU A 1 139 ? 1.324   -11.890 6.068   1.00 15.30 ? 139 GLU A C   1 
ATOM   1083 O  O   . GLU A 1 139 ? 0.544   -11.954 5.119   1.00 15.37 ? 139 GLU A O   1 
ATOM   1084 C  CB  . GLU A 1 139 ? 3.693   -11.176 5.791   1.00 16.57 ? 139 GLU A CB  1 
ATOM   1085 C  CG  . GLU A 1 139 ? 3.691   -11.704 4.357   1.00 25.99 ? 139 GLU A CG  1 
ATOM   1086 C  CD  . GLU A 1 139 ? 5.008   -12.268 3.836   1.00 28.48 ? 139 GLU A CD  1 
ATOM   1087 O  OE1 . GLU A 1 139 ? 6.048   -12.016 4.442   1.00 31.34 ? 139 GLU A OE1 1 
ATOM   1088 O  OE2 . GLU A 1 139 ? 4.976   -12.951 2.815   1.00 28.48 ? 139 GLU A OE2 1 
ATOM   1089 N  N   . GLU A 1 140 ? 1.363   -12.811 7.053   1.00 12.22 ? 140 GLU A N   1 
ATOM   1090 C  CA  . GLU A 1 140 ? 0.396   -13.903 7.099   1.00 10.86 ? 140 GLU A CA  1 
ATOM   1091 C  C   . GLU A 1 140 ? -1.040  -13.423 7.286   1.00 12.68 ? 140 GLU A C   1 
ATOM   1092 O  O   . GLU A 1 140 ? -1.977  -13.985 6.712   1.00 12.83 ? 140 GLU A O   1 
ATOM   1093 C  CB  . GLU A 1 140 ? 0.786   -14.836 8.238   1.00 11.81 ? 140 GLU A CB  1 
ATOM   1094 C  CG  . GLU A 1 140 ? 2.116   -15.548 8.012   1.00 15.94 ? 140 GLU A CG  1 
ATOM   1095 C  CD  . GLU A 1 140 ? 2.722   -16.173 9.269   1.00 15.90 ? 140 GLU A CD  1 
ATOM   1096 O  OE1 . GLU A 1 140 ? 2.272   -15.893 10.377  1.00 17.48 ? 140 GLU A OE1 1 
ATOM   1097 O  OE2 . GLU A 1 140 ? 3.689   -16.916 9.159   1.00 17.21 ? 140 GLU A OE2 1 
ATOM   1098 N  N   . PHE A 1 141 ? -1.221  -12.335 8.060   1.00 14.86 ? 141 PHE A N   1 
ATOM   1099 C  CA  . PHE A 1 141 ? -2.535  -11.719 8.238   1.00 16.91 ? 141 PHE A CA  1 
ATOM   1100 C  C   . PHE A 1 141 ? -3.120  -11.176 6.933   1.00 20.33 ? 141 PHE A C   1 
ATOM   1101 O  O   . PHE A 1 141 ? -4.297  -11.422 6.648   1.00 19.10 ? 141 PHE A O   1 
ATOM   1102 C  CB  . PHE A 1 141 ? -2.431  -10.631 9.333   1.00 17.81 ? 141 PHE A CB  1 
ATOM   1103 C  CG  . PHE A 1 141 ? -3.723  -9.864  9.609   1.00 18.80 ? 141 PHE A CG  1 
ATOM   1104 C  CD1 . PHE A 1 141 ? -4.722  -10.434 10.384  1.00 19.82 ? 141 PHE A CD1 1 
ATOM   1105 C  CD2 . PHE A 1 141 ? -3.929  -8.611  9.040   1.00 20.55 ? 141 PHE A CD2 1 
ATOM   1106 C  CE1 . PHE A 1 141 ? -5.932  -9.773  10.566  1.00 18.42 ? 141 PHE A CE1 1 
ATOM   1107 C  CE2 . PHE A 1 141 ? -5.144  -7.960  9.221   1.00 21.43 ? 141 PHE A CE2 1 
ATOM   1108 C  CZ  . PHE A 1 141 ? -6.144  -8.536  9.989   1.00 18.60 ? 141 PHE A CZ  1 
ATOM   1109 N  N   . VAL A 1 142 ? -2.320  -10.440 6.130   1.00 22.78 ? 142 VAL A N   1 
ATOM   1110 C  CA  . VAL A 1 142 ? -2.817  -9.893  4.859   1.00 26.38 ? 142 VAL A CA  1 
ATOM   1111 C  C   . VAL A 1 142 ? -3.158  -10.959 3.837   1.00 26.04 ? 142 VAL A C   1 
ATOM   1112 O  O   . VAL A 1 142 ? -4.217  -10.890 3.225   1.00 26.79 ? 142 VAL A O   1 
ATOM   1113 C  CB  . VAL A 1 142 ? -1.904  -8.818  4.232   1.00 26.96 ? 142 VAL A CB  1 
ATOM   1114 C  CG1 . VAL A 1 142 ? -1.749  -7.731  5.255   1.00 24.96 ? 142 VAL A CG1 1 
ATOM   1115 C  CG2 . VAL A 1 142 ? -0.518  -9.280  3.840   1.00 30.47 ? 142 VAL A CG2 1 
ATOM   1116 N  N   . ARG A 1 143 ? -2.291  -11.973 3.737   1.00 28.83 ? 143 ARG A N   1 
ATOM   1117 C  CA  . ARG A 1 143 ? -2.496  -13.129 2.871   1.00 32.05 ? 143 ARG A CA  1 
ATOM   1118 C  C   . ARG A 1 143 ? -3.774  -13.914 3.146   1.00 35.34 ? 143 ARG A C   1 
ATOM   1119 O  O   . ARG A 1 143 ? -4.405  -14.382 2.198   1.00 37.90 ? 143 ARG A O   1 
ATOM   1120 C  CB  . ARG A 1 143 ? -1.265  -14.030 2.904   1.00 29.82 ? 143 ARG A CB  1 
ATOM   1121 C  CG  . ARG A 1 143 ? -0.122  -13.226 2.313   1.00 30.67 ? 143 ARG A CG  1 
ATOM   1122 C  CD  . ARG A 1 143 ? 1.269   -13.825 2.397   1.00 30.48 ? 143 ARG A CD  1 
ATOM   1123 N  NE  . ARG A 1 143 ? 1.373   -14.997 1.558   1.00 31.31 ? 143 ARG A NE  1 
ATOM   1124 C  CZ  . ARG A 1 143 ? 2.547   -15.571 1.290   1.00 33.56 ? 143 ARG A CZ  1 
ATOM   1125 N  NH1 . ARG A 1 143 ? 3.706   -15.042 1.695   1.00 33.57 ? 143 ARG A NH1 1 
ATOM   1126 N  NH2 . ARG A 1 143 ? 2.548   -16.726 0.623   1.00 33.81 ? 143 ARG A NH2 1 
ATOM   1127 N  N   . MET A 1 144 ? -4.184  -14.028 4.424   1.00 37.23 ? 144 MET A N   1 
ATOM   1128 C  CA  . MET A 1 144 ? -5.506  -14.531 4.778   1.00 37.88 ? 144 MET A CA  1 
ATOM   1129 C  C   . MET A 1 144 ? -6.658  -13.595 4.495   1.00 38.47 ? 144 MET A C   1 
ATOM   1130 O  O   . MET A 1 144 ? -7.721  -14.067 4.109   1.00 39.73 ? 144 MET A O   1 
ATOM   1131 C  CB  . MET A 1 144 ? -5.631  -14.907 6.243   1.00 38.32 ? 144 MET A CB  1 
ATOM   1132 C  CG  . MET A 1 144 ? -5.148  -16.307 6.560   1.00 42.96 ? 144 MET A CG  1 
ATOM   1133 S  SD  . MET A 1 144 ? -6.023  -17.691 5.769   1.00 45.87 ? 144 MET A SD  1 
ATOM   1134 C  CE  . MET A 1 144 ? -4.671  -18.485 4.952   1.00 45.51 ? 144 MET A CE  1 
ATOM   1135 N  N   . MET A 1 145 ? -6.512  -12.283 4.713   1.00 41.04 ? 145 MET A N   1 
ATOM   1136 C  CA  . MET A 1 145 ? -7.622  -11.347 4.564   1.00 42.98 ? 145 MET A CA  1 
ATOM   1137 C  C   . MET A 1 145 ? -8.049  -11.111 3.118   1.00 45.62 ? 145 MET A C   1 
ATOM   1138 O  O   . MET A 1 145 ? -9.234  -10.981 2.812   1.00 46.39 ? 145 MET A O   1 
ATOM   1139 C  CB  . MET A 1 145 ? -7.278  -10.013 5.205   1.00 43.13 ? 145 MET A CB  1 
ATOM   1140 C  CG  . MET A 1 145 ? -7.106  -10.001 6.717   1.00 43.01 ? 145 MET A CG  1 
ATOM   1141 S  SD  . MET A 1 145 ? -8.576  -10.569 7.595   1.00 44.87 ? 145 MET A SD  1 
ATOM   1142 C  CE  . MET A 1 145 ? -9.704  -9.246  7.256   1.00 47.99 ? 145 MET A CE  1 
ATOM   1143 N  N   . VAL A 1 146 ? -7.052  -11.073 2.227   1.00 48.32 ? 146 VAL A N   1 
ATOM   1144 C  CA  . VAL A 1 146 ? -7.252  -10.853 0.802   1.00 51.74 ? 146 VAL A CA  1 
ATOM   1145 C  C   . VAL A 1 146 ? -7.809  -12.051 0.045   1.00 54.47 ? 146 VAL A C   1 
ATOM   1146 O  O   . VAL A 1 146 ? -8.157  -11.921 -1.131  1.00 56.08 ? 146 VAL A O   1 
ATOM   1147 C  CB  . VAL A 1 146 ? -5.927  -10.445 0.164   1.00 52.15 ? 146 VAL A CB  1 
ATOM   1148 C  CG1 . VAL A 1 146 ? -5.372  -9.153  0.771   1.00 52.88 ? 146 VAL A CG1 1 
ATOM   1149 C  CG2 . VAL A 1 146 ? -5.043  -11.545 0.368   1.00 51.97 ? 146 VAL A CG2 1 
ATOM   1150 N  N   . SER A 1 147 ? -7.790  -13.210 0.723   1.00 56.30 ? 147 SER A N   1 
ATOM   1151 C  CA  . SER A 1 147 ? -8.405  -14.490 0.346   1.00 57.55 ? 147 SER A CA  1 
ATOM   1152 C  C   . SER A 1 147 ? -7.600  -15.595 0.991   1.00 57.59 ? 147 SER A C   1 
ATOM   1153 O  O   . SER A 1 147 ? -6.379  -15.593 0.867   1.00 57.07 ? 147 SER A O   1 
ATOM   1154 C  CB  . SER A 1 147 ? -8.450  -14.857 -1.144  1.00 58.82 ? 147 SER A CB  1 
ATOM   1155 O  OG  . SER A 1 147 ? -9.728  -14.614 -1.716  1.00 62.11 ? 147 SER A OG  1 
ATOM   1156 N  N   . LYS A 1 148 ? -8.310  -16.510 1.665   1.00 58.02 ? 148 LYS A N   1 
ATOM   1157 C  CA  . LYS A 1 148 ? -7.790  -17.621 2.475   1.00 59.26 ? 148 LYS A CA  1 
ATOM   1158 C  C   . LYS A 1 148 ? -6.318  -18.068 2.313   1.00 60.90 ? 148 LYS A C   1 
ATOM   1159 O  O   . LYS A 1 148 ? -6.047  -19.204 1.908   1.00 61.29 ? 148 LYS A O   1 
ATOM   1160 C  CB  . LYS A 1 148 ? -8.722  -18.821 2.249   1.00 58.59 ? 148 LYS A CB  1 
ATOM   1161 C  CG  . LYS A 1 148 ? -10.195 -18.558 2.515   1.00 59.08 ? 148 LYS A CG  1 
ATOM   1162 C  CD  . LYS A 1 148 ? -11.120 -19.500 1.739   1.00 60.58 ? 148 LYS A CD  1 
ATOM   1163 C  CE  . LYS A 1 148 ? -11.185 -20.936 2.270   1.00 61.29 ? 148 LYS A CE  1 
ATOM   1164 N  NZ  . LYS A 1 148 ? -10.029 -21.737 1.909   1.00 61.81 ? 148 LYS A NZ  1 
ATOM   1165 O  OXT . LYS A 1 148 ? -5.438  -17.260 2.608   1.00 61.93 ? 148 LYS A OXT 1 
HETATM 1166 CA CA  . CA  B 2 .   ? 9.453   18.305  -17.458 1.00 3.59  ? 149 CA  A CA  1 
HETATM 1167 CA CA  . CA  C 2 .   ? 3.121   9.121   -21.877 1.00 7.85  ? 150 CA  A CA  1 
HETATM 1168 CA CA  . CA  D 2 .   ? 0.813   -10.069 20.132  1.00 15.52 ? 151 CA  A CA  1 
HETATM 1169 CA CA  . CA  E 2 .   ? 3.622   -17.380 11.809  1.00 10.00 ? 152 CA  A CA  1 
HETATM 1170 O  O   . HOH F 3 .   ? 10.853  17.189  -19.322 1.00 10.15 ? 153 HOH A O   1 
HETATM 1171 O  O   . HOH F 3 .   ? -5.672  -19.524 24.956  1.00 48.19 ? 154 HOH A O   1 
HETATM 1172 O  O   . HOH F 3 .   ? 8.043   4.161   -22.114 1.00 25.61 ? 155 HOH A O   1 
HETATM 1173 O  O   . HOH F 3 .   ? 19.927  1.034   -7.096  1.00 14.26 ? 156 HOH A O   1 
HETATM 1174 O  O   . HOH F 3 .   ? 1.902   10.872  -22.546 1.00 34.31 ? 157 HOH A O   1 
HETATM 1175 O  O   . HOH F 3 .   ? -1.592  8.605   -22.030 1.00 27.34 ? 158 HOH A O   1 
HETATM 1176 O  O   . HOH F 3 .   ? -0.707  6.248   -15.838 1.00 20.49 ? 159 HOH A O   1 
HETATM 1177 O  O   . HOH F 3 .   ? -0.024  -18.450 19.542  1.00 21.02 ? 160 HOH A O   1 
HETATM 1178 O  O   . HOH F 3 .   ? -1.263  -16.387 5.622   1.00 28.11 ? 161 HOH A O   1 
HETATM 1179 O  O   . HOH F 3 .   ? 6.217   22.694  -13.112 1.00 14.03 ? 162 HOH A O   1 
HETATM 1180 O  O   . HOH F 3 .   ? 18.412  15.813  -6.228  1.00 21.22 ? 163 HOH A O   1 
HETATM 1181 O  O   . HOH F 3 .   ? 11.666  7.220   -21.694 1.00 29.92 ? 164 HOH A O   1 
HETATM 1182 O  O   . HOH F 3 .   ? -7.992  -18.911 9.293   1.00 38.82 ? 165 HOH A O   1 
HETATM 1183 O  O   . HOH F 3 .   ? 11.777  9.966   -19.882 1.00 17.28 ? 166 HOH A O   1 
HETATM 1184 O  O   . HOH F 3 .   ? 16.472  4.448   -19.423 1.00 46.77 ? 167 HOH A O   1 
HETATM 1185 O  O   . HOH F 3 .   ? 4.201   21.496  -14.606 1.00 28.55 ? 168 HOH A O   1 
HETATM 1186 O  O   . HOH F 3 .   ? 22.161  7.094   -2.222  1.00 13.41 ? 169 HOH A O   1 
HETATM 1187 O  O   . HOH F 3 .   ? -8.012  -15.154 25.421  1.00 24.70 ? 170 HOH A O   1 
HETATM 1188 O  O   . HOH F 3 .   ? 0.619   -4.280  16.009  1.00 20.98 ? 171 HOH A O   1 
HETATM 1189 O  O   . HOH F 3 .   ? -0.443  -13.492 23.768  1.00 27.48 ? 172 HOH A O   1 
HETATM 1190 O  O   . HOH F 3 .   ? 9.245   22.141  -9.755  1.00 22.08 ? 173 HOH A O   1 
HETATM 1191 O  O   . HOH F 3 .   ? 4.210   -8.649  12.033  1.00 24.18 ? 174 HOH A O   1 
HETATM 1192 O  O   . HOH F 3 .   ? 20.359  4.559   -4.037  1.00 23.52 ? 175 HOH A O   1 
HETATM 1193 O  O   . HOH F 3 .   ? -6.595  -19.633 22.414  1.00 26.27 ? 176 HOH A O   1 
HETATM 1194 O  O   . HOH F 3 .   ? -6.803  -27.599 16.236  1.00 19.20 ? 177 HOH A O   1 
HETATM 1195 O  O   . HOH F 3 .   ? -18.871 -13.431 23.457  1.00 32.46 ? 178 HOH A O   1 
HETATM 1196 O  O   . HOH F 3 .   ? -7.439  -9.607  28.056  1.00 51.23 ? 179 HOH A O   1 
HETATM 1197 O  O   . HOH F 3 .   ? -9.557  -1.596  9.794   1.00 39.41 ? 180 HOH A O   1 
HETATM 1198 O  O   . HOH F 3 .   ? 4.807   -15.609 12.396  1.00 13.19 ? 181 HOH A O   1 
HETATM 1199 O  O   . HOH F 3 .   ? -13.595 22.410  -5.301  1.00 39.66 ? 182 HOH A O   1 
HETATM 1200 O  O   . HOH F 3 .   ? 9.143   15.932  -23.151 1.00 9.61  ? 183 HOH A O   1 
HETATM 1201 O  O   . HOH F 3 .   ? -0.433  -21.578 18.194  1.00 33.77 ? 184 HOH A O   1 
HETATM 1202 O  O   . HOH F 3 .   ? 11.862  15.105  -23.147 1.00 14.57 ? 185 HOH A O   1 
HETATM 1203 O  O   . HOH F 3 .   ? -10.392 -1.713  12.790  1.00 44.87 ? 186 HOH A O   1 
HETATM 1204 O  O   . HOH F 3 .   ? 1.319   21.017  -12.831 1.00 31.58 ? 187 HOH A O   1 
HETATM 1205 O  O   . HOH F 3 .   ? 20.625  1.763   -18.634 1.00 41.76 ? 188 HOH A O   1 
HETATM 1206 O  O   . HOH F 3 .   ? 1.931   -11.594 21.555  1.00 27.40 ? 189 HOH A O   1 
HETATM 1207 O  O   . HOH F 3 .   ? -13.349 -27.695 20.554  1.00 15.54 ? 190 HOH A O   1 
HETATM 1208 O  O   . HOH F 3 .   ? -14.476 19.302  -10.802 1.00 50.23 ? 191 HOH A O   1 
HETATM 1209 O  O   . HOH F 3 .   ? -14.138 23.872  1.593   1.00 36.39 ? 192 HOH A O   1 
HETATM 1210 O  O   . HOH F 3 .   ? 0.440   19.596  -17.366 1.00 16.85 ? 193 HOH A O   1 
HETATM 1211 O  O   . HOH F 3 .   ? 0.739   17.394  -18.669 1.00 7.28  ? 194 HOH A O   1 
HETATM 1212 O  O   . HOH F 3 .   ? 13.864  23.387  -9.174  1.00 28.44 ? 195 HOH A O   1 
HETATM 1213 O  O   . HOH F 3 .   ? 3.220   12.453  -5.203  1.00 39.39 ? 196 HOH A O   1 
HETATM 1214 O  O   . HOH F 3 .   ? 0.922   14.515  1.564   1.00 47.50 ? 197 HOH A O   1 
HETATM 1215 O  O   . HOH F 3 .   ? 2.983   21.502  -21.850 1.00 36.09 ? 198 HOH A O   1 
HETATM 1216 O  O   . HOH F 3 .   ? 7.481   14.007  -24.139 1.00 9.12  ? 199 HOH A O   1 
HETATM 1217 O  O   . HOH F 3 .   ? 13.817  19.200  -16.054 1.00 27.02 ? 200 HOH A O   1 
HETATM 1218 O  O   . HOH F 3 .   ? 4.150   12.699  -21.986 1.00 17.12 ? 201 HOH A O   1 
HETATM 1219 O  O   . HOH F 3 .   ? 8.542   11.873  -25.471 1.00 33.99 ? 202 HOH A O   1 
HETATM 1220 O  O   . HOH F 3 .   ? -13.023 -18.218 24.544  1.00 30.72 ? 203 HOH A O   1 
HETATM 1221 O  O   . HOH F 3 .   ? 8.749   25.928  -14.949 1.00 32.40 ? 204 HOH A O   1 
HETATM 1222 O  O   . HOH F 3 .   ? 13.514  24.784  -13.667 1.00 47.71 ? 205 HOH A O   1 
HETATM 1223 O  O   . HOH F 3 .   ? 20.650  8.725   -9.199  1.00 27.62 ? 206 HOH A O   1 
HETATM 1224 O  O   . HOH F 3 .   ? 22.898  4.832   -3.868  1.00 15.69 ? 207 HOH A O   1 
HETATM 1225 O  O   . HOH F 3 .   ? 11.737  17.368  -3.945  1.00 42.79 ? 208 HOH A O   1 
HETATM 1226 O  O   . HOH F 3 .   ? 13.588  17.699  -5.839  1.00 20.87 ? 209 HOH A O   1 
HETATM 1227 O  O   . HOH F 3 .   ? 15.402  12.416  -19.799 1.00 39.14 ? 210 HOH A O   1 
HETATM 1228 O  O   . HOH F 3 .   ? 17.395  -2.334  -18.621 1.00 46.48 ? 211 HOH A O   1 
HETATM 1229 O  O   . HOH F 3 .   ? 7.989   -0.391  -11.867 1.00 55.10 ? 212 HOH A O   1 
HETATM 1230 O  O   . HOH F 3 .   ? 21.419  2.229   -16.148 1.00 42.61 ? 213 HOH A O   1 
HETATM 1231 O  O   . HOH F 3 .   ? 9.610   5.905   -26.277 1.00 59.44 ? 214 HOH A O   1 
HETATM 1232 O  O   . HOH F 3 .   ? 6.611   2.307   -26.907 1.00 31.71 ? 215 HOH A O   1 
HETATM 1233 O  O   . HOH F 3 .   ? 6.837   8.019   -29.065 1.00 54.78 ? 216 HOH A O   1 
HETATM 1234 O  O   . HOH F 3 .   ? -6.442  10.833  -15.909 1.00 36.11 ? 217 HOH A O   1 
HETATM 1235 O  O   . HOH F 3 .   ? -6.434  5.043   -11.910 1.00 38.57 ? 218 HOH A O   1 
HETATM 1236 O  O   . HOH F 3 .   ? -8.486  1.532   -14.402 1.00 52.66 ? 219 HOH A O   1 
HETATM 1237 O  O   . HOH F 3 .   ? -1.296  -17.913 23.203  1.00 35.89 ? 220 HOH A O   1 
HETATM 1238 O  O   . HOH F 3 .   ? -13.423 -16.884 20.787  1.00 20.68 ? 221 HOH A O   1 
HETATM 1239 O  O   . HOH F 3 .   ? -5.180  -28.473 18.215  1.00 34.20 ? 222 HOH A O   1 
HETATM 1240 O  O   . HOH F 3 .   ? 0.443   -24.251 10.319  1.00 32.76 ? 223 HOH A O   1 
HETATM 1241 O  O   . HOH F 3 .   ? 5.008   -9.456  8.249   1.00 29.67 ? 224 HOH A O   1 
HETATM 1242 O  O   . HOH F 3 .   ? -2.665  -9.908  -1.114  1.00 46.40 ? 225 HOH A O   1 
HETATM 1243 O  O   . HOH F 3 .   ? -14.464 23.994  -13.389 1.00 56.57 ? 226 HOH A O   1 
HETATM 1244 O  O   . HOH F 3 .   ? -17.114 6.557   -9.423  1.00 41.81 ? 227 HOH A O   1 
HETATM 1245 O  O   . HOH F 3 .   ? 0.836   24.030  -10.136 1.00 41.29 ? 228 HOH A O   1 
HETATM 1246 O  O   . HOH F 3 .   ? 13.696  17.155  -18.688 1.00 35.47 ? 229 HOH A O   1 
HETATM 1247 O  O   . HOH F 3 .   ? 4.824   25.516  -14.166 1.00 42.15 ? 230 HOH A O   1 
HETATM 1248 O  O   . HOH F 3 .   ? 16.074  17.247  -13.488 1.00 40.64 ? 231 HOH A O   1 
HETATM 1249 O  O   . HOH F 3 .   ? 12.118  23.751  -11.081 1.00 48.71 ? 232 HOH A O   1 
HETATM 1250 O  O   . HOH F 3 .   ? 19.602  15.579  -14.297 1.00 52.87 ? 233 HOH A O   1 
HETATM 1251 O  O   . HOH F 3 .   ? 5.852   10.149  -11.298 1.00 56.63 ? 234 HOH A O   1 
HETATM 1252 O  O   . HOH F 3 .   ? 16.012  19.719  -12.289 1.00 37.52 ? 235 HOH A O   1 
HETATM 1253 O  O   . HOH F 3 .   ? 0.298   2.595   -11.297 1.00 39.44 ? 236 HOH A O   1 
HETATM 1254 O  O   . HOH F 3 .   ? -7.626  4.158   -9.601  1.00 51.09 ? 237 HOH A O   1 
HETATM 1255 O  O   . HOH F 3 .   ? -9.787  5.462   -8.515  1.00 47.14 ? 238 HOH A O   1 
HETATM 1256 O  O   . HOH F 3 .   ? -18.100 10.057  -3.220  1.00 51.06 ? 239 HOH A O   1 
HETATM 1257 O  O   . HOH F 3 .   ? -13.227 21.273  0.423   1.00 25.42 ? 240 HOH A O   1 
HETATM 1258 O  O   . HOH F 3 .   ? -14.181 11.523  -15.753 1.00 37.68 ? 241 HOH A O   1 
HETATM 1259 O  O   . HOH F 3 .   ? -15.156 18.097  -13.566 1.00 47.59 ? 242 HOH A O   1 
HETATM 1260 O  O   . HOH F 3 .   ? -17.128 15.719  -15.166 1.00 48.88 ? 243 HOH A O   1 
HETATM 1261 O  O   . HOH F 3 .   ? 15.614  19.613  -6.662  1.00 53.12 ? 244 HOH A O   1 
HETATM 1262 O  O   . HOH F 3 .   ? 20.981  12.225  0.163   1.00 39.86 ? 245 HOH A O   1 
HETATM 1263 O  O   . HOH F 3 .   ? 17.883  1.468   -2.011  1.00 29.20 ? 246 HOH A O   1 
HETATM 1264 O  O   . HOH F 3 .   ? 15.649  2.790   -2.158  1.00 48.56 ? 247 HOH A O   1 
HETATM 1265 O  O   . HOH F 3 .   ? 23.525  2.397   -8.066  1.00 27.99 ? 248 HOH A O   1 
HETATM 1266 O  O   . HOH F 3 .   ? 22.611  8.721   -11.442 1.00 39.44 ? 249 HOH A O   1 
HETATM 1267 O  O   . HOH F 3 .   ? 20.022  -0.849  -11.752 1.00 35.11 ? 250 HOH A O   1 
HETATM 1268 O  O   . HOH F 3 .   ? 13.737  7.970   -20.614 1.00 33.97 ? 251 HOH A O   1 
HETATM 1269 O  O   . HOH F 3 .   ? 10.927  5.318   -24.040 1.00 40.47 ? 252 HOH A O   1 
HETATM 1270 O  O   . HOH F 3 .   ? -2.917  5.374   -16.977 1.00 55.52 ? 253 HOH A O   1 
HETATM 1271 O  O   . HOH F 3 .   ? -1.723  9.604   -25.334 1.00 27.42 ? 254 HOH A O   1 
HETATM 1272 O  O   . HOH F 3 .   ? -7.359  10.051  -10.915 1.00 43.21 ? 255 HOH A O   1 
HETATM 1273 O  O   . HOH F 3 .   ? -7.691  9.779   -6.089  1.00 47.13 ? 256 HOH A O   1 
HETATM 1274 O  O   . HOH F 3 .   ? -9.742  9.663   -1.363  1.00 47.96 ? 257 HOH A O   1 
HETATM 1275 O  O   . HOH F 3 .   ? -5.785  -2.251  -4.969  1.00 38.34 ? 258 HOH A O   1 
HETATM 1276 O  O   . HOH F 3 .   ? -0.097  -2.248  -6.966  1.00 46.35 ? 259 HOH A O   1 
HETATM 1277 O  O   . HOH F 3 .   ? -11.093 -1.112  -4.354  1.00 43.34 ? 260 HOH A O   1 
HETATM 1278 O  O   . HOH F 3 .   ? -8.567  -3.978  2.851   1.00 53.25 ? 261 HOH A O   1 
HETATM 1279 O  O   . HOH F 3 .   ? -13.252 7.772   -0.638  1.00 45.81 ? 262 HOH A O   1 
HETATM 1280 O  O   . HOH F 3 .   ? -15.823 8.240   0.587   1.00 44.26 ? 263 HOH A O   1 
HETATM 1281 O  O   . HOH F 3 .   ? -11.063 4.964   -0.892  1.00 40.65 ? 264 HOH A O   1 
HETATM 1282 O  O   . HOH F 3 .   ? -2.728  -5.060  0.754   1.00 58.34 ? 265 HOH A O   1 
HETATM 1283 O  O   . HOH F 3 .   ? -8.238  -5.816  7.877   1.00 56.23 ? 266 HOH A O   1 
HETATM 1284 O  O   . HOH F 3 .   ? -9.826  6.936   3.824   1.00 47.67 ? 267 HOH A O   1 
HETATM 1285 O  O   . HOH F 3 .   ? -12.450 -2.060  0.631   1.00 43.47 ? 268 HOH A O   1 
HETATM 1286 O  O   . HOH F 3 .   ? -15.820 2.822   6.455   1.00 51.64 ? 269 HOH A O   1 
HETATM 1287 O  O   . HOH F 3 .   ? -1.036  -3.304  17.993  1.00 29.42 ? 270 HOH A O   1 
HETATM 1288 O  O   . HOH F 3 .   ? -2.617  6.649   11.157  1.00 58.74 ? 271 HOH A O   1 
HETATM 1289 O  O   . HOH F 3 .   ? 0.277   5.526   5.028   1.00 56.77 ? 272 HOH A O   1 
HETATM 1290 O  O   . HOH F 3 .   ? -4.449  10.647  1.397   1.00 59.87 ? 273 HOH A O   1 
HETATM 1291 O  O   . HOH F 3 .   ? -4.931  -11.426 25.041  1.00 36.88 ? 274 HOH A O   1 
HETATM 1292 O  O   . HOH F 3 .   ? 4.789   -5.753  12.777  1.00 42.60 ? 275 HOH A O   1 
HETATM 1293 O  O   . HOH F 3 .   ? 3.515   -13.924 21.313  1.00 55.80 ? 276 HOH A O   1 
HETATM 1294 O  O   . HOH F 3 .   ? -8.821  -14.268 11.189  1.00 55.97 ? 277 HOH A O   1 
HETATM 1295 O  O   . HOH F 3 .   ? -6.065  -15.169 9.783   1.00 34.55 ? 278 HOH A O   1 
HETATM 1296 O  O   . HOH F 3 .   ? 2.511   -16.724 22.296  1.00 47.51 ? 279 HOH A O   1 
HETATM 1297 O  O   . HOH F 3 .   ? -1.879  -10.202 24.587  1.00 37.37 ? 280 HOH A O   1 
HETATM 1298 O  O   . HOH F 3 .   ? -1.223  -21.704 22.761  1.00 48.30 ? 281 HOH A O   1 
HETATM 1299 O  O   . HOH F 3 .   ? -5.401  -21.854 21.142  1.00 34.23 ? 282 HOH A O   1 
HETATM 1300 O  O   . HOH F 3 .   ? -16.529 -10.944 25.888  1.00 50.91 ? 283 HOH A O   1 
HETATM 1301 O  O   . HOH F 3 .   ? -19.147 -9.597  25.507  1.00 47.39 ? 284 HOH A O   1 
HETATM 1302 O  O   . HOH F 3 .   ? -19.053 -13.453 26.070  1.00 45.86 ? 285 HOH A O   1 
HETATM 1303 O  O   . HOH F 3 .   ? -15.948 -18.547 26.804  1.00 57.06 ? 286 HOH A O   1 
HETATM 1304 O  O   . HOH F 3 .   ? -18.266 -9.802  13.514  1.00 43.41 ? 287 HOH A O   1 
HETATM 1305 O  O   . HOH F 3 .   ? -20.340 -13.041 15.133  1.00 48.37 ? 288 HOH A O   1 
HETATM 1306 O  O   . HOH F 3 .   ? -14.547 -27.921 18.113  1.00 41.51 ? 289 HOH A O   1 
HETATM 1307 O  O   . HOH F 3 .   ? -11.557 -23.405 13.630  1.00 37.96 ? 290 HOH A O   1 
HETATM 1308 O  O   . HOH F 3 .   ? -15.860 -29.140 12.014  1.00 36.14 ? 291 HOH A O   1 
HETATM 1309 O  O   . HOH F 3 .   ? -12.076 -26.892 14.478  1.00 48.16 ? 292 HOH A O   1 
HETATM 1310 O  O   . HOH F 3 .   ? -18.549 -22.053 24.040  1.00 24.29 ? 293 HOH A O   1 
HETATM 1311 O  O   . HOH F 3 .   ? -4.144  -22.719 23.218  1.00 41.64 ? 294 HOH A O   1 
HETATM 1312 O  O   . HOH F 3 .   ? 17.913  -2.233  -12.368 1.00 28.50 ? 295 HOH A O   1 
HETATM 1313 O  O   . HOH F 3 .   ? -16.516 -17.563 29.525  1.00 43.48 ? 296 HOH A O   1 
HETATM 1314 O  O   . HOH F 3 .   ? -21.308 -13.343 27.513  1.00 34.20 ? 297 HOH A O   1 
HETATM 1315 O  O   . HOH F 3 .   ? -11.576 -15.411 25.178  1.00 49.38 ? 298 HOH A O   1 
HETATM 1316 O  O   . HOH F 3 .   ? -8.907  -5.688  21.462  1.00 58.20 ? 299 HOH A O   1 
HETATM 1317 O  O   . HOH F 3 .   ? -1.236  -22.943 15.998  1.00 47.58 ? 300 HOH A O   1 
HETATM 1318 O  O   . HOH F 3 .   ? -12.094 -27.966 16.945  1.00 40.31 ? 301 HOH A O   1 
HETATM 1319 O  O   . HOH F 3 .   ? 1.718   -22.453 19.538  1.00 46.91 ? 302 HOH A O   1 
HETATM 1320 O  O   . HOH F 3 .   ? -2.028  -22.099 20.248  1.00 48.98 ? 303 HOH A O   1 
HETATM 1321 O  O   . HOH F 3 .   ? 0.759   -23.406 12.864  1.00 41.01 ? 304 HOH A O   1 
HETATM 1322 O  O   . HOH F 3 .   ? -10.655 -16.252 5.514   1.00 52.31 ? 305 HOH A O   1 
HETATM 1323 O  O   . HOH F 3 .   ? -1.071  -26.098 16.175  1.00 52.57 ? 306 HOH A O   1 
HETATM 1324 O  O   . HOH F 3 .   ? -13.460 -21.351 7.196   1.00 43.90 ? 307 HOH A O   1 
HETATM 1325 O  O   . HOH F 3 .   ? -12.440 -28.183 10.562  1.00 43.24 ? 308 HOH A O   1 
HETATM 1326 O  O   . HOH F 3 .   ? 8.496   -14.266 14.134  1.00 55.41 ? 309 HOH A O   1 
HETATM 1327 O  O   . HOH F 3 .   ? 11.092  -16.785 11.839  1.00 51.19 ? 310 HOH A O   1 
HETATM 1328 O  O   . HOH F 3 .   ? 9.437   -19.777 13.619  1.00 53.88 ? 311 HOH A O   1 
HETATM 1329 O  O   . HOH F 3 .   ? 7.965   -21.696 6.366   1.00 34.53 ? 312 HOH A O   1 
HETATM 1330 O  O   . HOH F 3 .   ? 2.837   -24.173 16.550  1.00 58.30 ? 313 HOH A O   1 
HETATM 1331 O  O   . HOH F 3 .   ? 8.946   -8.197  6.258   1.00 44.06 ? 314 HOH A O   1 
HETATM 1332 O  O   . HOH F 3 .   ? -10.964 -5.976  5.599   1.00 47.92 ? 315 HOH A O   1 
HETATM 1333 O  O   . HOH F 3 .   ? -12.794 -8.728  9.977   1.00 55.93 ? 316 HOH A O   1 
HETATM 1334 O  O   . HOH F 3 .   ? -13.093 -9.832  -0.760  1.00 55.57 ? 317 HOH A O   1 
HETATM 1335 O  O   . HOH F 3 .   ? -5.988  -6.358  -2.383  1.00 57.95 ? 318 HOH A O   1 
HETATM 1336 O  O   . HOH F 3 .   ? -12.038 -24.131 2.281   1.00 56.80 ? 319 HOH A O   1 
HETATM 1337 O  O   . HOH F 3 .   ? -4.314  -14.269 -0.696  1.00 47.85 ? 320 HOH A O   1 
HETATM 1338 O  O   . HOH F 3 .   ? -3.626  -16.683 0.364   1.00 39.65 ? 321 HOH A O   1 
HETATM 1339 O  O   . HOH F 3 .   ? -5.656  0.017   -7.118  1.00 47.78 ? 322 HOH A O   1 
HETATM 1340 O  O   . HOH F 3 .   ? 14.744  23.794  -11.611 1.00 59.49 ? 323 HOH A O   1 
HETATM 1341 O  O   . HOH F 3 .   ? 23.863  11.781  -12.491 1.00 57.26 ? 324 HOH A O   1 
# 
